data_6T3J
#
_entry.id   6T3J
#
_cell.length_a   121.604
_cell.length_b   90.926
_cell.length_c   138.379
_cell.angle_alpha   90.000
_cell.angle_beta   103.790
_cell.angle_gamma   90.000
#
_symmetry.space_group_name_H-M   'P 1 21 1'
#
loop_
_entity.id
_entity.type
_entity.pdbx_description
1 polymer 'IgG1-hDR5-01-Heavy Chain'
2 polymer 'IgG1-hDR5-01-Light Chain'
3 polymer 'IgG1-hDR5-05-Heavy Chain'
4 polymer 'IgG1-hDR5-05-Light Chain'
5 polymer 'Tumor necrosis factor receptor superfamily member 10B'
#
loop_
_entity_poly.entity_id
_entity_poly.type
_entity_poly.pdbx_seq_one_letter_code
_entity_poly.pdbx_strand_id
1 'polypeptide(L)'
;EVQLQQSGAEVVKPGASVKLSCKASGFNIKDTFIHWVKQAPGQGLEWIGRIDPANTNTKYDPKFQGKATITTDTSSNTAY
MELSSLRSEDTAVYYCVRGLYTYYFDYWGQGTLVTVSSASTKGPSVFPLAPSSKSTSGGTAALGCLVKDYFPEPVTVSWN
SGALTSGVHTFPAVLQSSGLYSLSSVVTVPSSSLGTQTYICNVNHKPSNTKVDKRVEPKSCDKTHTHHHHHH
;
A,F
2 'polypeptide(L)'
;EIVMTQSPATLSVSPGERATLSCRASQSISNNLHWYQQKPGQAPRLLIKFASQSITGIPARFSGSGSGTEFTLTISSLQS
EDFAVYYCQQGNSWPYTFGQGTKLEIKRTVAAPSVFIFPPSDEQLKSGTASVVCLLNNFYPREAKVQWKVDNALQSGNSQ
ESVTEQDSKDSTYSLSSTLTLSKADYEKHKVYACEVTHQGLSSPVTKSFNRGEC
;
B,G
3 'polypeptide(L)'
;QVQLVQSGAEVKKPGASVKVSCKASGFNIKDTHMHWVRQAPGQRLEWIGRIDPANGNTEYDQKFQGRVTITVDTSASTAY
MELSSLRSEDTAVYYCARWGTNVYFAYWGQGTLVTVSSASTKGPSVFPLAPSSKSTSGGTAALGCLVKDYFPEPVTVSWN
SGALTSGVHTFPAVLQSSGLYSLSSVVTVPSSSLGTQTYICNVNHKPSNTKVDKRVEPKSCDKTHTHHHHHH
;
C,H
4 'polypeptide(L)'
;DIQLTQSPSSLSASVGDRVTITCSASSSVSYMYWYQQKPGKAPKPWIYRTSNLA(SEP)GVPSRFSGSGSGTDFTLTISS
LQPEDFATYYCQQYHSYPPTFGGGTKVEIKRTVAAPSVFIFPPSDEQLKSGTASVVCLLNNFYPREAKVQWKVDNALQSG
NSQESVTEQDSKDSTYSLSSTLTLSKADYEKHKVYACEVTHQGLSSPVTKSFNRGEC
;
D,I
5 'polypeptide(L)'
;QQDLAPQQRAAPQQKRSSPSEGLCPPGHHISEDGRDCISCKYGQDYSTHWNDLLFCLRCTRCDSGEVELSPCTTTRNTVC
QCEEGTFREEDSPEMCRKCRTGCPRGMVKVGDCTPWSDIECVHKESGEPEA
;
E,J
#
# COMPACT_ATOMS: atom_id res chain seq x y z
N GLU A 1 28.28 6.88 -0.51
CA GLU A 1 28.17 5.41 -0.70
C GLU A 1 29.46 4.66 -0.38
N VAL A 2 29.29 3.44 0.11
CA VAL A 2 30.41 2.62 0.57
C VAL A 2 31.19 2.08 -0.64
N GLN A 3 32.52 2.21 -0.60
CA GLN A 3 33.43 1.76 -1.67
C GLN A 3 34.77 1.24 -1.09
N LEU A 4 35.45 0.42 -1.87
CA LEU A 4 36.75 -0.16 -1.49
C LEU A 4 37.63 -0.29 -2.72
N GLN A 5 38.36 0.79 -2.98
CA GLN A 5 39.27 0.84 -4.11
C GLN A 5 40.53 0.10 -3.72
N GLN A 6 40.92 -0.88 -4.54
CA GLN A 6 42.17 -1.60 -4.35
C GLN A 6 43.23 -1.13 -5.32
N SER A 7 44.48 -1.45 -5.01
CA SER A 7 45.63 -1.06 -5.81
C SER A 7 45.62 -1.73 -7.18
N GLY A 8 46.48 -1.24 -8.06
CA GLY A 8 46.62 -1.78 -9.41
C GLY A 8 47.24 -3.15 -9.42
N ALA A 9 47.11 -3.83 -10.55
CA ALA A 9 47.65 -5.18 -10.72
C ALA A 9 49.17 -5.15 -10.65
N GLU A 10 49.73 -6.03 -9.82
CA GLU A 10 51.17 -6.08 -9.57
C GLU A 10 51.77 -7.29 -10.28
N VAL A 11 52.92 -7.08 -10.91
CA VAL A 11 53.67 -8.15 -11.57
C VAL A 11 55.04 -8.20 -10.92
N VAL A 12 55.33 -9.35 -10.30
CA VAL A 12 56.46 -9.48 -9.38
C VAL A 12 57.22 -10.77 -9.67
N LYS A 13 58.53 -10.76 -9.42
CA LYS A 13 59.37 -11.94 -9.60
C LYS A 13 59.45 -12.74 -8.30
N PRO A 14 59.80 -14.05 -8.38
CA PRO A 14 59.84 -14.88 -7.15
C PRO A 14 60.89 -14.40 -6.12
N GLY A 15 60.52 -14.45 -4.85
CA GLY A 15 61.36 -13.93 -3.74
C GLY A 15 60.99 -12.51 -3.35
N ALA A 16 60.73 -11.67 -4.35
CA ALA A 16 60.32 -10.27 -4.14
C ALA A 16 58.99 -10.18 -3.44
N SER A 17 58.85 -9.17 -2.58
CA SER A 17 57.61 -8.91 -1.83
C SER A 17 56.74 -7.84 -2.51
N VAL A 18 55.53 -7.65 -1.98
CA VAL A 18 54.54 -6.68 -2.51
C VAL A 18 53.64 -6.17 -1.40
N LYS A 19 53.38 -4.86 -1.40
CA LYS A 19 52.40 -4.26 -0.48
C LYS A 19 51.16 -3.86 -1.26
N LEU A 20 50.03 -4.46 -0.91
CA LEU A 20 48.74 -4.21 -1.56
C LEU A 20 47.96 -3.24 -0.70
N SER A 21 47.51 -2.15 -1.30
CA SER A 21 46.65 -1.19 -0.61
C SER A 21 45.18 -1.48 -0.91
N CYS A 22 44.33 -0.95 -0.03
CA CYS A 22 42.88 -1.05 -0.15
C CYS A 22 42.26 0.18 0.51
N LYS A 23 41.89 1.16 -0.32
CA LYS A 23 41.46 2.47 0.16
C LYS A 23 39.98 2.48 0.35
N ALA A 24 39.56 2.82 1.58
CA ALA A 24 38.16 2.75 1.96
C ALA A 24 37.53 4.12 1.93
N SER A 25 36.27 4.17 1.49
CA SER A 25 35.53 5.43 1.36
C SER A 25 34.04 5.21 1.64
N GLY A 26 33.34 6.28 2.02
CA GLY A 26 31.94 6.20 2.45
C GLY A 26 31.70 5.66 3.86
N PHE A 27 32.76 5.49 4.64
CA PHE A 27 32.65 5.05 6.04
C PHE A 27 34.02 5.14 6.74
N ASN A 28 34.01 5.10 8.07
CA ASN A 28 35.26 5.05 8.83
C ASN A 28 35.76 3.62 8.95
N ILE A 29 36.98 3.38 8.50
CA ILE A 29 37.64 2.07 8.63
C ILE A 29 37.49 1.46 10.04
N LYS A 30 37.73 2.27 11.06
CA LYS A 30 37.66 1.83 12.46
C LYS A 30 36.31 1.20 12.92
N ASP A 31 35.22 1.50 12.20
CA ASP A 31 33.85 0.96 12.45
C ASP A 31 33.61 -0.43 11.89
N THR A 32 34.59 -1.03 11.19
CA THR A 32 34.44 -2.31 10.50
C THR A 32 35.68 -3.15 10.64
N PHE A 33 35.54 -4.44 10.94
CA PHE A 33 36.64 -5.40 10.71
C PHE A 33 37.01 -5.38 9.24
N ILE A 34 38.31 -5.52 8.96
CA ILE A 34 38.77 -5.70 7.61
C ILE A 34 39.55 -7.01 7.47
N HIS A 35 39.20 -7.80 6.44
CA HIS A 35 39.88 -9.08 6.16
C HIS A 35 40.41 -9.06 4.73
N TRP A 36 41.47 -9.82 4.49
CA TRP A 36 41.94 -10.10 3.14
C TRP A 36 41.69 -11.56 2.76
N VAL A 37 41.43 -11.78 1.46
CA VAL A 37 41.07 -13.11 0.92
C VAL A 37 41.80 -13.41 -0.39
N LYS A 38 42.36 -14.62 -0.48
CA LYS A 38 43.09 -15.10 -1.67
C LYS A 38 42.14 -15.86 -2.55
N GLN A 39 42.28 -15.68 -3.86
CA GLN A 39 41.61 -16.51 -4.86
C GLN A 39 42.57 -16.85 -5.99
N ALA A 40 43.03 -18.11 -6.02
CA ALA A 40 43.90 -18.59 -7.10
C ALA A 40 43.12 -18.58 -8.42
N PRO A 41 43.83 -18.55 -9.57
CA PRO A 41 43.14 -18.50 -10.88
C PRO A 41 42.08 -19.59 -11.04
N GLY A 42 40.82 -19.15 -11.17
CA GLY A 42 39.68 -20.05 -11.34
C GLY A 42 39.64 -21.13 -10.29
N GLN A 43 39.58 -20.72 -9.02
CA GLN A 43 39.74 -21.65 -7.90
C GLN A 43 39.01 -21.18 -6.64
N GLY A 44 39.20 -21.91 -5.55
CA GLY A 44 38.59 -21.60 -4.26
C GLY A 44 39.00 -20.29 -3.64
N LEU A 45 38.15 -19.79 -2.75
CA LEU A 45 38.46 -18.64 -1.92
C LEU A 45 39.14 -19.13 -0.65
N GLU A 46 40.23 -18.47 -0.29
CA GLU A 46 40.97 -18.75 0.93
C GLU A 46 41.04 -17.48 1.76
N TRP A 47 40.51 -17.54 2.98
CA TRP A 47 40.66 -16.46 3.96
C TRP A 47 42.11 -16.41 4.44
N ILE A 48 42.71 -15.22 4.35
CA ILE A 48 44.11 -15.03 4.75
C ILE A 48 44.20 -14.60 6.20
N GLY A 49 43.50 -13.51 6.51
CA GLY A 49 43.57 -12.89 7.83
C GLY A 49 42.63 -11.71 8.01
N ARG A 50 42.56 -11.23 9.25
CA ARG A 50 41.64 -10.16 9.69
C ARG A 50 42.34 -9.18 10.60
N ILE A 51 42.02 -7.88 10.47
CA ILE A 51 42.57 -6.85 11.38
C ILE A 51 41.50 -5.85 11.88
N ASP A 52 41.55 -5.58 13.18
CA ASP A 52 40.67 -4.61 13.84
C ASP A 52 41.38 -3.28 13.82
N PRO A 53 40.99 -2.37 12.90
CA PRO A 53 41.83 -1.18 12.65
C PRO A 53 41.92 -0.17 13.81
N ALA A 54 40.92 -0.19 14.69
CA ALA A 54 40.98 0.52 15.97
C ALA A 54 42.15 0.04 16.81
N ASN A 55 42.20 -1.26 17.03
CA ASN A 55 43.25 -1.92 17.82
C ASN A 55 44.60 -1.98 17.14
N THR A 56 44.60 -2.16 15.82
CA THR A 56 45.77 -2.66 15.06
C THR A 56 45.98 -4.15 15.25
N ASN A 57 44.93 -4.86 15.70
CA ASN A 57 45.03 -6.25 16.11
C ASN A 57 44.74 -7.21 14.97
N THR A 58 45.75 -8.01 14.62
CA THR A 58 45.67 -9.00 13.55
C THR A 58 45.30 -10.40 14.04
N LYS A 59 44.57 -11.13 13.19
CA LYS A 59 44.38 -12.60 13.29
C LYS A 59 44.61 -13.18 11.91
N TYR A 60 45.39 -14.25 11.81
CA TYR A 60 45.65 -14.90 10.52
C TYR A 60 45.32 -16.37 10.52
N ASP A 61 45.14 -16.90 9.31
CA ASP A 61 45.16 -18.33 9.10
C ASP A 61 46.63 -18.79 9.15
N PRO A 62 46.92 -19.81 10.00
CA PRO A 62 48.29 -20.33 10.14
C PRO A 62 49.04 -20.62 8.84
N LYS A 63 48.33 -21.03 7.79
CA LYS A 63 48.95 -21.27 6.47
C LYS A 63 49.81 -20.12 6.02
N PHE A 64 49.28 -18.91 6.18
CA PHE A 64 49.93 -17.72 5.65
C PHE A 64 50.78 -16.96 6.66
N GLN A 65 50.70 -17.33 7.93
CA GLN A 65 51.54 -16.70 8.95
C GLN A 65 52.99 -16.73 8.52
N GLY A 66 53.63 -15.56 8.58
CA GLY A 66 54.98 -15.38 8.09
C GLY A 66 55.12 -14.97 6.63
N LYS A 67 54.05 -15.11 5.85
CA LYS A 67 54.03 -14.73 4.41
C LYS A 67 53.26 -13.44 4.19
N ALA A 68 52.10 -13.33 4.83
CA ALA A 68 51.23 -12.16 4.72
C ALA A 68 51.14 -11.41 6.03
N THR A 69 51.35 -10.08 5.98
CA THR A 69 51.09 -9.21 7.14
C THR A 69 50.15 -8.07 6.77
N ILE A 70 49.05 -7.96 7.51
CA ILE A 70 48.01 -6.95 7.25
C ILE A 70 48.21 -5.75 8.20
N THR A 71 47.96 -4.55 7.68
CA THR A 71 48.06 -3.29 8.43
C THR A 71 47.02 -2.28 7.98
N THR A 72 46.82 -1.24 8.81
CA THR A 72 46.01 -0.07 8.42
C THR A 72 46.74 1.25 8.62
N ASP A 73 46.30 2.24 7.87
CA ASP A 73 46.68 3.63 8.06
C ASP A 73 45.40 4.43 8.28
N THR A 74 44.92 4.36 9.52
CA THR A 74 43.65 5.00 9.94
C THR A 74 43.53 6.43 9.52
N SER A 75 44.62 7.18 9.64
CA SER A 75 44.68 8.56 9.18
C SER A 75 44.32 8.70 7.68
N SER A 76 44.87 7.83 6.84
CA SER A 76 44.54 7.79 5.40
C SER A 76 43.25 7.01 5.05
N ASN A 77 42.73 6.23 6.00
CA ASN A 77 41.55 5.37 5.83
C ASN A 77 41.77 4.34 4.73
N THR A 78 42.93 3.69 4.80
CA THR A 78 43.29 2.65 3.85
C THR A 78 43.95 1.48 4.58
N ALA A 79 43.53 0.27 4.22
CA ALA A 79 44.12 -0.96 4.75
C ALA A 79 45.14 -1.50 3.76
N TYR A 80 46.13 -2.21 4.30
CA TYR A 80 47.23 -2.77 3.51
C TYR A 80 47.49 -4.22 3.87
N MET A 81 48.02 -4.96 2.90
CA MET A 81 48.53 -6.31 3.11
C MET A 81 49.90 -6.45 2.43
N GLU A 82 50.90 -6.73 3.24
CA GLU A 82 52.27 -6.98 2.77
C GLU A 82 52.44 -8.47 2.56
N LEU A 83 53.05 -8.83 1.44
CA LEU A 83 53.16 -10.24 0.98
C LEU A 83 54.58 -10.50 0.52
N SER A 84 55.27 -11.43 1.18
CA SER A 84 56.72 -11.59 1.02
C SER A 84 57.18 -12.97 0.51
N SER A 85 58.47 -13.04 0.14
CA SER A 85 59.14 -14.26 -0.35
C SER A 85 58.21 -15.05 -1.26
N LEU A 86 57.87 -14.42 -2.38
CA LEU A 86 56.84 -14.91 -3.28
C LEU A 86 57.27 -16.11 -4.11
N ARG A 87 56.27 -16.90 -4.49
CA ARG A 87 56.43 -18.08 -5.34
C ARG A 87 55.39 -18.03 -6.43
N SER A 88 55.59 -18.84 -7.47
CA SER A 88 54.59 -19.01 -8.53
C SER A 88 53.25 -19.53 -7.97
N GLU A 89 53.32 -20.29 -6.88
CA GLU A 89 52.14 -20.71 -6.08
C GLU A 89 51.25 -19.55 -5.58
N ASP A 90 51.85 -18.39 -5.37
CA ASP A 90 51.14 -17.20 -4.90
C ASP A 90 50.50 -16.37 -6.03
N THR A 91 50.59 -16.83 -7.29
CA THR A 91 49.84 -16.24 -8.38
C THR A 91 48.40 -16.28 -7.96
N ALA A 92 47.81 -15.13 -7.68
CA ALA A 92 46.40 -15.09 -7.26
C ALA A 92 45.76 -13.70 -7.35
N VAL A 93 44.43 -13.70 -7.23
CA VAL A 93 43.66 -12.47 -7.04
C VAL A 93 43.45 -12.30 -5.56
N TYR A 94 43.92 -11.17 -5.04
CA TYR A 94 43.82 -10.84 -3.62
C TYR A 94 42.73 -9.80 -3.37
N TYR A 95 41.77 -10.19 -2.54
CA TYR A 95 40.58 -9.41 -2.28
C TYR A 95 40.63 -8.79 -0.91
N CYS A 96 40.16 -7.55 -0.83
CA CYS A 96 40.05 -6.79 0.42
C CYS A 96 38.59 -6.76 0.77
N VAL A 97 38.30 -7.02 2.03
CA VAL A 97 36.93 -7.31 2.46
C VAL A 97 36.61 -6.59 3.76
N ARG A 98 35.33 -6.26 3.94
CA ARG A 98 34.86 -5.40 5.01
C ARG A 98 33.68 -6.05 5.69
N GLY A 99 33.59 -5.89 7.01
CA GLY A 99 32.37 -6.29 7.73
C GLY A 99 32.12 -5.60 9.07
N LEU A 100 30.84 -5.27 9.31
CA LEU A 100 30.41 -4.77 10.60
C LEU A 100 30.42 -5.86 11.63
N TYR A 101 30.41 -7.10 11.17
CA TYR A 101 30.62 -8.27 11.99
C TYR A 101 31.92 -8.99 11.58
N THR A 102 32.54 -9.63 12.56
CA THR A 102 33.70 -10.45 12.23
C THR A 102 33.31 -11.58 11.26
N TYR A 103 32.15 -12.16 11.52
CA TYR A 103 31.75 -13.47 11.00
C TYR A 103 31.59 -13.55 9.50
N TYR A 104 31.15 -12.45 8.90
CA TYR A 104 30.89 -12.42 7.48
C TYR A 104 31.18 -11.06 6.91
N PHE A 105 31.27 -11.06 5.60
CA PHE A 105 31.67 -9.91 4.80
C PHE A 105 30.51 -9.19 4.06
N ASP A 106 30.24 -7.94 4.43
CA ASP A 106 29.12 -7.19 3.83
C ASP A 106 29.53 -6.45 2.55
N TYR A 107 30.80 -6.09 2.39
CA TYR A 107 31.27 -5.55 1.10
C TYR A 107 32.65 -6.13 0.72
N TRP A 108 32.91 -6.15 -0.58
CA TRP A 108 34.15 -6.71 -1.16
C TRP A 108 34.79 -5.71 -2.11
N GLY A 109 36.12 -5.64 -2.07
CA GLY A 109 36.90 -4.86 -3.02
C GLY A 109 36.88 -5.52 -4.38
N GLN A 110 37.27 -4.75 -5.40
CA GLN A 110 37.34 -5.24 -6.78
C GLN A 110 38.39 -6.34 -7.00
N GLY A 111 39.43 -6.34 -6.17
CA GLY A 111 40.49 -7.35 -6.22
C GLY A 111 41.76 -6.85 -6.89
N THR A 112 42.89 -7.46 -6.51
CA THR A 112 44.21 -7.14 -7.11
C THR A 112 44.88 -8.37 -7.72
N LEU A 113 45.11 -8.31 -9.04
CA LEU A 113 45.80 -9.37 -9.78
C LEU A 113 47.28 -9.34 -9.44
N VAL A 114 47.74 -10.33 -8.67
CA VAL A 114 49.16 -10.47 -8.32
C VAL A 114 49.73 -11.68 -9.05
N THR A 115 50.57 -11.42 -10.04
CA THR A 115 51.22 -12.48 -10.80
C THR A 115 52.69 -12.60 -10.40
N VAL A 116 53.13 -13.85 -10.24
CA VAL A 116 54.47 -14.17 -9.78
C VAL A 116 55.15 -15.06 -10.82
N SER A 117 56.11 -14.47 -11.52
CA SER A 117 56.93 -15.20 -12.49
C SER A 117 58.27 -14.50 -12.77
N SER A 118 59.27 -15.32 -13.06
CA SER A 118 60.62 -14.85 -13.39
C SER A 118 60.67 -14.07 -14.73
N ALA A 119 59.74 -14.37 -15.64
CA ALA A 119 59.65 -13.71 -16.96
C ALA A 119 59.41 -12.20 -16.88
N SER A 120 59.98 -11.46 -17.84
CA SER A 120 59.87 -9.99 -17.93
C SER A 120 58.99 -9.52 -19.11
N THR A 121 58.57 -8.26 -19.05
CA THR A 121 57.62 -7.65 -20.03
C THR A 121 57.95 -7.94 -21.50
N LYS A 122 56.91 -8.17 -22.29
CA LYS A 122 57.04 -8.45 -23.74
C LYS A 122 55.76 -8.11 -24.52
N GLY A 123 55.94 -7.35 -25.60
CA GLY A 123 54.88 -7.13 -26.58
C GLY A 123 54.59 -8.39 -27.37
N PRO A 124 53.38 -8.49 -27.95
CA PRO A 124 53.00 -9.68 -28.68
C PRO A 124 53.54 -9.74 -30.09
N SER A 125 53.33 -10.89 -30.73
CA SER A 125 53.54 -11.07 -32.16
C SER A 125 52.20 -11.53 -32.75
N VAL A 126 51.48 -10.61 -33.38
CA VAL A 126 50.16 -10.88 -33.95
C VAL A 126 50.30 -11.61 -35.29
N PHE A 127 49.44 -12.61 -35.51
CA PHE A 127 49.41 -13.39 -36.76
C PHE A 127 47.99 -13.59 -37.25
N PRO A 128 47.79 -13.61 -38.59
CA PRO A 128 46.46 -13.88 -39.13
C PRO A 128 46.08 -15.36 -39.08
N LEU A 129 44.78 -15.62 -39.06
CA LEU A 129 44.22 -16.96 -39.21
C LEU A 129 43.21 -16.94 -40.37
N ALA A 130 43.74 -17.13 -41.57
CA ALA A 130 42.97 -16.97 -42.80
C ALA A 130 42.10 -18.21 -43.07
N PRO A 131 40.94 -18.01 -43.75
CA PRO A 131 40.06 -19.11 -44.06
C PRO A 131 40.56 -19.92 -45.26
N SER A 132 40.36 -21.24 -45.20
CA SER A 132 40.90 -22.11 -46.24
C SER A 132 40.17 -21.84 -47.54
N SER A 133 40.92 -21.60 -48.61
CA SER A 133 40.32 -21.40 -49.94
C SER A 133 39.55 -22.61 -50.48
N LYS A 134 39.93 -23.82 -50.08
CA LYS A 134 39.19 -25.03 -50.51
C LYS A 134 37.84 -25.13 -49.76
N SER A 135 37.85 -24.91 -48.45
CA SER A 135 36.59 -24.88 -47.68
C SER A 135 35.70 -23.69 -47.97
N THR A 136 34.45 -23.98 -48.35
CA THR A 136 33.40 -23.01 -48.60
C THR A 136 32.07 -23.62 -48.16
N SER A 137 31.01 -22.81 -48.14
CA SER A 137 29.68 -23.24 -47.68
C SER A 137 29.69 -23.80 -46.23
N GLY A 138 29.26 -25.04 -45.96
CA GLY A 138 29.27 -25.53 -44.56
C GLY A 138 28.24 -24.84 -43.70
N GLY A 139 28.44 -24.84 -42.38
CA GLY A 139 27.56 -24.12 -41.45
C GLY A 139 27.80 -22.62 -41.56
N THR A 140 29.07 -22.22 -41.64
CA THR A 140 29.42 -20.80 -41.78
C THR A 140 30.88 -20.66 -42.28
N ALA A 141 31.41 -19.43 -42.31
CA ALA A 141 32.82 -19.14 -42.62
C ALA A 141 33.56 -18.43 -41.49
N ALA A 142 34.70 -18.95 -41.05
CA ALA A 142 35.39 -18.45 -39.83
C ALA A 142 36.71 -17.72 -40.10
N LEU A 143 36.95 -16.65 -39.35
CA LEU A 143 38.17 -15.83 -39.44
C LEU A 143 38.69 -15.49 -38.05
N GLY A 144 40.02 -15.43 -37.93
CA GLY A 144 40.67 -15.22 -36.63
C GLY A 144 41.93 -14.39 -36.63
N CYS A 145 42.38 -14.09 -35.42
CA CYS A 145 43.58 -13.28 -35.17
C CYS A 145 44.35 -13.89 -33.99
N LEU A 146 45.57 -14.37 -34.26
CA LEU A 146 46.42 -15.03 -33.24
C LEU A 146 47.26 -14.00 -32.50
N VAL A 147 47.30 -14.10 -31.17
CA VAL A 147 48.11 -13.21 -30.33
C VAL A 147 49.08 -14.07 -29.53
N LYS A 148 50.34 -14.13 -29.97
CA LYS A 148 51.29 -15.06 -29.38
C LYS A 148 52.49 -14.34 -28.75
N ASP A 149 52.99 -14.95 -27.66
CA ASP A 149 54.24 -14.58 -27.02
C ASP A 149 54.26 -13.14 -26.52
N TYR A 150 53.48 -12.93 -25.47
CA TYR A 150 53.45 -11.66 -24.75
C TYR A 150 53.45 -11.91 -23.25
N PHE A 151 53.73 -10.83 -22.52
CA PHE A 151 53.74 -10.86 -21.06
C PHE A 151 53.73 -9.41 -20.55
N PRO A 152 52.94 -9.12 -19.51
CA PRO A 152 52.00 -9.97 -18.79
C PRO A 152 50.58 -9.83 -19.34
N GLU A 153 49.59 -10.33 -18.62
CA GLU A 153 48.20 -9.98 -18.86
C GLU A 153 47.98 -8.48 -18.54
N PRO A 154 46.91 -7.86 -19.11
CA PRO A 154 45.97 -8.36 -20.09
C PRO A 154 46.16 -7.77 -21.48
N VAL A 155 45.48 -8.39 -22.45
CA VAL A 155 45.32 -7.83 -23.79
C VAL A 155 43.84 -7.57 -24.05
N THR A 156 43.54 -6.40 -24.62
CA THR A 156 42.20 -6.11 -25.13
C THR A 156 42.26 -6.31 -26.64
N VAL A 157 41.20 -6.90 -27.19
CA VAL A 157 41.08 -7.12 -28.63
C VAL A 157 39.70 -6.66 -29.10
N SER A 158 39.68 -5.96 -30.23
CA SER A 158 38.45 -5.59 -30.93
C SER A 158 38.59 -5.90 -32.42
N TRP A 159 37.48 -5.80 -33.15
CA TRP A 159 37.44 -6.10 -34.58
C TRP A 159 36.84 -4.96 -35.38
N ASN A 160 37.57 -4.57 -36.43
CA ASN A 160 37.22 -3.43 -37.28
C ASN A 160 36.97 -2.18 -36.44
N SER A 161 37.92 -1.91 -35.55
CA SER A 161 37.83 -0.86 -34.52
C SER A 161 36.50 -0.92 -33.74
N GLY A 162 36.16 -2.11 -33.27
CA GLY A 162 34.92 -2.37 -32.52
C GLY A 162 33.61 -2.36 -33.29
N ALA A 163 33.68 -2.41 -34.62
CA ALA A 163 32.50 -2.38 -35.48
C ALA A 163 31.77 -3.71 -35.48
N LEU A 164 32.54 -4.80 -35.52
CA LEU A 164 32.01 -6.18 -35.43
C LEU A 164 32.05 -6.69 -34.00
N THR A 165 30.87 -6.89 -33.43
CA THR A 165 30.71 -7.40 -32.06
C THR A 165 30.09 -8.79 -32.04
N SER A 166 29.01 -8.98 -32.80
CA SER A 166 28.32 -10.27 -32.89
C SER A 166 29.16 -11.30 -33.63
N GLY A 167 29.09 -12.53 -33.15
CA GLY A 167 29.88 -13.65 -33.67
C GLY A 167 31.31 -13.75 -33.15
N VAL A 168 31.73 -12.80 -32.32
CA VAL A 168 33.12 -12.71 -31.85
C VAL A 168 33.32 -13.56 -30.60
N HIS A 169 34.47 -14.25 -30.55
CA HIS A 169 34.90 -15.03 -29.41
C HIS A 169 36.38 -14.80 -29.11
N THR A 170 36.67 -13.86 -28.20
CA THR A 170 38.03 -13.68 -27.66
C THR A 170 38.23 -14.64 -26.50
N PHE A 171 39.20 -15.54 -26.65
CA PHE A 171 39.37 -16.65 -25.70
C PHE A 171 40.06 -16.22 -24.41
N PRO A 172 40.10 -17.10 -23.40
CA PRO A 172 41.01 -16.85 -22.29
C PRO A 172 42.43 -17.06 -22.76
N ALA A 173 43.35 -16.28 -22.19
CA ALA A 173 44.76 -16.46 -22.46
C ALA A 173 45.25 -17.73 -21.81
N VAL A 174 46.37 -18.24 -22.33
CA VAL A 174 46.97 -19.48 -21.83
C VAL A 174 48.45 -19.28 -21.58
N LEU A 175 48.92 -19.72 -20.41
CA LEU A 175 50.35 -19.72 -20.10
C LEU A 175 51.04 -20.84 -20.86
N GLN A 176 51.99 -20.47 -21.71
CA GLN A 176 52.79 -21.45 -22.43
C GLN A 176 53.93 -21.98 -21.57
N SER A 177 54.56 -23.05 -22.03
CA SER A 177 55.74 -23.62 -21.38
C SER A 177 56.95 -22.66 -21.41
N SER A 178 56.99 -21.78 -22.42
CA SER A 178 57.98 -20.71 -22.53
C SER A 178 57.92 -19.67 -21.40
N GLY A 179 56.79 -19.59 -20.70
CA GLY A 179 56.56 -18.58 -19.66
C GLY A 179 55.81 -17.35 -20.16
N LEU A 180 55.48 -17.33 -21.45
CA LEU A 180 54.74 -16.23 -22.08
C LEU A 180 53.29 -16.60 -22.32
N TYR A 181 52.42 -15.59 -22.28
CA TYR A 181 51.01 -15.80 -22.55
C TYR A 181 50.74 -15.90 -24.04
N SER A 182 49.55 -16.39 -24.36
CA SER A 182 49.10 -16.50 -25.74
C SER A 182 47.58 -16.56 -25.80
N LEU A 183 47.01 -15.71 -26.66
CA LEU A 183 45.57 -15.54 -26.86
C LEU A 183 45.22 -15.69 -28.31
N SER A 184 44.00 -16.13 -28.59
CA SER A 184 43.41 -16.01 -29.94
C SER A 184 41.98 -15.45 -29.83
N SER A 185 41.61 -14.63 -30.80
CA SER A 185 40.23 -14.13 -30.94
C SER A 185 39.73 -14.49 -32.32
N VAL A 186 38.44 -14.83 -32.40
CA VAL A 186 37.84 -15.37 -33.61
C VAL A 186 36.48 -14.71 -33.90
N VAL A 187 36.13 -14.63 -35.18
CA VAL A 187 34.81 -14.18 -35.64
C VAL A 187 34.26 -15.09 -36.73
N THR A 188 33.00 -15.50 -36.59
CA THR A 188 32.24 -16.15 -37.67
C THR A 188 31.67 -15.10 -38.61
N VAL A 189 31.78 -15.38 -39.91
CA VAL A 189 31.44 -14.44 -40.98
C VAL A 189 30.68 -15.19 -42.10
N PRO A 190 29.83 -14.48 -42.86
CA PRO A 190 29.29 -15.08 -44.10
C PRO A 190 30.35 -15.30 -45.17
N SER A 191 30.45 -16.53 -45.67
CA SER A 191 31.44 -16.89 -46.72
C SER A 191 31.30 -16.07 -48.00
N SER A 192 30.07 -15.66 -48.31
CA SER A 192 29.79 -14.79 -49.46
C SER A 192 30.38 -13.37 -49.32
N SER A 193 30.57 -12.91 -48.09
CA SER A 193 31.10 -11.57 -47.79
C SER A 193 32.63 -11.46 -47.64
N LEU A 194 33.36 -12.56 -47.83
CA LEU A 194 34.81 -12.60 -47.63
C LEU A 194 35.60 -11.77 -48.67
N GLY A 195 35.15 -11.83 -49.92
CA GLY A 195 35.83 -11.12 -51.02
C GLY A 195 35.76 -9.60 -50.92
N THR A 196 34.56 -9.08 -50.71
CA THR A 196 34.34 -7.62 -50.64
C THR A 196 34.91 -7.01 -49.37
N GLN A 197 34.41 -7.46 -48.22
CA GLN A 197 34.76 -6.92 -46.92
C GLN A 197 36.10 -7.47 -46.40
N THR A 198 37.09 -6.58 -46.28
CA THR A 198 38.34 -6.88 -45.56
C THR A 198 38.10 -6.81 -44.06
N TYR A 199 38.79 -7.68 -43.32
CA TYR A 199 38.61 -7.82 -41.87
C TYR A 199 39.90 -7.56 -41.08
N ILE A 200 39.84 -6.57 -40.18
CA ILE A 200 41.00 -6.12 -39.37
C ILE A 200 40.74 -6.40 -37.89
N CYS A 201 41.70 -7.09 -37.24
CA CYS A 201 41.72 -7.28 -35.80
C CYS A 201 42.60 -6.20 -35.15
N ASN A 202 42.13 -5.65 -34.03
CA ASN A 202 42.84 -4.59 -33.30
C ASN A 202 43.31 -5.10 -31.94
N VAL A 203 44.63 -5.04 -31.70
CA VAL A 203 45.25 -5.64 -30.51
C VAL A 203 45.97 -4.59 -29.69
N ASN A 204 45.62 -4.49 -28.40
CA ASN A 204 46.20 -3.50 -27.48
C ASN A 204 46.83 -4.15 -26.25
N HIS A 205 48.13 -3.94 -26.09
CA HIS A 205 48.91 -4.41 -24.93
C HIS A 205 49.48 -3.21 -24.18
N LYS A 206 48.68 -2.67 -23.26
CA LYS A 206 49.03 -1.45 -22.53
C LYS A 206 50.29 -1.51 -21.66
N PRO A 207 50.64 -2.70 -21.10
CA PRO A 207 51.90 -2.84 -20.34
C PRO A 207 53.19 -2.59 -21.13
N SER A 208 53.20 -2.97 -22.40
CA SER A 208 54.35 -2.72 -23.30
C SER A 208 54.11 -1.57 -24.29
N ASN A 209 53.07 -0.76 -24.06
CA ASN A 209 52.61 0.36 -24.94
C ASN A 209 52.48 0.01 -26.45
N THR A 210 52.07 -1.23 -26.71
CA THR A 210 51.98 -1.78 -28.07
C THR A 210 50.54 -1.80 -28.54
N LYS A 211 50.23 -0.98 -29.54
CA LYS A 211 48.96 -1.05 -30.27
C LYS A 211 49.27 -1.63 -31.65
N VAL A 212 48.56 -2.70 -32.01
CA VAL A 212 48.74 -3.40 -33.29
C VAL A 212 47.39 -3.51 -34.03
N ASP A 213 47.43 -3.26 -35.33
CA ASP A 213 46.31 -3.50 -36.24
C ASP A 213 46.80 -4.42 -37.36
N LYS A 214 46.15 -5.57 -37.54
CA LYS A 214 46.52 -6.54 -38.62
C LYS A 214 45.32 -7.04 -39.43
N ARG A 215 45.53 -7.15 -40.74
CA ARG A 215 44.50 -7.60 -41.67
C ARG A 215 44.37 -9.10 -41.68
N VAL A 216 43.20 -9.57 -42.09
CA VAL A 216 42.94 -10.99 -42.35
C VAL A 216 42.25 -11.12 -43.70
N GLU A 217 42.93 -11.80 -44.63
CA GLU A 217 42.45 -12.06 -45.99
C GLU A 217 42.74 -13.52 -46.40
N PRO A 218 41.91 -14.13 -47.28
CA PRO A 218 42.18 -15.51 -47.75
C PRO A 218 43.45 -15.63 -48.62
N LYS A 219 44.03 -16.82 -48.65
CA LYS A 219 45.36 -17.05 -49.27
C LYS A 219 45.31 -17.77 -50.63
N GLU B 1 41.41 -26.88 10.52
CA GLU B 1 40.37 -26.17 9.72
C GLU B 1 39.04 -26.91 9.74
N ILE B 2 37.95 -26.18 9.89
CA ILE B 2 36.62 -26.72 9.56
C ILE B 2 36.50 -26.75 8.04
N VAL B 3 36.18 -27.92 7.50
CA VAL B 3 36.04 -28.11 6.06
C VAL B 3 34.60 -27.90 5.61
N MET B 4 34.40 -26.95 4.71
CA MET B 4 33.11 -26.77 4.04
C MET B 4 33.10 -27.52 2.72
N THR B 5 32.07 -28.33 2.54
CA THR B 5 31.91 -29.20 1.38
C THR B 5 30.61 -28.85 0.67
N GLN B 6 30.72 -28.32 -0.54
CA GLN B 6 29.56 -27.89 -1.34
C GLN B 6 29.23 -28.87 -2.44
N SER B 7 27.95 -29.25 -2.50
CA SER B 7 27.43 -30.15 -3.55
C SER B 7 26.17 -29.56 -4.19
N PRO B 8 25.99 -29.75 -5.51
CA PRO B 8 26.92 -30.38 -6.45
C PRO B 8 28.01 -29.40 -6.86
N ALA B 9 29.02 -29.92 -7.55
CA ALA B 9 30.10 -29.11 -8.08
C ALA B 9 29.57 -28.16 -9.12
N THR B 10 28.73 -28.69 -10.03
CA THR B 10 28.07 -27.87 -11.05
C THR B 10 26.61 -28.25 -11.16
N LEU B 11 25.83 -27.38 -11.80
CA LEU B 11 24.38 -27.54 -11.87
C LEU B 11 23.80 -26.95 -13.17
N SER B 12 23.55 -27.83 -14.14
CA SER B 12 22.98 -27.42 -15.42
C SER B 12 21.47 -27.28 -15.27
N VAL B 13 20.99 -26.04 -15.37
CA VAL B 13 19.56 -25.71 -15.21
C VAL B 13 19.20 -24.66 -16.25
N SER B 14 17.91 -24.44 -16.50
CA SER B 14 17.45 -23.32 -17.35
C SER B 14 16.78 -22.23 -16.51
N PRO B 15 16.58 -21.04 -17.10
CA PRO B 15 15.79 -20.01 -16.40
C PRO B 15 14.39 -20.48 -16.06
N GLY B 16 13.87 -19.98 -14.95
CA GLY B 16 12.51 -20.31 -14.48
C GLY B 16 12.43 -21.49 -13.51
N GLU B 17 13.50 -22.27 -13.41
CA GLU B 17 13.56 -23.42 -12.53
C GLU B 17 14.04 -23.03 -11.13
N ARG B 18 13.67 -23.85 -10.15
CA ARG B 18 14.25 -23.77 -8.83
C ARG B 18 15.65 -24.36 -8.85
N ALA B 19 16.52 -23.78 -8.04
CA ALA B 19 17.85 -24.34 -7.76
C ALA B 19 18.00 -24.50 -6.24
N THR B 20 18.46 -25.66 -5.82
CA THR B 20 18.81 -25.91 -4.41
C THR B 20 20.27 -26.34 -4.36
N LEU B 21 21.11 -25.49 -3.79
CA LEU B 21 22.53 -25.79 -3.55
C LEU B 21 22.70 -26.16 -2.09
N SER B 22 23.45 -27.23 -1.83
CA SER B 22 23.74 -27.65 -0.46
C SER B 22 25.18 -27.34 -0.08
N CYS B 23 25.41 -27.16 1.21
CA CYS B 23 26.73 -26.89 1.78
C CYS B 23 26.84 -27.64 3.09
N ARG B 24 27.58 -28.75 3.07
CA ARG B 24 27.85 -29.52 4.29
C ARG B 24 29.06 -28.93 4.99
N ALA B 25 29.08 -29.05 6.30
CA ALA B 25 30.21 -28.66 7.15
C ALA B 25 30.72 -29.87 7.89
N SER B 26 32.03 -29.93 8.09
CA SER B 26 32.67 -31.09 8.77
C SER B 26 32.42 -31.15 10.28
N GLN B 27 32.07 -30.01 10.87
CA GLN B 27 31.72 -29.88 12.30
C GLN B 27 30.55 -28.91 12.41
N SER B 28 29.75 -29.01 13.47
CA SER B 28 28.60 -28.09 13.65
C SER B 28 29.09 -26.66 13.76
N ILE B 29 28.37 -25.73 13.13
CA ILE B 29 28.72 -24.28 13.14
C ILE B 29 27.50 -23.43 13.54
N SER B 30 26.56 -24.02 14.26
CA SER B 30 25.29 -23.37 14.60
C SER B 30 24.72 -22.73 13.34
N ASN B 31 24.35 -21.45 13.40
CA ASN B 31 23.83 -20.72 12.24
C ASN B 31 24.90 -19.97 11.45
N ASN B 32 26.17 -20.15 11.78
CA ASN B 32 27.21 -19.26 11.30
C ASN B 32 27.65 -19.58 9.87
N LEU B 33 26.68 -19.62 8.95
CA LEU B 33 26.95 -19.89 7.53
C LEU B 33 26.43 -18.75 6.66
N HIS B 34 27.24 -18.39 5.68
CA HIS B 34 27.02 -17.23 4.83
C HIS B 34 27.23 -17.63 3.40
N TRP B 35 26.34 -17.15 2.53
CA TRP B 35 26.41 -17.45 1.10
C TRP B 35 26.84 -16.21 0.33
N TYR B 36 27.62 -16.46 -0.72
CA TYR B 36 28.09 -15.42 -1.63
C TYR B 36 27.89 -15.85 -3.07
N GLN B 37 27.67 -14.86 -3.92
CA GLN B 37 27.55 -15.05 -5.36
C GLN B 37 28.72 -14.37 -6.01
N GLN B 38 29.47 -15.11 -6.81
CA GLN B 38 30.48 -14.52 -7.68
C GLN B 38 30.10 -14.74 -9.12
N LYS B 39 29.97 -13.65 -9.87
CA LYS B 39 29.73 -13.73 -11.31
C LYS B 39 31.05 -13.67 -12.02
N PRO B 40 31.13 -14.23 -13.25
CA PRO B 40 32.42 -14.29 -13.95
C PRO B 40 33.07 -12.94 -14.12
N GLY B 41 34.36 -12.88 -13.78
CA GLY B 41 35.15 -11.64 -13.88
C GLY B 41 34.72 -10.51 -12.95
N GLN B 42 34.09 -10.87 -11.83
CA GLN B 42 33.63 -9.89 -10.84
C GLN B 42 33.96 -10.32 -9.41
N ALA B 43 33.89 -9.37 -8.49
CA ALA B 43 34.07 -9.59 -7.07
C ALA B 43 32.83 -10.24 -6.47
N PRO B 44 32.98 -11.13 -5.46
CA PRO B 44 31.82 -11.76 -4.84
C PRO B 44 30.85 -10.81 -4.08
N ARG B 45 29.57 -11.16 -4.11
CA ARG B 45 28.49 -10.43 -3.44
C ARG B 45 27.94 -11.30 -2.33
N LEU B 46 27.78 -10.78 -1.12
CA LEU B 46 27.05 -11.49 -0.05
C LEU B 46 25.58 -11.60 -0.41
N LEU B 47 25.03 -12.81 -0.37
CA LEU B 47 23.59 -13.04 -0.63
C LEU B 47 22.82 -13.21 0.65
N ILE B 48 23.34 -14.06 1.55
CA ILE B 48 22.64 -14.45 2.78
C ILE B 48 23.60 -14.51 3.95
N LYS B 49 23.12 -14.06 5.11
CA LYS B 49 23.88 -14.13 6.35
C LYS B 49 23.17 -15.03 7.36
N PHE B 50 23.96 -15.60 8.26
CA PHE B 50 23.51 -16.43 9.39
C PHE B 50 22.49 -17.47 9.00
N ALA B 51 22.83 -18.22 7.94
CA ALA B 51 22.02 -19.32 7.37
C ALA B 51 20.82 -18.88 6.57
N SER B 52 19.93 -18.11 7.20
CA SER B 52 18.63 -17.77 6.64
C SER B 52 18.30 -16.29 6.49
N GLN B 53 19.17 -15.40 6.94
CA GLN B 53 18.84 -13.99 7.00
C GLN B 53 19.19 -13.31 5.71
N SER B 54 18.19 -12.65 5.13
CA SER B 54 18.33 -11.95 3.85
C SER B 54 19.07 -10.61 3.98
N ILE B 55 19.74 -10.23 2.91
CA ILE B 55 20.51 -8.98 2.80
C ILE B 55 19.78 -7.96 1.94
N THR B 56 19.77 -6.69 2.37
CA THR B 56 19.03 -5.69 1.60
C THR B 56 19.70 -5.50 0.24
N GLY B 57 18.87 -5.17 -0.73
CA GLY B 57 19.32 -5.01 -2.10
C GLY B 57 19.60 -6.32 -2.83
N ILE B 58 19.06 -7.43 -2.33
CA ILE B 58 19.19 -8.74 -2.97
C ILE B 58 17.81 -9.35 -3.19
N PRO B 59 17.57 -9.93 -4.41
CA PRO B 59 16.23 -10.42 -4.72
C PRO B 59 15.65 -11.39 -3.72
N ALA B 60 14.33 -11.27 -3.53
CA ALA B 60 13.58 -12.10 -2.60
C ALA B 60 13.62 -13.60 -2.94
N ARG B 61 13.82 -13.92 -4.21
CA ARG B 61 13.85 -15.32 -4.67
C ARG B 61 14.96 -16.13 -4.01
N PHE B 62 16.09 -15.46 -3.76
CA PHE B 62 17.19 -16.06 -2.98
C PHE B 62 16.75 -16.29 -1.54
N SER B 63 17.10 -17.46 -1.01
CA SER B 63 16.74 -17.85 0.37
C SER B 63 17.60 -18.98 0.90
N GLY B 64 17.85 -18.93 2.20
CA GLY B 64 18.73 -19.86 2.85
C GLY B 64 18.10 -20.60 4.02
N SER B 65 18.67 -21.76 4.30
CA SER B 65 18.23 -22.56 5.42
C SER B 65 19.39 -23.39 5.93
N GLY B 66 19.20 -23.94 7.13
CA GLY B 66 20.16 -24.83 7.72
C GLY B 66 20.62 -24.46 9.10
N SER B 67 21.27 -25.43 9.72
CA SER B 67 21.94 -25.24 10.99
C SER B 67 22.87 -26.43 11.17
N GLY B 68 23.70 -26.37 12.20
CA GLY B 68 24.65 -27.42 12.48
C GLY B 68 25.60 -27.66 11.33
N THR B 69 25.50 -28.80 10.66
CA THR B 69 26.42 -29.16 9.58
C THR B 69 25.84 -29.07 8.17
N GLU B 70 24.51 -29.08 8.04
CA GLU B 70 23.87 -29.09 6.72
C GLU B 70 23.09 -27.82 6.48
N PHE B 71 23.43 -27.13 5.39
CA PHE B 71 22.77 -25.90 4.98
C PHE B 71 22.47 -25.93 3.49
N THR B 72 21.41 -25.23 3.09
CA THR B 72 20.99 -25.15 1.69
C THR B 72 20.60 -23.72 1.27
N LEU B 73 21.20 -23.25 0.18
CA LEU B 73 20.77 -22.04 -0.52
C LEU B 73 19.76 -22.46 -1.60
N THR B 74 18.72 -21.63 -1.79
CA THR B 74 17.67 -21.92 -2.74
C THR B 74 17.26 -20.69 -3.55
N ILE B 75 17.19 -20.84 -4.87
CA ILE B 75 16.76 -19.77 -5.77
C ILE B 75 15.44 -20.17 -6.41
N SER B 76 14.35 -19.54 -6.00
CA SER B 76 12.99 -20.02 -6.33
C SER B 76 12.64 -20.02 -7.82
N SER B 77 13.22 -19.09 -8.57
CA SER B 77 13.10 -19.14 -10.05
C SER B 77 14.27 -18.40 -10.69
N LEU B 78 15.12 -19.16 -11.38
CA LEU B 78 16.35 -18.63 -11.94
C LEU B 78 16.09 -17.58 -13.01
N GLN B 79 17.11 -16.77 -13.24
CA GLN B 79 17.15 -15.74 -14.28
C GLN B 79 18.61 -15.66 -14.78
N SER B 80 18.81 -15.21 -16.01
CA SER B 80 20.14 -15.16 -16.63
C SER B 80 21.22 -14.49 -15.75
N GLU B 81 20.80 -13.45 -15.03
CA GLU B 81 21.60 -12.74 -13.98
C GLU B 81 22.22 -13.75 -12.98
N ASP B 82 21.43 -14.75 -12.62
CA ASP B 82 21.79 -15.74 -11.58
C ASP B 82 22.76 -16.88 -11.95
N PHE B 83 23.10 -17.01 -13.22
CA PHE B 83 24.01 -18.08 -13.64
C PHE B 83 25.46 -17.71 -13.37
N ALA B 84 25.96 -18.27 -12.28
CA ALA B 84 27.23 -17.84 -11.71
C ALA B 84 27.68 -18.85 -10.65
N VAL B 85 28.88 -18.64 -10.11
CA VAL B 85 29.40 -19.49 -9.03
C VAL B 85 28.84 -19.01 -7.69
N TYR B 86 28.54 -19.96 -6.80
CA TYR B 86 28.02 -19.68 -5.47
C TYR B 86 28.86 -20.37 -4.41
N TYR B 87 29.41 -19.58 -3.48
CA TYR B 87 30.24 -20.08 -2.37
C TYR B 87 29.54 -19.95 -1.03
N CYS B 88 29.79 -20.91 -0.14
CA CYS B 88 29.33 -20.84 1.24
C CYS B 88 30.56 -20.61 2.10
N GLN B 89 30.38 -19.92 3.23
CA GLN B 89 31.50 -19.57 4.12
C GLN B 89 31.06 -19.59 5.58
N GLN B 90 31.92 -20.15 6.42
CA GLN B 90 31.64 -20.33 7.84
C GLN B 90 32.40 -19.29 8.61
N GLY B 91 31.78 -18.78 9.66
CA GLY B 91 32.42 -17.78 10.51
C GLY B 91 32.49 -18.22 11.95
N ASN B 92 32.06 -19.44 12.23
CA ASN B 92 32.04 -19.95 13.59
C ASN B 92 33.40 -20.17 14.21
N SER B 93 34.39 -20.57 13.40
CA SER B 93 35.73 -20.83 13.95
C SER B 93 36.89 -20.38 13.09
N TRP B 94 37.95 -19.89 13.76
CA TRP B 94 39.20 -19.57 13.10
C TRP B 94 39.92 -20.86 12.76
N PRO B 95 40.40 -21.01 11.53
CA PRO B 95 40.35 -20.06 10.45
C PRO B 95 39.03 -20.16 9.71
N TYR B 96 38.54 -19.02 9.24
CA TYR B 96 37.36 -19.00 8.39
C TYR B 96 37.64 -19.74 7.08
N THR B 97 36.63 -20.45 6.60
CA THR B 97 36.80 -21.36 5.49
C THR B 97 35.61 -21.30 4.54
N PHE B 98 35.91 -21.44 3.26
CA PHE B 98 34.90 -21.40 2.20
C PHE B 98 34.66 -22.78 1.66
N GLY B 99 33.46 -22.96 1.12
CA GLY B 99 33.16 -24.11 0.28
C GLY B 99 33.89 -23.95 -1.04
N GLN B 100 33.92 -25.01 -1.82
CA GLN B 100 34.61 -25.00 -3.13
C GLN B 100 33.80 -24.45 -4.30
N GLY B 101 32.56 -24.06 -4.04
CA GLY B 101 31.75 -23.38 -5.02
C GLY B 101 30.89 -24.33 -5.81
N THR B 102 29.67 -23.90 -6.15
CA THR B 102 28.82 -24.61 -7.12
C THR B 102 28.54 -23.66 -8.31
N LYS B 103 29.02 -24.05 -9.49
CA LYS B 103 28.81 -23.27 -10.71
C LYS B 103 27.49 -23.63 -11.38
N LEU B 104 26.59 -22.66 -11.51
CA LEU B 104 25.36 -22.87 -12.28
C LEU B 104 25.59 -22.58 -13.74
N GLU B 105 25.14 -23.51 -14.58
CA GLU B 105 25.29 -23.47 -16.03
C GLU B 105 23.92 -23.54 -16.67
N ILE B 106 23.72 -22.82 -17.79
CA ILE B 106 22.46 -22.92 -18.57
C ILE B 106 22.36 -24.29 -19.26
N LYS B 107 21.18 -24.90 -19.18
CA LYS B 107 20.90 -26.19 -19.80
C LYS B 107 20.11 -26.00 -21.06
N ARG B 108 20.64 -26.47 -22.17
CA ARG B 108 20.06 -26.22 -23.49
C ARG B 108 20.22 -27.42 -24.40
N THR B 109 19.60 -27.33 -25.57
CA THR B 109 19.68 -28.41 -26.56
C THR B 109 21.12 -28.70 -26.97
N VAL B 110 21.39 -29.96 -27.28
CA VAL B 110 22.71 -30.37 -27.77
C VAL B 110 22.98 -29.65 -29.09
N ALA B 111 24.22 -29.20 -29.25
CA ALA B 111 24.65 -28.51 -30.45
C ALA B 111 26.04 -28.95 -30.85
N ALA B 112 26.15 -29.52 -32.05
CA ALA B 112 27.43 -29.96 -32.58
C ALA B 112 28.32 -28.76 -32.90
N PRO B 113 29.65 -28.89 -32.72
CA PRO B 113 30.51 -27.74 -32.95
C PRO B 113 30.73 -27.49 -34.43
N SER B 114 30.66 -26.23 -34.83
CA SER B 114 31.12 -25.81 -36.14
C SER B 114 32.66 -25.79 -36.08
N VAL B 115 33.28 -26.82 -36.65
CA VAL B 115 34.73 -27.01 -36.55
C VAL B 115 35.44 -26.38 -37.74
N PHE B 116 36.53 -25.68 -37.45
CA PHE B 116 37.38 -25.02 -38.46
C PHE B 116 38.86 -25.23 -38.11
N ILE B 117 39.71 -25.26 -39.13
CA ILE B 117 41.17 -25.39 -38.93
C ILE B 117 41.90 -24.23 -39.61
N PHE B 118 42.93 -23.73 -38.93
CA PHE B 118 43.70 -22.57 -39.39
C PHE B 118 45.19 -22.88 -39.34
N PRO B 119 45.88 -22.79 -40.50
CA PRO B 119 47.32 -23.07 -40.53
C PRO B 119 48.16 -21.96 -39.91
N PRO B 120 49.48 -22.20 -39.74
CA PRO B 120 50.36 -21.13 -39.28
C PRO B 120 50.63 -20.13 -40.38
N SER B 121 50.72 -18.86 -40.02
CA SER B 121 50.87 -17.78 -41.01
C SER B 121 52.22 -17.83 -41.69
N ASP B 122 52.31 -17.17 -42.84
CA ASP B 122 53.59 -16.99 -43.52
C ASP B 122 54.59 -16.29 -42.59
N GLU B 123 54.09 -15.28 -41.85
CA GLU B 123 54.89 -14.49 -40.89
C GLU B 123 55.49 -15.34 -39.77
N GLN B 124 54.70 -16.28 -39.27
CA GLN B 124 55.18 -17.18 -38.20
C GLN B 124 56.33 -18.08 -38.65
N LEU B 125 56.20 -18.64 -39.86
CA LEU B 125 57.22 -19.50 -40.46
C LEU B 125 58.58 -18.79 -40.66
N LYS B 126 58.53 -17.46 -40.88
CA LYS B 126 59.74 -16.61 -40.91
C LYS B 126 60.47 -16.61 -39.55
N SER B 127 59.71 -16.53 -38.47
CA SER B 127 60.26 -16.53 -37.10
C SER B 127 60.91 -17.86 -36.69
N GLY B 128 60.41 -18.96 -37.23
CA GLY B 128 60.95 -20.29 -36.95
C GLY B 128 60.03 -21.21 -36.17
N THR B 129 59.12 -20.63 -35.38
CA THR B 129 58.08 -21.38 -34.69
C THR B 129 56.84 -21.48 -35.57
N ALA B 130 56.05 -22.53 -35.37
CA ALA B 130 54.83 -22.76 -36.15
C ALA B 130 53.69 -23.23 -35.24
N SER B 131 52.59 -22.48 -35.25
CA SER B 131 51.43 -22.77 -34.40
C SER B 131 50.17 -23.01 -35.24
N VAL B 132 49.74 -24.27 -35.29
CA VAL B 132 48.50 -24.67 -35.96
C VAL B 132 47.37 -24.45 -34.95
N VAL B 133 46.22 -24.03 -35.46
CA VAL B 133 45.05 -23.73 -34.63
C VAL B 133 43.83 -24.52 -35.12
N CYS B 134 43.19 -25.24 -34.18
CA CYS B 134 41.94 -25.95 -34.43
C CYS B 134 40.86 -25.31 -33.58
N LEU B 135 39.82 -24.81 -34.25
CA LEU B 135 38.71 -24.12 -33.59
C LEU B 135 37.46 -24.96 -33.56
N LEU B 136 36.85 -25.07 -32.38
CA LEU B 136 35.51 -25.64 -32.18
C LEU B 136 34.60 -24.53 -31.69
N ASN B 137 33.55 -24.22 -32.45
CA ASN B 137 32.75 -23.03 -32.17
C ASN B 137 31.26 -23.30 -31.96
N ASN B 138 30.68 -22.55 -31.03
CA ASN B 138 29.25 -22.57 -30.72
C ASN B 138 28.67 -23.99 -30.59
N PHE B 139 29.05 -24.64 -29.50
CA PHE B 139 28.61 -26.00 -29.20
C PHE B 139 28.10 -26.16 -27.78
N TYR B 140 27.44 -27.29 -27.55
CA TYR B 140 26.92 -27.66 -26.23
C TYR B 140 26.73 -29.17 -26.16
N PRO B 141 27.08 -29.81 -25.02
CA PRO B 141 27.70 -29.27 -23.81
C PRO B 141 29.20 -28.98 -23.94
N ARG B 142 29.76 -28.42 -22.86
CA ARG B 142 31.19 -28.09 -22.78
C ARG B 142 32.09 -29.31 -23.02
N GLU B 143 31.62 -30.47 -22.55
CA GLU B 143 32.35 -31.72 -22.68
C GLU B 143 32.64 -32.04 -24.15
N ALA B 144 33.89 -31.84 -24.54
CA ALA B 144 34.38 -32.13 -25.88
C ALA B 144 35.85 -32.50 -25.83
N LYS B 145 36.29 -33.23 -26.87
CA LYS B 145 37.61 -33.90 -26.91
C LYS B 145 38.27 -33.73 -28.26
N VAL B 146 39.57 -33.42 -28.27
CA VAL B 146 40.32 -33.18 -29.52
C VAL B 146 41.54 -34.09 -29.55
N GLN B 147 41.85 -34.63 -30.74
CA GLN B 147 43.06 -35.40 -30.99
C GLN B 147 43.76 -34.89 -32.25
N TRP B 148 44.92 -34.26 -32.07
CA TRP B 148 45.75 -33.81 -33.19
C TRP B 148 46.46 -34.99 -33.87
N LYS B 149 46.20 -35.15 -35.17
CA LYS B 149 46.80 -36.19 -35.99
C LYS B 149 47.67 -35.59 -37.10
N VAL B 150 48.98 -35.75 -36.97
CA VAL B 150 49.95 -35.33 -37.99
C VAL B 150 50.47 -36.58 -38.71
N ASP B 151 49.97 -36.80 -39.94
CA ASP B 151 50.23 -38.03 -40.70
C ASP B 151 49.77 -39.27 -39.92
N ASN B 152 48.55 -39.20 -39.39
CA ASN B 152 47.95 -40.22 -38.53
C ASN B 152 48.74 -40.56 -37.26
N ALA B 153 49.43 -39.56 -36.70
CA ALA B 153 50.23 -39.71 -35.48
C ALA B 153 49.55 -38.99 -34.31
N LEU B 154 49.05 -39.77 -33.36
CA LEU B 154 48.42 -39.22 -32.14
C LEU B 154 49.46 -38.49 -31.31
N GLN B 155 49.38 -37.16 -31.32
CA GLN B 155 50.34 -36.30 -30.62
C GLN B 155 49.87 -36.00 -29.20
N SER B 156 50.83 -35.76 -28.31
CA SER B 156 50.56 -35.55 -26.88
C SER B 156 51.57 -34.59 -26.25
N GLY B 157 51.07 -33.68 -25.41
CA GLY B 157 51.90 -32.66 -24.78
C GLY B 157 52.41 -31.54 -25.67
N ASN B 158 51.95 -31.52 -26.93
CA ASN B 158 52.34 -30.49 -27.92
C ASN B 158 51.28 -29.40 -28.11
N SER B 159 50.15 -29.53 -27.41
CA SER B 159 49.00 -28.64 -27.59
C SER B 159 48.42 -28.16 -26.27
N GLN B 160 47.76 -27.00 -26.33
CA GLN B 160 47.05 -26.41 -25.20
C GLN B 160 45.67 -25.92 -25.65
N GLU B 161 44.67 -26.13 -24.78
CA GLU B 161 43.30 -25.69 -25.04
C GLU B 161 42.92 -24.44 -24.23
N SER B 162 41.89 -23.75 -24.71
CA SER B 162 41.20 -22.70 -23.95
C SER B 162 39.74 -22.66 -24.36
N VAL B 163 38.87 -22.35 -23.40
CA VAL B 163 37.44 -22.41 -23.59
C VAL B 163 36.78 -21.13 -23.11
N THR B 164 35.83 -20.61 -23.88
CA THR B 164 35.05 -19.45 -23.46
C THR B 164 34.01 -19.82 -22.41
N GLU B 165 33.48 -18.80 -21.74
CA GLU B 165 32.31 -18.97 -20.87
C GLU B 165 31.09 -19.12 -21.76
N GLN B 166 29.98 -19.51 -21.14
CA GLN B 166 28.72 -19.66 -21.86
C GLN B 166 28.33 -18.36 -22.53
N ASP B 167 27.95 -18.44 -23.79
CA ASP B 167 27.57 -17.27 -24.51
C ASP B 167 26.32 -16.70 -23.87
N SER B 168 26.31 -15.39 -23.64
CA SER B 168 25.17 -14.71 -23.02
C SER B 168 23.91 -14.84 -23.88
N LYS B 169 24.11 -14.85 -25.21
CA LYS B 169 23.04 -15.09 -26.20
C LYS B 169 22.66 -16.59 -26.39
N ASP B 170 23.60 -17.37 -26.95
CA ASP B 170 23.38 -18.76 -27.38
C ASP B 170 23.40 -19.76 -26.24
N SER B 171 24.06 -19.39 -25.14
CA SER B 171 24.47 -20.31 -24.05
C SER B 171 25.27 -21.51 -24.57
N THR B 172 26.00 -21.30 -25.67
CA THR B 172 26.91 -22.30 -26.20
C THR B 172 28.31 -22.00 -25.72
N TYR B 173 29.18 -22.96 -25.97
CA TYR B 173 30.61 -22.83 -25.76
C TYR B 173 31.37 -22.76 -27.07
N SER B 174 32.60 -22.28 -26.98
CA SER B 174 33.56 -22.36 -28.07
C SER B 174 34.94 -22.63 -27.47
N LEU B 175 35.72 -23.47 -28.17
CA LEU B 175 37.01 -23.97 -27.70
C LEU B 175 38.06 -23.80 -28.78
N SER B 176 39.31 -23.58 -28.35
CA SER B 176 40.44 -23.47 -29.29
C SER B 176 41.66 -24.23 -28.77
N SER B 177 41.95 -25.37 -29.39
CA SER B 177 43.21 -26.09 -29.17
C SER B 177 44.24 -25.60 -30.18
N THR B 178 45.47 -25.45 -29.72
CA THR B 178 46.57 -24.90 -30.52
C THR B 178 47.81 -25.80 -30.48
N LEU B 179 48.09 -26.47 -31.61
CA LEU B 179 49.27 -27.31 -31.74
C LEU B 179 50.48 -26.45 -32.12
N THR B 180 51.44 -26.39 -31.21
CA THR B 180 52.65 -25.59 -31.38
C THR B 180 53.88 -26.49 -31.61
N LEU B 181 54.57 -26.26 -32.73
CA LEU B 181 55.79 -27.01 -33.11
C LEU B 181 56.78 -26.13 -33.87
N SER B 182 58.07 -26.46 -33.76
CA SER B 182 59.13 -25.76 -34.49
C SER B 182 59.10 -26.13 -35.98
N LYS B 183 59.66 -25.24 -36.82
CA LYS B 183 59.79 -25.40 -38.30
C LYS B 183 60.25 -26.78 -38.72
N ALA B 184 61.24 -27.28 -37.96
CA ALA B 184 61.88 -28.57 -38.22
C ALA B 184 60.89 -29.72 -38.33
N ASP B 185 60.04 -29.84 -37.32
CA ASP B 185 58.96 -30.85 -37.31
C ASP B 185 57.85 -30.53 -38.30
N TYR B 186 57.52 -29.25 -38.45
CA TYR B 186 56.43 -28.81 -39.33
C TYR B 186 56.70 -29.01 -40.83
N GLU B 187 57.92 -28.73 -41.27
CA GLU B 187 58.27 -28.88 -42.69
C GLU B 187 58.29 -30.34 -43.14
N LYS B 188 58.91 -31.19 -42.32
CA LYS B 188 59.06 -32.63 -42.59
C LYS B 188 57.75 -33.40 -42.78
N HIS B 189 56.67 -32.94 -42.13
CA HIS B 189 55.34 -33.51 -42.27
C HIS B 189 54.44 -32.60 -43.12
N LYS B 190 53.36 -33.18 -43.65
CA LYS B 190 52.52 -32.53 -44.69
C LYS B 190 51.02 -32.48 -44.36
N VAL B 191 50.45 -33.63 -44.02
CA VAL B 191 49.03 -33.72 -43.65
C VAL B 191 48.86 -33.36 -42.16
N TYR B 192 47.94 -32.45 -41.89
CA TYR B 192 47.62 -31.99 -40.53
C TYR B 192 46.12 -32.01 -40.29
N ALA B 193 45.71 -32.49 -39.11
CA ALA B 193 44.29 -32.65 -38.81
C ALA B 193 43.99 -32.64 -37.31
N CYS B 194 42.73 -32.33 -36.97
CA CYS B 194 42.22 -32.48 -35.60
C CYS B 194 40.92 -33.30 -35.56
N GLU B 195 40.99 -34.47 -34.93
CA GLU B 195 39.81 -35.32 -34.72
C GLU B 195 39.04 -34.81 -33.51
N VAL B 196 37.80 -34.41 -33.74
CA VAL B 196 36.94 -33.83 -32.72
C VAL B 196 35.80 -34.79 -32.38
N THR B 197 35.84 -35.35 -31.17
CA THR B 197 34.76 -36.19 -30.64
C THR B 197 33.80 -35.31 -29.82
N HIS B 198 32.50 -35.57 -29.95
CA HIS B 198 31.46 -34.80 -29.25
C HIS B 198 30.12 -35.53 -29.26
N GLN B 199 29.31 -35.29 -28.22
CA GLN B 199 27.98 -35.89 -28.07
C GLN B 199 27.07 -35.65 -29.26
N GLY B 200 27.08 -34.41 -29.74
CA GLY B 200 26.26 -33.99 -30.87
C GLY B 200 26.66 -34.47 -32.26
N LEU B 201 27.74 -35.24 -32.37
CA LEU B 201 28.21 -35.78 -33.66
C LEU B 201 27.86 -37.24 -33.93
N SER B 202 27.92 -38.07 -32.88
CA SER B 202 27.76 -39.55 -32.99
C SER B 202 28.92 -40.33 -33.62
N SER B 203 29.96 -39.60 -34.02
CA SER B 203 31.08 -40.10 -34.80
C SER B 203 32.16 -39.05 -34.75
N PRO B 204 33.43 -39.46 -34.56
CA PRO B 204 34.42 -38.41 -34.52
C PRO B 204 34.53 -37.70 -35.88
N VAL B 205 34.50 -36.36 -35.83
CA VAL B 205 34.64 -35.52 -37.01
C VAL B 205 36.06 -35.00 -37.11
N THR B 206 36.63 -35.11 -38.30
CA THR B 206 38.00 -34.69 -38.57
C THR B 206 38.01 -33.69 -39.72
N LYS B 207 38.66 -32.54 -39.50
CA LYS B 207 38.93 -31.56 -40.56
C LYS B 207 40.45 -31.42 -40.70
N SER B 208 40.91 -31.14 -41.93
CA SER B 208 42.33 -31.26 -42.26
C SER B 208 42.79 -30.38 -43.44
N PHE B 209 44.12 -30.33 -43.61
CA PHE B 209 44.74 -29.62 -44.73
C PHE B 209 46.12 -30.17 -45.09
N ASN B 210 46.62 -29.76 -46.25
CA ASN B 210 47.98 -30.06 -46.74
C ASN B 210 48.79 -28.78 -46.90
N ARG B 211 50.12 -28.89 -46.87
CA ARG B 211 51.03 -27.73 -47.07
C ARG B 211 50.94 -27.11 -48.48
N GLY B 212 51.24 -25.81 -48.58
CA GLY B 212 51.44 -25.12 -49.87
C GLY B 212 50.21 -24.89 -50.75
N GLN C 1 3.61 -28.42 43.90
CA GLN C 1 4.39 -27.23 43.43
C GLN C 1 4.26 -26.94 41.92
N VAL C 2 4.22 -27.96 41.06
CA VAL C 2 3.86 -27.76 39.65
C VAL C 2 2.40 -27.35 39.60
N GLN C 3 2.11 -26.27 38.89
CA GLN C 3 0.74 -25.75 38.73
C GLN C 3 0.60 -24.98 37.42
N LEU C 4 -0.63 -24.92 36.92
CA LEU C 4 -0.95 -24.08 35.75
C LEU C 4 -2.30 -23.41 35.97
N VAL C 5 -2.27 -22.23 36.58
CA VAL C 5 -3.50 -21.49 36.87
C VAL C 5 -3.93 -20.76 35.60
N GLN C 6 -5.16 -20.99 35.17
CA GLN C 6 -5.74 -20.29 34.02
C GLN C 6 -6.71 -19.21 34.46
N SER C 7 -7.02 -18.31 33.54
CA SER C 7 -7.94 -17.20 33.78
C SER C 7 -9.38 -17.67 34.03
N GLY C 8 -10.22 -16.76 34.50
CA GLY C 8 -11.62 -17.05 34.77
C GLY C 8 -12.45 -17.24 33.51
N ALA C 9 -13.65 -17.79 33.68
CA ALA C 9 -14.57 -18.06 32.56
C ALA C 9 -15.04 -16.75 31.90
N GLU C 10 -14.97 -16.70 30.57
CA GLU C 10 -15.34 -15.51 29.80
C GLU C 10 -16.64 -15.72 29.04
N VAL C 11 -17.51 -14.70 29.05
CA VAL C 11 -18.74 -14.67 28.24
C VAL C 11 -18.60 -13.48 27.29
N LYS C 12 -18.62 -13.73 25.98
CA LYS C 12 -18.41 -12.67 24.98
C LYS C 12 -19.34 -12.80 23.76
N LYS C 13 -19.48 -11.71 23.02
CA LYS C 13 -20.35 -11.65 21.83
C LYS C 13 -19.55 -11.92 20.55
N PRO C 14 -20.25 -12.29 19.43
CA PRO C 14 -19.53 -12.62 18.19
C PRO C 14 -18.81 -11.41 17.60
N GLY C 15 -17.62 -11.65 17.06
CA GLY C 15 -16.75 -10.58 16.57
C GLY C 15 -15.73 -10.12 17.60
N ALA C 16 -16.16 -9.99 18.86
CA ALA C 16 -15.28 -9.60 19.95
C ALA C 16 -14.20 -10.64 20.19
N SER C 17 -13.00 -10.18 20.53
CA SER C 17 -11.86 -11.08 20.80
C SER C 17 -11.79 -11.38 22.30
N VAL C 18 -10.91 -12.32 22.66
CA VAL C 18 -10.64 -12.66 24.08
C VAL C 18 -9.20 -13.09 24.25
N LYS C 19 -8.56 -12.54 25.29
CA LYS C 19 -7.20 -12.94 25.66
C LYS C 19 -7.26 -13.79 26.92
N VAL C 20 -6.82 -15.04 26.78
CA VAL C 20 -6.80 -16.02 27.87
C VAL C 20 -5.40 -16.12 28.44
N SER C 21 -5.26 -15.95 29.75
CA SER C 21 -3.97 -16.09 30.43
C SER C 21 -3.82 -17.50 31.01
N CYS C 22 -2.56 -17.87 31.24
CA CYS C 22 -2.19 -19.17 31.83
C CYS C 22 -0.88 -19.01 32.61
N LYS C 23 -0.99 -18.90 33.94
CA LYS C 23 0.17 -18.63 34.82
C LYS C 23 0.78 -19.92 35.32
N ALA C 24 2.09 -20.08 35.08
CA ALA C 24 2.83 -21.29 35.40
C ALA C 24 3.75 -21.13 36.60
N SER C 25 3.84 -22.20 37.40
CA SER C 25 4.79 -22.26 38.51
C SER C 25 5.30 -23.68 38.70
N GLY C 26 6.44 -23.79 39.37
CA GLY C 26 7.04 -25.09 39.68
C GLY C 26 7.79 -25.80 38.57
N PHE C 27 8.07 -25.10 37.47
CA PHE C 27 8.93 -25.61 36.40
C PHE C 27 9.32 -24.51 35.43
N ASN C 28 10.33 -24.78 34.61
CA ASN C 28 10.83 -23.79 33.65
C ASN C 28 9.95 -23.83 32.42
N ILE C 29 9.19 -22.75 32.20
CA ILE C 29 8.47 -22.57 30.95
C ILE C 29 9.39 -22.79 29.76
N LYS C 30 10.57 -22.17 29.79
CA LYS C 30 11.55 -22.21 28.68
C LYS C 30 12.03 -23.60 28.28
N ASP C 31 11.89 -24.59 29.16
CA ASP C 31 12.35 -25.94 28.85
C ASP C 31 11.77 -26.49 27.55
N THR C 32 10.49 -26.18 27.33
CA THR C 32 9.74 -26.81 26.24
C THR C 32 8.57 -25.97 25.76
N HIS C 33 7.97 -26.48 24.69
CA HIS C 33 6.84 -25.84 24.06
C HIS C 33 5.66 -25.73 25.00
N MET C 34 5.05 -24.55 24.98
CA MET C 34 3.75 -24.34 25.58
C MET C 34 2.78 -24.34 24.41
N HIS C 35 1.71 -25.12 24.55
CA HIS C 35 0.67 -25.24 23.53
C HIS C 35 -0.67 -24.85 24.13
N TRP C 36 -1.57 -24.34 23.28
CA TRP C 36 -3.00 -24.23 23.65
C TRP C 36 -3.86 -25.23 22.88
N VAL C 37 -4.93 -25.69 23.55
CA VAL C 37 -5.80 -26.75 23.04
C VAL C 37 -7.28 -26.41 23.26
N ARG C 38 -8.07 -26.58 22.20
CA ARG C 38 -9.51 -26.34 22.23
C ARG C 38 -10.23 -27.65 22.55
N GLN C 39 -11.30 -27.55 23.32
CA GLN C 39 -12.25 -28.65 23.51
C GLN C 39 -13.68 -28.14 23.47
N ALA C 40 -14.37 -28.41 22.37
CA ALA C 40 -15.79 -28.08 22.24
C ALA C 40 -16.59 -28.89 23.27
N PRO C 41 -17.81 -28.43 23.64
CA PRO C 41 -18.64 -29.17 24.62
C PRO C 41 -18.80 -30.66 24.30
N GLY C 42 -18.27 -31.52 25.17
CA GLY C 42 -18.34 -32.97 25.03
C GLY C 42 -17.88 -33.46 23.67
N GLN C 43 -16.64 -33.12 23.32
CA GLN C 43 -16.14 -33.33 21.96
C GLN C 43 -14.62 -33.54 21.94
N ARG C 44 -14.07 -33.63 20.72
CA ARG C 44 -12.63 -33.80 20.46
C ARG C 44 -11.77 -32.73 21.09
N LEU C 45 -10.52 -33.10 21.36
CA LEU C 45 -9.47 -32.14 21.64
C LEU C 45 -8.86 -31.70 20.31
N GLU C 46 -8.75 -30.39 20.15
CA GLU C 46 -8.17 -29.79 18.95
C GLU C 46 -6.97 -28.97 19.38
N TRP C 47 -5.80 -29.33 18.85
CA TRP C 47 -4.59 -28.55 19.05
C TRP C 47 -4.70 -27.24 18.26
N ILE C 48 -4.47 -26.11 18.93
CA ILE C 48 -4.54 -24.77 18.31
C ILE C 48 -3.19 -24.32 17.77
N GLY C 49 -2.21 -24.34 18.66
CA GLY C 49 -0.87 -23.86 18.33
C GLY C 49 0.11 -24.03 19.47
N ARG C 50 1.36 -23.69 19.17
CA ARG C 50 2.46 -23.79 20.15
C ARG C 50 3.42 -22.61 20.04
N ILE C 51 4.05 -22.32 21.17
CA ILE C 51 5.09 -21.30 21.27
C ILE C 51 6.34 -21.85 21.97
N ASP C 52 7.51 -21.54 21.41
CA ASP C 52 8.80 -21.85 22.03
C ASP C 52 9.16 -20.65 22.89
N PRO C 53 8.95 -20.74 24.23
CA PRO C 53 9.03 -19.52 25.05
C PRO C 53 10.42 -18.91 25.18
N ALA C 54 11.46 -19.72 24.98
CA ALA C 54 12.83 -19.22 24.82
C ALA C 54 12.93 -18.25 23.64
N ASN C 55 12.46 -18.70 22.47
CA ASN C 55 12.45 -17.91 21.23
C ASN C 55 11.38 -16.83 21.14
N GLY C 56 10.19 -17.11 21.70
CA GLY C 56 8.94 -16.38 21.39
C GLY C 56 8.29 -16.83 20.07
N ASN C 57 8.76 -17.96 19.54
CA ASN C 57 8.42 -18.42 18.20
C ASN C 57 7.15 -19.23 18.16
N THR C 58 6.15 -18.75 17.42
CA THR C 58 4.84 -19.38 17.32
C THR C 58 4.74 -20.33 16.13
N GLU C 59 3.92 -21.36 16.30
CA GLU C 59 3.44 -22.19 15.19
C GLU C 59 1.98 -22.58 15.46
N TYR C 60 1.14 -22.50 14.43
CA TYR C 60 -0.31 -22.75 14.57
C TYR C 60 -0.84 -23.83 13.62
N ASP C 61 -1.99 -24.39 13.98
CA ASP C 61 -2.78 -25.24 13.08
C ASP C 61 -3.51 -24.33 12.08
N GLN C 62 -3.61 -24.80 10.84
CA GLN C 62 -4.19 -24.03 9.70
C GLN C 62 -5.55 -23.40 9.99
N LYS C 63 -6.38 -24.13 10.71
CA LYS C 63 -7.72 -23.70 11.10
C LYS C 63 -7.74 -22.32 11.80
N PHE C 64 -6.79 -22.11 12.69
CA PHE C 64 -6.70 -20.91 13.53
C PHE C 64 -5.71 -19.85 13.05
N GLN C 65 -4.90 -20.18 12.04
CA GLN C 65 -3.95 -19.22 11.44
C GLN C 65 -4.68 -17.97 10.98
N GLY C 66 -4.13 -16.82 11.35
CA GLY C 66 -4.77 -15.53 11.10
C GLY C 66 -5.74 -15.08 12.18
N ARG C 67 -6.11 -15.99 13.08
CA ARG C 67 -7.16 -15.75 14.07
C ARG C 67 -6.73 -15.92 15.54
N VAL C 68 -5.65 -16.66 15.78
CA VAL C 68 -5.08 -16.83 17.11
C VAL C 68 -3.66 -16.25 17.22
N THR C 69 -3.42 -15.54 18.33
CA THR C 69 -2.09 -15.08 18.71
C THR C 69 -1.76 -15.62 20.10
N ILE C 70 -0.87 -16.61 20.14
CA ILE C 70 -0.33 -17.09 21.39
C ILE C 70 0.88 -16.22 21.69
N THR C 71 1.07 -15.91 22.96
CA THR C 71 2.22 -15.13 23.44
C THR C 71 2.67 -15.60 24.82
N VAL C 72 3.91 -15.23 25.18
CA VAL C 72 4.48 -15.55 26.51
C VAL C 72 5.25 -14.41 27.16
N ASP C 73 5.29 -14.42 28.49
CA ASP C 73 6.08 -13.47 29.28
C ASP C 73 6.96 -14.24 30.26
N THR C 74 8.11 -14.68 29.78
CA THR C 74 9.09 -15.47 30.57
C THR C 74 9.39 -14.90 31.95
N SER C 75 9.59 -13.59 32.00
CA SER C 75 9.81 -12.88 33.27
C SER C 75 8.65 -13.13 34.26
N ALA C 76 7.42 -13.06 33.77
CA ALA C 76 6.22 -13.32 34.59
C ALA C 76 5.93 -14.82 34.78
N SER C 77 6.50 -15.64 33.89
CA SER C 77 6.26 -17.09 33.86
C SER C 77 4.79 -17.41 33.53
N THR C 78 4.24 -16.69 32.56
CA THR C 78 2.83 -16.86 32.17
C THR C 78 2.69 -16.79 30.65
N ALA C 79 1.87 -17.68 30.11
CA ALA C 79 1.52 -17.70 28.69
C ALA C 79 0.10 -17.18 28.43
N TYR C 80 -0.09 -16.62 27.25
CA TYR C 80 -1.38 -16.03 26.85
C TYR C 80 -1.79 -16.53 25.48
N MET C 81 -3.10 -16.54 25.23
CA MET C 81 -3.67 -16.80 23.91
C MET C 81 -4.78 -15.82 23.61
N GLU C 82 -4.57 -14.99 22.58
CA GLU C 82 -5.60 -14.10 22.06
C GLU C 82 -6.31 -14.77 20.90
N LEU C 83 -7.64 -14.78 20.95
CA LEU C 83 -8.47 -15.31 19.86
C LEU C 83 -9.47 -14.24 19.43
N SER C 84 -9.42 -13.90 18.14
CA SER C 84 -10.16 -12.76 17.59
C SER C 84 -11.28 -13.18 16.65
N SER C 85 -12.14 -12.22 16.32
CA SER C 85 -13.31 -12.41 15.45
C SER C 85 -14.09 -13.69 15.76
N LEU C 86 -14.67 -13.72 16.96
CA LEU C 86 -15.31 -14.92 17.49
C LEU C 86 -16.63 -15.26 16.82
N ARG C 87 -16.97 -16.55 16.87
CA ARG C 87 -18.22 -17.10 16.38
C ARG C 87 -18.82 -18.01 17.43
N SER C 88 -20.10 -18.33 17.28
CA SER C 88 -20.78 -19.33 18.13
C SER C 88 -20.11 -20.71 18.04
N GLU C 89 -19.51 -21.00 16.88
CA GLU C 89 -18.64 -22.18 16.69
C GLU C 89 -17.48 -22.27 17.67
N ASP C 90 -17.00 -21.12 18.16
CA ASP C 90 -15.89 -21.06 19.13
C ASP C 90 -16.31 -21.20 20.60
N THR C 91 -17.59 -21.47 20.86
CA THR C 91 -18.02 -21.91 22.18
C THR C 91 -17.21 -23.14 22.55
N ALA C 92 -16.29 -23.01 23.51
CA ALA C 92 -15.44 -24.13 23.91
C ALA C 92 -14.73 -23.94 25.25
N VAL C 93 -14.13 -25.04 25.72
CA VAL C 93 -13.18 -25.02 26.84
C VAL C 93 -11.76 -24.96 26.25
N TYR C 94 -11.02 -23.92 26.64
CA TYR C 94 -9.66 -23.70 26.14
C TYR C 94 -8.62 -24.05 27.19
N TYR C 95 -7.72 -24.95 26.83
CA TYR C 95 -6.73 -25.53 27.72
C TYR C 95 -5.35 -25.05 27.37
N CYS C 96 -4.57 -24.75 28.40
CA CYS C 96 -3.15 -24.43 28.26
C CYS C 96 -2.35 -25.62 28.74
N ALA C 97 -1.31 -25.99 28.00
CA ALA C 97 -0.53 -27.20 28.30
C ALA C 97 0.93 -27.10 27.93
N ARG C 98 1.68 -28.04 28.49
CA ARG C 98 3.12 -28.18 28.29
C ARG C 98 3.41 -29.62 27.92
N TRP C 99 4.23 -29.80 26.88
CA TRP C 99 4.73 -31.11 26.45
C TRP C 99 5.76 -30.93 25.35
N GLY C 100 6.58 -31.96 25.12
CA GLY C 100 7.60 -31.88 24.08
C GLY C 100 8.45 -33.12 23.94
N THR C 101 9.21 -33.15 22.86
CA THR C 101 10.05 -34.32 22.55
C THR C 101 11.33 -34.38 23.37
N ASN C 102 11.62 -33.30 24.11
CA ASN C 102 12.76 -33.20 25.05
C ASN C 102 12.44 -33.31 26.54
N VAL C 103 11.17 -33.39 26.93
CA VAL C 103 10.80 -33.59 28.33
C VAL C 103 9.80 -34.72 28.50
N TYR C 104 9.95 -35.49 29.57
CA TYR C 104 9.19 -36.73 29.73
C TYR C 104 7.75 -36.43 30.12
N PHE C 105 7.56 -35.53 31.08
CA PHE C 105 6.23 -35.28 31.64
C PHE C 105 5.44 -34.32 30.77
N ALA C 106 4.15 -34.29 31.06
CA ALA C 106 3.21 -33.31 30.51
C ALA C 106 2.31 -32.79 31.61
N TYR C 107 2.11 -31.47 31.64
CA TYR C 107 1.22 -30.83 32.63
C TYR C 107 0.20 -29.98 31.91
N TRP C 108 -1.02 -29.94 32.45
CA TRP C 108 -2.18 -29.28 31.82
C TRP C 108 -2.83 -28.29 32.77
N GLY C 109 -3.28 -27.17 32.21
CA GLY C 109 -4.12 -26.23 32.94
C GLY C 109 -5.52 -26.75 33.21
N GLN C 110 -6.20 -26.09 34.14
CA GLN C 110 -7.58 -26.42 34.54
C GLN C 110 -8.62 -26.20 33.44
N GLY C 111 -8.33 -25.24 32.56
CA GLY C 111 -9.19 -24.90 31.43
C GLY C 111 -9.98 -23.61 31.65
N THR C 112 -10.36 -22.95 30.55
CA THR C 112 -11.19 -21.74 30.58
C THR C 112 -12.46 -21.87 29.74
N LEU C 113 -13.61 -21.73 30.40
CA LEU C 113 -14.93 -21.77 29.73
C LEU C 113 -15.15 -20.48 28.95
N VAL C 114 -15.10 -20.58 27.64
CA VAL C 114 -15.37 -19.44 26.75
C VAL C 114 -16.67 -19.65 25.97
N THR C 115 -17.68 -18.85 26.29
CA THR C 115 -18.97 -18.90 25.60
C THR C 115 -19.16 -17.69 24.69
N VAL C 116 -19.68 -17.96 23.49
CA VAL C 116 -19.85 -16.97 22.43
C VAL C 116 -21.31 -16.94 21.99
N SER C 117 -22.00 -15.84 22.32
CA SER C 117 -23.37 -15.61 21.84
C SER C 117 -23.76 -14.13 21.89
N SER C 118 -24.63 -13.74 20.95
CA SER C 118 -25.17 -12.38 20.87
C SER C 118 -26.06 -12.01 22.06
N ALA C 119 -26.68 -13.03 22.66
CA ALA C 119 -27.55 -12.82 23.82
C ALA C 119 -26.79 -12.23 25.00
N SER C 120 -27.47 -11.33 25.71
CA SER C 120 -26.97 -10.73 26.94
C SER C 120 -27.65 -11.40 28.15
N THR C 121 -27.10 -11.14 29.33
CA THR C 121 -27.50 -11.77 30.60
C THR C 121 -29.02 -11.77 30.79
N LYS C 122 -29.55 -12.86 31.34
CA LYS C 122 -30.99 -12.99 31.63
C LYS C 122 -31.26 -13.97 32.76
N GLY C 123 -32.06 -13.51 33.72
CA GLY C 123 -32.60 -14.37 34.77
C GLY C 123 -33.64 -15.32 34.19
N PRO C 124 -33.90 -16.44 34.87
CA PRO C 124 -34.82 -17.45 34.38
C PRO C 124 -36.27 -17.12 34.67
N SER C 125 -37.15 -17.95 34.11
CA SER C 125 -38.56 -17.99 34.49
C SER C 125 -38.88 -19.41 34.96
N VAL C 126 -39.00 -19.58 36.28
CA VAL C 126 -39.24 -20.89 36.91
C VAL C 126 -40.73 -21.26 36.82
N PHE C 127 -41.01 -22.54 36.56
CA PHE C 127 -42.38 -23.07 36.47
C PHE C 127 -42.49 -24.43 37.16
N PRO C 128 -43.64 -24.72 37.79
CA PRO C 128 -43.84 -26.03 38.41
C PRO C 128 -44.18 -27.12 37.41
N LEU C 129 -43.88 -28.37 37.80
CA LEU C 129 -44.29 -29.56 37.08
C LEU C 129 -45.03 -30.49 38.05
N ALA C 130 -46.33 -30.27 38.18
CA ALA C 130 -47.17 -30.96 39.17
C ALA C 130 -47.54 -32.37 38.72
N PRO C 131 -47.76 -33.30 39.68
CA PRO C 131 -48.06 -34.68 39.33
C PRO C 131 -49.53 -34.89 38.97
N SER C 132 -49.81 -35.88 38.14
CA SER C 132 -51.18 -36.36 37.94
C SER C 132 -51.62 -37.00 39.25
N SER C 133 -52.69 -36.47 39.84
CA SER C 133 -53.25 -36.95 41.11
C SER C 133 -54.08 -38.20 40.83
N LYS C 134 -53.37 -39.22 40.34
CA LYS C 134 -53.94 -40.51 39.91
C LYS C 134 -53.23 -41.74 40.51
N SER C 135 -51.99 -41.59 40.97
CA SER C 135 -51.22 -42.70 41.56
C SER C 135 -51.18 -43.94 40.63
N THR C 136 -50.97 -43.69 39.33
CA THR C 136 -50.94 -44.73 38.29
C THR C 136 -49.80 -45.75 38.46
N SER C 137 -48.60 -45.25 38.72
CA SER C 137 -47.45 -46.10 39.05
C SER C 137 -47.65 -46.94 40.33
N GLY C 138 -48.45 -46.41 41.26
CA GLY C 138 -48.88 -47.11 42.47
C GLY C 138 -48.33 -46.51 43.75
N GLY C 139 -47.07 -46.81 44.03
CA GLY C 139 -46.37 -46.40 45.27
C GLY C 139 -45.56 -45.11 45.22
N THR C 140 -44.89 -44.87 44.10
CA THR C 140 -44.01 -43.72 43.89
C THR C 140 -44.50 -42.79 42.77
N ALA C 141 -44.60 -41.50 43.08
CA ALA C 141 -44.97 -40.45 42.10
C ALA C 141 -43.82 -39.46 41.84
N ALA C 142 -43.87 -38.81 40.68
CA ALA C 142 -42.80 -37.90 40.23
C ALA C 142 -43.18 -36.42 40.28
N LEU C 143 -42.22 -35.57 40.69
CA LEU C 143 -42.39 -34.11 40.82
C LEU C 143 -41.20 -33.37 40.25
N GLY C 144 -41.45 -32.22 39.63
CA GLY C 144 -40.39 -31.45 38.96
C GLY C 144 -40.49 -29.94 39.03
N CYS C 145 -39.43 -29.29 38.54
CA CYS C 145 -39.27 -27.84 38.52
C CYS C 145 -38.61 -27.41 37.20
N LEU C 146 -39.34 -26.66 36.38
CA LEU C 146 -38.87 -26.21 35.05
C LEU C 146 -38.10 -24.89 35.17
N VAL C 147 -36.95 -24.80 34.50
CA VAL C 147 -36.12 -23.58 34.45
C VAL C 147 -35.93 -23.15 32.98
N LYS C 148 -36.68 -22.13 32.56
CA LYS C 148 -36.69 -21.72 31.15
C LYS C 148 -36.23 -20.28 30.93
N ASP C 149 -35.57 -20.07 29.79
CA ASP C 149 -35.20 -18.75 29.26
C ASP C 149 -34.29 -17.96 30.20
N TYR C 150 -33.04 -18.43 30.27
CA TYR C 150 -31.97 -17.77 31.00
C TYR C 150 -30.66 -17.78 30.20
N PHE C 151 -29.73 -16.94 30.64
CA PHE C 151 -28.41 -16.82 30.03
C PHE C 151 -27.47 -16.07 30.98
N PRO C 152 -26.21 -16.51 31.09
CA PRO C 152 -25.56 -17.69 30.55
C PRO C 152 -25.66 -18.86 31.53
N GLU C 153 -24.90 -19.91 31.27
CA GLU C 153 -24.66 -20.95 32.28
C GLU C 153 -23.80 -20.35 33.43
N PRO C 154 -23.84 -20.98 34.63
CA PRO C 154 -24.65 -22.10 35.07
C PRO C 154 -25.75 -21.71 36.05
N VAL C 155 -26.70 -22.64 36.22
CA VAL C 155 -27.72 -22.57 37.26
C VAL C 155 -27.46 -23.70 38.23
N THR C 156 -27.52 -23.39 39.53
CA THR C 156 -27.53 -24.41 40.57
C THR C 156 -28.97 -24.58 41.02
N VAL C 157 -29.36 -25.84 41.26
CA VAL C 157 -30.71 -26.17 41.75
C VAL C 157 -30.61 -27.13 42.93
N SER C 158 -31.40 -26.86 43.96
CA SER C 158 -31.56 -27.75 45.11
C SER C 158 -33.04 -27.89 45.44
N TRP C 159 -33.35 -28.83 46.34
CA TRP C 159 -34.73 -29.14 46.71
C TRP C 159 -34.93 -29.09 48.21
N ASN C 160 -35.94 -28.34 48.64
CA ASN C 160 -36.24 -28.09 50.05
C ASN C 160 -35.01 -27.56 50.80
N SER C 161 -34.39 -26.54 50.21
CA SER C 161 -33.08 -25.98 50.62
C SER C 161 -32.02 -27.08 50.86
N GLY C 162 -31.90 -27.98 49.87
CA GLY C 162 -30.94 -29.10 49.91
C GLY C 162 -31.27 -30.27 50.84
N ALA C 163 -32.51 -30.33 51.33
CA ALA C 163 -32.96 -31.38 52.26
C ALA C 163 -33.18 -32.72 51.53
N LEU C 164 -33.78 -32.65 50.34
CA LEU C 164 -34.00 -33.82 49.48
C LEU C 164 -32.87 -33.97 48.45
N THR C 165 -32.08 -35.03 48.59
CA THR C 165 -30.95 -35.32 47.68
C THR C 165 -31.15 -36.59 46.85
N SER C 166 -31.57 -37.67 47.51
CA SER C 166 -31.83 -38.95 46.84
C SER C 166 -33.08 -38.88 45.96
N GLY C 167 -33.01 -39.56 44.83
CA GLY C 167 -34.08 -39.53 43.82
C GLY C 167 -34.07 -38.33 42.88
N VAL C 168 -33.13 -37.39 43.07
CA VAL C 168 -33.09 -36.13 42.32
C VAL C 168 -32.29 -36.31 41.02
N HIS C 169 -32.78 -35.70 39.95
CA HIS C 169 -32.10 -35.65 38.65
C HIS C 169 -32.20 -34.25 38.07
N THR C 170 -31.18 -33.44 38.28
CA THR C 170 -31.03 -32.16 37.59
C THR C 170 -30.33 -32.40 36.24
N PHE C 171 -31.04 -32.08 35.17
CA PHE C 171 -30.60 -32.41 33.80
C PHE C 171 -29.52 -31.49 33.28
N PRO C 172 -28.90 -31.86 32.14
CA PRO C 172 -28.12 -30.88 31.40
C PRO C 172 -29.01 -29.84 30.75
N ALA C 173 -28.52 -28.60 30.73
CA ALA C 173 -29.20 -27.50 30.05
C ALA C 173 -29.11 -27.68 28.54
N VAL C 174 -30.03 -27.02 27.83
CA VAL C 174 -30.10 -27.08 26.37
C VAL C 174 -30.24 -25.68 25.77
N LEU C 175 -29.44 -25.40 24.74
CA LEU C 175 -29.53 -24.15 23.99
C LEU C 175 -30.76 -24.17 23.12
N GLN C 176 -31.66 -23.21 23.33
CA GLN C 176 -32.83 -23.03 22.47
C GLN C 176 -32.48 -22.23 21.22
N SER C 177 -33.39 -22.22 20.25
CA SER C 177 -33.25 -21.42 19.02
C SER C 177 -33.27 -19.91 19.30
N SER C 178 -33.95 -19.53 20.39
CA SER C 178 -33.94 -18.15 20.90
C SER C 178 -32.57 -17.63 21.33
N GLY C 179 -31.63 -18.53 21.59
CA GLY C 179 -30.30 -18.18 22.09
C GLY C 179 -30.19 -18.29 23.60
N LEU C 180 -31.31 -18.63 24.26
CA LEU C 180 -31.36 -18.76 25.71
C LEU C 180 -31.31 -20.22 26.13
N TYR C 181 -30.73 -20.46 27.30
CA TYR C 181 -30.66 -21.81 27.85
C TYR C 181 -31.99 -22.20 28.49
N SER C 182 -32.13 -23.50 28.74
CA SER C 182 -33.30 -24.04 29.43
C SER C 182 -33.00 -25.42 30.04
N LEU C 183 -33.37 -25.57 31.31
CA LEU C 183 -33.09 -26.78 32.08
C LEU C 183 -34.30 -27.19 32.92
N SER C 184 -34.33 -28.46 33.32
CA SER C 184 -35.32 -28.98 34.25
C SER C 184 -34.66 -29.88 35.30
N SER C 185 -35.19 -29.87 36.52
CA SER C 185 -34.77 -30.79 37.59
C SER C 185 -35.99 -31.52 38.12
N VAL C 186 -35.80 -32.80 38.46
CA VAL C 186 -36.90 -33.70 38.85
C VAL C 186 -36.55 -34.52 40.10
N VAL C 187 -37.58 -34.88 40.87
CA VAL C 187 -37.46 -35.79 42.03
C VAL C 187 -38.60 -36.82 42.04
N THR C 188 -38.25 -38.09 42.25
CA THR C 188 -39.22 -39.15 42.56
C THR C 188 -39.56 -39.13 44.06
N VAL C 189 -40.86 -39.26 44.34
CA VAL C 189 -41.41 -39.10 45.69
C VAL C 189 -42.44 -40.21 45.93
N PRO C 190 -42.64 -40.63 47.21
CA PRO C 190 -43.80 -41.48 47.51
C PRO C 190 -45.15 -40.78 47.29
N SER C 191 -46.02 -41.39 46.50
CA SER C 191 -47.35 -40.83 46.19
C SER C 191 -48.23 -40.63 47.43
N SER C 192 -48.01 -41.44 48.46
CA SER C 192 -48.67 -41.30 49.76
C SER C 192 -48.29 -40.02 50.53
N SER C 193 -47.08 -39.51 50.28
CA SER C 193 -46.55 -38.32 50.96
C SER C 193 -46.83 -36.97 50.27
N LEU C 194 -47.55 -36.98 49.15
CA LEU C 194 -47.80 -35.75 48.35
C LEU C 194 -48.66 -34.71 49.07
N GLY C 195 -49.72 -35.18 49.72
CA GLY C 195 -50.70 -34.30 50.37
C GLY C 195 -50.15 -33.50 51.53
N THR C 196 -49.46 -34.20 52.45
CA THR C 196 -48.91 -33.56 53.66
C THR C 196 -47.71 -32.67 53.33
N GLN C 197 -46.66 -33.29 52.79
CA GLN C 197 -45.39 -32.61 52.55
C GLN C 197 -45.42 -31.75 51.28
N THR C 198 -45.33 -30.43 51.46
CA THR C 198 -45.13 -29.49 50.35
C THR C 198 -43.67 -29.56 49.87
N TYR C 199 -43.49 -29.43 48.56
CA TYR C 199 -42.17 -29.58 47.91
C TYR C 199 -41.76 -28.29 47.20
N ILE C 200 -40.61 -27.75 47.61
CA ILE C 200 -40.07 -26.49 47.08
C ILE C 200 -38.75 -26.73 46.36
N CYS C 201 -38.66 -26.26 45.12
CA CYS C 201 -37.40 -26.23 44.35
C CYS C 201 -36.72 -24.87 44.52
N ASN C 202 -35.40 -24.88 44.72
CA ASN C 202 -34.60 -23.66 44.91
C ASN C 202 -33.67 -23.45 43.73
N VAL C 203 -33.80 -22.29 43.09
CA VAL C 203 -33.09 -21.98 41.83
C VAL C 203 -32.21 -20.74 41.99
N ASN C 204 -30.92 -20.90 41.71
CA ASN C 204 -29.92 -19.81 41.84
C ASN C 204 -29.21 -19.52 40.52
N HIS C 205 -29.33 -18.28 40.05
CA HIS C 205 -28.63 -17.80 38.86
C HIS C 205 -27.72 -16.62 39.23
N LYS C 206 -26.50 -16.96 39.66
CA LYS C 206 -25.53 -15.97 40.14
C LYS C 206 -25.10 -14.89 39.12
N PRO C 207 -25.04 -15.21 37.81
CA PRO C 207 -24.72 -14.18 36.79
C PRO C 207 -25.71 -13.01 36.68
N SER C 208 -27.00 -13.26 36.90
CA SER C 208 -28.04 -12.22 36.91
C SER C 208 -28.51 -11.83 38.33
N ASN C 209 -27.76 -12.28 39.34
CA ASN C 209 -28.10 -12.09 40.77
C ASN C 209 -29.57 -12.41 41.12
N THR C 210 -30.11 -13.48 40.53
CA THR C 210 -31.51 -13.91 40.79
C THR C 210 -31.59 -15.22 41.58
N LYS C 211 -32.22 -15.14 42.75
CA LYS C 211 -32.51 -16.31 43.59
C LYS C 211 -34.03 -16.51 43.62
N VAL C 212 -34.46 -17.72 43.27
CA VAL C 212 -35.88 -18.06 43.15
C VAL C 212 -36.21 -19.31 43.97
N ASP C 213 -37.33 -19.24 44.70
CA ASP C 213 -37.90 -20.38 45.40
C ASP C 213 -39.34 -20.54 44.93
N LYS C 214 -39.70 -21.72 44.40
CA LYS C 214 -41.07 -21.98 43.92
C LYS C 214 -41.63 -23.33 44.40
N ARG C 215 -42.91 -23.32 44.76
CA ARG C 215 -43.60 -24.49 45.30
C ARG C 215 -44.09 -25.41 44.20
N VAL C 216 -44.28 -26.68 44.55
CA VAL C 216 -44.88 -27.70 43.66
C VAL C 216 -45.94 -28.46 44.46
N GLU C 217 -47.20 -28.36 44.03
CA GLU C 217 -48.35 -28.97 44.73
C GLU C 217 -49.27 -29.71 43.73
N PRO C 218 -50.03 -30.72 44.21
CA PRO C 218 -50.89 -31.49 43.30
C PRO C 218 -52.04 -30.70 42.65
N LYS C 219 -52.49 -31.18 41.48
CA LYS C 219 -53.42 -30.48 40.57
C LYS C 219 -52.97 -29.05 40.21
N ASP D 1 -0.63 -34.17 8.37
CA ASP D 1 -1.03 -34.53 9.78
C ASP D 1 -1.23 -36.02 9.93
N ILE D 2 -0.71 -36.59 11.01
CA ILE D 2 -0.99 -37.97 11.35
C ILE D 2 -2.35 -38.00 12.03
N GLN D 3 -3.36 -38.43 11.31
CA GLN D 3 -4.73 -38.45 11.84
C GLN D 3 -4.95 -39.72 12.66
N LEU D 4 -5.36 -39.54 13.92
CA LEU D 4 -5.61 -40.65 14.85
C LEU D 4 -7.07 -41.01 14.91
N THR D 5 -7.34 -42.29 14.72
CA THR D 5 -8.69 -42.85 14.71
C THR D 5 -8.82 -43.81 15.89
N GLN D 6 -9.68 -43.46 16.85
CA GLN D 6 -9.91 -44.29 18.03
C GLN D 6 -11.18 -45.08 17.90
N SER D 7 -11.08 -46.39 18.15
CA SER D 7 -12.23 -47.28 18.13
C SER D 7 -12.26 -48.12 19.40
N PRO D 8 -13.48 -48.36 19.95
CA PRO D 8 -14.80 -47.87 19.55
C PRO D 8 -15.06 -46.45 20.07
N SER D 9 -16.17 -45.86 19.64
CA SER D 9 -16.60 -44.56 20.14
C SER D 9 -16.95 -44.62 21.62
N SER D 10 -17.72 -45.64 21.99
CA SER D 10 -18.11 -45.89 23.38
C SER D 10 -18.03 -47.38 23.71
N LEU D 11 -18.11 -47.68 25.00
CA LEU D 11 -18.03 -49.06 25.49
C LEU D 11 -18.77 -49.21 26.81
N SER D 12 -19.98 -49.74 26.74
CA SER D 12 -20.70 -50.12 27.94
C SER D 12 -20.14 -51.47 28.42
N ALA D 13 -19.44 -51.46 29.55
CA ALA D 13 -18.78 -52.64 30.12
C ALA D 13 -18.93 -52.64 31.64
N SER D 14 -18.88 -53.82 32.25
CA SER D 14 -19.18 -53.95 33.68
C SER D 14 -17.89 -54.00 34.46
N VAL D 15 -18.00 -53.83 35.78
CA VAL D 15 -16.83 -53.90 36.68
C VAL D 15 -16.21 -55.30 36.58
N GLY D 16 -14.88 -55.36 36.70
CA GLY D 16 -14.14 -56.63 36.65
C GLY D 16 -13.80 -57.19 35.27
N ASP D 17 -14.25 -56.51 34.20
CA ASP D 17 -14.00 -56.97 32.83
C ASP D 17 -12.69 -56.43 32.30
N ARG D 18 -12.10 -57.21 31.39
CA ARG D 18 -10.97 -56.77 30.60
C ARG D 18 -11.49 -55.87 29.44
N VAL D 19 -10.93 -54.68 29.32
CA VAL D 19 -11.32 -53.73 28.26
C VAL D 19 -10.10 -53.42 27.41
N THR D 20 -10.30 -53.41 26.09
CA THR D 20 -9.25 -53.10 25.12
C THR D 20 -9.73 -51.99 24.19
N ILE D 21 -9.12 -50.81 24.34
CA ILE D 21 -9.35 -49.66 23.48
C ILE D 21 -8.24 -49.59 22.48
N THR D 22 -8.60 -49.39 21.20
CA THR D 22 -7.60 -49.24 20.14
C THR D 22 -7.49 -47.80 19.69
N CYS D 23 -6.34 -47.48 19.11
CA CYS D 23 -6.06 -46.18 18.51
C CYS D 23 -5.22 -46.43 17.25
N SER D 24 -5.86 -46.35 16.10
CA SER D 24 -5.19 -46.52 14.78
C SER D 24 -4.69 -45.19 14.25
N ALA D 25 -3.57 -45.21 13.52
CA ALA D 25 -2.94 -44.00 12.99
C ALA D 25 -2.75 -44.04 11.49
N SER D 26 -2.94 -42.89 10.84
CA SER D 26 -2.89 -42.78 9.38
C SER D 26 -1.47 -42.88 8.79
N SER D 27 -0.47 -42.65 9.62
CA SER D 27 0.94 -42.90 9.27
C SER D 27 1.64 -43.41 10.54
N SER D 28 2.81 -44.00 10.35
CA SER D 28 3.56 -44.61 11.47
C SER D 28 3.97 -43.58 12.52
N VAL D 29 3.99 -44.02 13.78
CA VAL D 29 4.24 -43.16 14.94
C VAL D 29 5.24 -43.82 15.87
N SER D 30 6.21 -43.05 16.35
CA SER D 30 7.28 -43.58 17.20
C SER D 30 6.82 -43.88 18.65
N TYR D 31 6.02 -42.97 19.21
CA TYR D 31 5.49 -43.15 20.56
C TYR D 31 4.08 -42.58 20.70
N MET D 32 3.28 -43.20 21.57
CA MET D 32 1.85 -42.91 21.72
C MET D 32 1.52 -42.61 23.17
N TYR D 33 0.70 -41.59 23.37
CA TYR D 33 0.42 -41.04 24.70
C TYR D 33 -1.06 -41.08 24.93
N TRP D 34 -1.46 -41.61 26.08
CA TRP D 34 -2.86 -41.72 26.46
C TRP D 34 -3.22 -40.81 27.65
N TYR D 35 -4.44 -40.28 27.61
CA TYR D 35 -4.98 -39.40 28.64
C TYR D 35 -6.34 -39.93 29.08
N GLN D 36 -6.67 -39.67 30.35
CA GLN D 36 -8.00 -39.95 30.89
C GLN D 36 -8.60 -38.61 31.22
N GLN D 37 -9.74 -38.31 30.61
CA GLN D 37 -10.51 -37.13 30.97
C GLN D 37 -11.80 -37.58 31.62
N LYS D 38 -12.04 -37.11 32.84
CA LYS D 38 -13.32 -37.31 33.52
C LYS D 38 -14.19 -36.08 33.29
N PRO D 39 -15.53 -36.23 33.30
CA PRO D 39 -16.42 -35.10 33.01
C PRO D 39 -16.17 -33.87 33.89
N GLY D 40 -16.12 -32.71 33.25
CA GLY D 40 -15.89 -31.43 33.90
C GLY D 40 -14.51 -31.24 34.52
N LYS D 41 -13.54 -32.01 34.04
CA LYS D 41 -12.17 -31.97 34.57
C LYS D 41 -11.15 -31.91 33.43
N ALA D 42 -9.96 -31.45 33.78
CA ALA D 42 -8.87 -31.39 32.83
C ALA D 42 -8.40 -32.80 32.53
N PRO D 43 -7.91 -33.05 31.31
CA PRO D 43 -7.35 -34.38 31.03
C PRO D 43 -6.13 -34.71 31.90
N LYS D 44 -6.08 -35.95 32.40
CA LYS D 44 -4.96 -36.42 33.20
C LYS D 44 -4.14 -37.24 32.24
N PRO D 45 -2.86 -36.86 32.04
CA PRO D 45 -1.97 -37.78 31.35
C PRO D 45 -1.91 -39.10 32.12
N TRP D 46 -2.05 -40.19 31.38
CA TRP D 46 -2.22 -41.53 31.94
C TRP D 46 -1.15 -42.53 31.51
N ILE D 47 -0.80 -42.52 30.23
CA ILE D 47 0.31 -43.33 29.71
C ILE D 47 1.22 -42.48 28.83
N TYR D 48 2.53 -42.65 29.03
CA TYR D 48 3.58 -42.02 28.23
C TYR D 48 4.40 -43.07 27.49
N ARG D 49 5.02 -42.64 26.39
CA ARG D 49 5.95 -43.44 25.61
C ARG D 49 5.37 -44.82 25.24
N THR D 50 4.12 -44.84 24.78
CA THR D 50 3.36 -46.06 24.40
C THR D 50 2.89 -46.93 25.57
N SER D 51 3.83 -47.35 26.42
CA SER D 51 3.61 -48.37 27.44
C SER D 51 3.88 -47.95 28.90
N ASN D 52 4.44 -46.76 29.13
CA ASN D 52 4.89 -46.38 30.48
C ASN D 52 3.75 -45.74 31.25
N LEU D 53 3.42 -46.29 32.41
CA LEU D 53 2.37 -45.69 33.22
C LEU D 53 2.82 -44.32 33.75
N ALA D 54 1.84 -43.45 33.98
CA ALA D 54 2.09 -42.19 34.68
C ALA D 54 2.10 -42.54 36.15
N SEP D 55 2.81 -41.77 36.97
CA SEP D 55 2.98 -42.14 38.39
CB SEP D 55 4.18 -41.48 39.14
OG SEP D 55 5.38 -42.25 38.82
C SEP D 55 1.61 -42.04 39.04
O SEP D 55 0.75 -41.28 38.61
P SEP D 55 6.41 -43.01 39.84
O1P SEP D 55 7.35 -43.73 38.92
O2P SEP D 55 7.03 -41.85 40.55
O3P SEP D 55 5.63 -43.97 40.71
N GLY D 56 1.39 -42.91 40.01
CA GLY D 56 0.09 -43.01 40.68
C GLY D 56 -1.01 -43.71 39.89
N VAL D 57 -0.65 -44.44 38.84
CA VAL D 57 -1.61 -45.12 37.97
C VAL D 57 -1.55 -46.63 38.24
N PRO D 58 -2.72 -47.26 38.48
CA PRO D 58 -2.81 -48.70 38.77
C PRO D 58 -2.16 -49.62 37.74
N SER D 59 -1.60 -50.71 38.24
CA SER D 59 -0.89 -51.70 37.44
C SER D 59 -1.79 -52.41 36.41
N ARG D 60 -3.11 -52.42 36.64
CA ARG D 60 -4.07 -53.03 35.71
C ARG D 60 -4.08 -52.37 34.33
N PHE D 61 -3.87 -51.06 34.32
CA PHE D 61 -3.71 -50.31 33.08
C PHE D 61 -2.46 -50.76 32.36
N SER D 62 -2.55 -50.81 31.05
CA SER D 62 -1.38 -51.08 30.21
C SER D 62 -1.61 -50.56 28.80
N GLY D 63 -0.57 -49.92 28.26
CA GLY D 63 -0.55 -49.46 26.88
C GLY D 63 0.37 -50.36 26.09
N SER D 64 0.08 -50.51 24.80
CA SER D 64 0.90 -51.29 23.88
C SER D 64 0.73 -50.77 22.46
N GLY D 65 1.59 -51.25 21.56
CA GLY D 65 1.53 -50.88 20.14
C GLY D 65 2.83 -50.42 19.52
N SER D 66 2.87 -50.53 18.19
CA SER D 66 4.09 -50.54 17.38
C SER D 66 4.25 -49.34 16.46
N GLY D 67 3.36 -49.22 15.47
CA GLY D 67 3.56 -48.29 14.32
C GLY D 67 2.33 -47.44 14.04
N THR D 68 1.34 -48.07 13.42
CA THR D 68 0.04 -47.45 13.16
C THR D 68 -1.08 -47.97 14.06
N ASP D 69 -0.86 -49.08 14.76
CA ASP D 69 -1.86 -49.61 15.68
C ASP D 69 -1.36 -49.69 17.13
N PHE D 70 -2.14 -49.07 18.02
CA PHE D 70 -1.87 -49.04 19.46
C PHE D 70 -3.13 -49.34 20.25
N THR D 71 -2.95 -49.92 21.44
CA THR D 71 -4.06 -50.33 22.30
C THR D 71 -3.82 -50.02 23.78
N LEU D 72 -4.81 -49.36 24.39
CA LEU D 72 -4.92 -49.28 25.86
C LEU D 72 -5.74 -50.45 26.35
N THR D 73 -5.29 -51.09 27.44
CA THR D 73 -5.96 -52.28 27.98
C THR D 73 -6.05 -52.25 29.52
N ILE D 74 -7.25 -52.48 30.06
CA ILE D 74 -7.53 -52.44 31.50
C ILE D 74 -7.95 -53.83 31.96
N SER D 75 -7.08 -54.51 32.71
CA SER D 75 -7.26 -55.94 33.02
C SER D 75 -8.52 -56.29 33.85
N SER D 76 -8.95 -55.37 34.72
CA SER D 76 -10.25 -55.50 35.38
C SER D 76 -10.77 -54.13 35.85
N LEU D 77 -11.89 -53.70 35.27
CA LEU D 77 -12.43 -52.35 35.53
C LEU D 77 -12.86 -52.13 36.97
N GLN D 78 -12.93 -50.85 37.35
CA GLN D 78 -13.37 -50.37 38.67
C GLN D 78 -14.02 -48.98 38.52
N PRO D 79 -14.84 -48.51 39.51
CA PRO D 79 -15.64 -47.30 39.29
C PRO D 79 -14.86 -46.02 38.96
N GLU D 80 -13.64 -45.93 39.49
CA GLU D 80 -12.67 -44.88 39.17
C GLU D 80 -12.33 -44.79 37.67
N ASP D 81 -12.37 -45.94 36.99
CA ASP D 81 -11.98 -46.05 35.57
C ASP D 81 -13.01 -45.59 34.54
N PHE D 82 -14.21 -45.22 34.98
CA PHE D 82 -15.27 -44.84 34.03
C PHE D 82 -15.18 -43.36 33.59
N ALA D 83 -14.61 -43.17 32.39
CA ALA D 83 -14.35 -41.85 31.84
C ALA D 83 -14.02 -41.96 30.35
N THR D 84 -13.87 -40.81 29.69
CA THR D 84 -13.41 -40.78 28.30
C THR D 84 -11.87 -40.87 28.26
N TYR D 85 -11.36 -41.64 27.29
CA TYR D 85 -9.93 -41.87 27.10
C TYR D 85 -9.47 -41.44 25.70
N TYR D 86 -8.51 -40.52 25.64
CA TYR D 86 -7.96 -39.99 24.38
C TYR D 86 -6.53 -40.44 24.16
N CYS D 87 -6.18 -40.67 22.90
CA CYS D 87 -4.79 -40.99 22.50
C CYS D 87 -4.23 -39.78 21.77
N GLN D 88 -2.92 -39.61 21.87
CA GLN D 88 -2.23 -38.50 21.19
C GLN D 88 -0.82 -38.88 20.72
N GLN D 89 -0.40 -38.16 19.68
CA GLN D 89 0.94 -38.25 19.13
C GLN D 89 1.43 -36.83 18.92
N TYR D 90 2.66 -36.54 19.35
CA TYR D 90 3.29 -35.26 19.03
C TYR D 90 4.65 -35.35 18.36
N HIS D 91 5.14 -36.56 18.12
CA HIS D 91 6.49 -36.72 17.58
C HIS D 91 6.65 -36.23 16.14
N SER D 92 5.60 -36.36 15.35
CA SER D 92 5.55 -35.83 13.99
C SER D 92 4.63 -34.61 13.99
N TYR D 93 5.14 -33.48 13.50
CA TYR D 93 4.36 -32.25 13.54
C TYR D 93 3.21 -32.38 12.55
N PRO D 94 2.00 -31.93 12.94
CA PRO D 94 1.68 -31.36 14.22
C PRO D 94 1.13 -32.40 15.16
N PRO D 95 0.98 -32.06 16.47
CA PRO D 95 0.38 -33.02 17.37
C PRO D 95 -1.07 -33.22 17.03
N THR D 96 -1.52 -34.46 17.17
CA THR D 96 -2.87 -34.83 16.81
C THR D 96 -3.44 -35.73 17.90
N PHE D 97 -4.73 -35.61 18.15
CA PHE D 97 -5.44 -36.46 19.11
C PHE D 97 -6.43 -37.38 18.43
N GLY D 98 -6.71 -38.48 19.09
CA GLY D 98 -7.85 -39.31 18.75
C GLY D 98 -9.13 -38.61 19.20
N GLY D 99 -10.26 -39.14 18.74
CA GLY D 99 -11.58 -38.60 19.05
C GLY D 99 -12.22 -39.12 20.34
N GLY D 100 -11.50 -39.98 21.05
CA GLY D 100 -11.91 -40.42 22.39
C GLY D 100 -12.73 -41.68 22.38
N THR D 101 -12.59 -42.48 23.43
CA THR D 101 -13.55 -43.55 23.70
C THR D 101 -14.11 -43.45 25.13
N LYS D 102 -15.42 -43.22 25.22
CA LYS D 102 -16.12 -43.08 26.51
C LYS D 102 -16.52 -44.44 27.06
N VAL D 103 -15.98 -44.80 28.22
CA VAL D 103 -16.31 -46.05 28.89
C VAL D 103 -17.46 -45.82 29.89
N GLU D 104 -18.52 -46.59 29.73
CA GLU D 104 -19.72 -46.46 30.57
C GLU D 104 -19.99 -47.82 31.25
N ILE D 105 -20.69 -47.77 32.37
CA ILE D 105 -20.97 -48.99 33.15
C ILE D 105 -22.02 -49.88 32.47
N LYS D 106 -21.80 -51.20 32.51
CA LYS D 106 -22.77 -52.17 32.02
C LYS D 106 -23.59 -52.68 33.17
N ARG D 107 -24.91 -52.63 33.02
CA ARG D 107 -25.86 -53.07 34.01
C ARG D 107 -26.97 -53.88 33.32
N THR D 108 -27.75 -54.61 34.11
CA THR D 108 -29.00 -55.23 33.64
C THR D 108 -29.92 -54.20 32.99
N VAL D 109 -30.69 -54.64 32.01
CA VAL D 109 -31.68 -53.79 31.33
C VAL D 109 -32.71 -53.30 32.37
N ALA D 110 -33.11 -52.04 32.24
CA ALA D 110 -34.13 -51.43 33.10
C ALA D 110 -35.05 -50.52 32.29
N ALA D 111 -36.35 -50.82 32.31
CA ALA D 111 -37.36 -50.02 31.61
C ALA D 111 -37.53 -48.65 32.28
N PRO D 112 -37.86 -47.60 31.50
CA PRO D 112 -38.02 -46.29 32.12
C PRO D 112 -39.35 -46.10 32.82
N SER D 113 -39.31 -45.53 34.01
CA SER D 113 -40.51 -45.03 34.68
C SER D 113 -40.89 -43.71 33.98
N VAL D 114 -41.90 -43.79 33.11
CA VAL D 114 -42.30 -42.66 32.25
C VAL D 114 -43.39 -41.81 32.92
N PHE D 115 -43.23 -40.48 32.83
CA PHE D 115 -44.18 -39.51 33.36
C PHE D 115 -44.34 -38.33 32.39
N ILE D 116 -45.51 -37.69 32.40
CA ILE D 116 -45.78 -36.49 31.58
C ILE D 116 -46.28 -35.32 32.42
N PHE D 117 -45.80 -34.12 32.09
CA PHE D 117 -46.11 -32.89 32.84
C PHE D 117 -46.57 -31.77 31.90
N PRO D 118 -47.79 -31.24 32.10
CA PRO D 118 -48.29 -30.18 31.23
C PRO D 118 -47.63 -28.83 31.50
N PRO D 119 -47.88 -27.83 30.61
CA PRO D 119 -47.36 -26.49 30.88
C PRO D 119 -48.14 -25.86 32.01
N SER D 120 -47.45 -25.12 32.87
CA SER D 120 -48.05 -24.54 34.07
C SER D 120 -49.03 -23.42 33.73
N ASP D 121 -49.86 -23.08 34.71
CA ASP D 121 -50.83 -21.97 34.56
C ASP D 121 -50.09 -20.66 34.25
N GLU D 122 -48.98 -20.44 34.97
CA GLU D 122 -48.11 -19.26 34.82
C GLU D 122 -47.45 -19.15 33.45
N GLN D 123 -47.06 -20.28 32.88
CA GLN D 123 -46.49 -20.35 31.52
C GLN D 123 -47.49 -19.86 30.47
N LEU D 124 -48.73 -20.34 30.56
CA LEU D 124 -49.81 -19.96 29.66
C LEU D 124 -50.17 -18.46 29.71
N LYS D 125 -49.98 -17.84 30.88
CA LYS D 125 -50.13 -16.38 31.07
C LYS D 125 -49.14 -15.57 30.22
N SER D 126 -47.91 -16.08 30.09
CA SER D 126 -46.87 -15.47 29.26
C SER D 126 -47.18 -15.52 27.76
N GLY D 127 -47.67 -16.68 27.30
CA GLY D 127 -47.96 -16.90 25.87
C GLY D 127 -47.19 -18.04 25.19
N THR D 128 -46.05 -18.43 25.74
CA THR D 128 -45.35 -19.66 25.33
C THR D 128 -45.91 -20.82 26.17
N ALA D 129 -45.81 -22.04 25.62
CA ALA D 129 -46.23 -23.27 26.30
C ALA D 129 -45.20 -24.37 26.09
N SER D 130 -44.69 -24.92 27.19
CA SER D 130 -43.68 -25.99 27.13
C SER D 130 -44.18 -27.26 27.85
N VAL D 131 -44.49 -28.28 27.06
CA VAL D 131 -44.91 -29.59 27.57
C VAL D 131 -43.62 -30.36 27.89
N VAL D 132 -43.64 -31.12 28.99
CA VAL D 132 -42.47 -31.89 29.45
C VAL D 132 -42.82 -33.39 29.54
N CYS D 133 -42.01 -34.23 28.87
CA CYS D 133 -42.11 -35.70 28.99
C CYS D 133 -40.82 -36.22 29.65
N LEU D 134 -40.99 -36.96 30.74
CA LEU D 134 -39.86 -37.50 31.52
C LEU D 134 -39.74 -39.01 31.38
N LEU D 135 -38.53 -39.48 31.07
CA LEU D 135 -38.14 -40.88 31.16
C LEU D 135 -37.10 -41.02 32.27
N ASN D 136 -37.38 -41.81 33.30
CA ASN D 136 -36.52 -41.83 34.49
C ASN D 136 -35.98 -43.20 34.86
N ASN D 137 -34.73 -43.21 35.33
CA ASN D 137 -34.03 -44.42 35.82
C ASN D 137 -34.18 -45.63 34.90
N PHE D 138 -33.50 -45.56 33.76
CA PHE D 138 -33.51 -46.63 32.77
C PHE D 138 -32.11 -47.00 32.28
N TYR D 139 -32.04 -48.12 31.59
CA TYR D 139 -30.80 -48.63 31.00
C TYR D 139 -31.13 -49.60 29.84
N PRO D 140 -30.41 -49.52 28.70
CA PRO D 140 -29.34 -48.59 28.35
C PRO D 140 -29.82 -47.20 27.97
N ARG D 141 -28.85 -46.32 27.72
CA ARG D 141 -29.11 -44.93 27.31
C ARG D 141 -29.96 -44.84 26.05
N GLU D 142 -29.77 -45.80 25.15
CA GLU D 142 -30.49 -45.87 23.88
C GLU D 142 -32.00 -45.93 24.10
N ALA D 143 -32.65 -44.79 23.87
CA ALA D 143 -34.10 -44.67 23.96
C ALA D 143 -34.56 -43.59 23.00
N LYS D 144 -35.84 -43.64 22.61
CA LYS D 144 -36.40 -42.60 21.74
C LYS D 144 -37.88 -42.31 22.01
N VAL D 145 -38.25 -41.09 21.61
CA VAL D 145 -39.51 -40.47 21.95
C VAL D 145 -40.14 -39.90 20.68
N GLN D 146 -41.46 -40.06 20.58
CA GLN D 146 -42.25 -39.48 19.50
C GLN D 146 -43.42 -38.73 20.11
N TRP D 147 -43.37 -37.39 20.02
CA TRP D 147 -44.46 -36.54 20.47
C TRP D 147 -45.64 -36.60 19.49
N LYS D 148 -46.80 -37.03 19.98
CA LYS D 148 -48.02 -37.13 19.19
C LYS D 148 -49.08 -36.15 19.73
N VAL D 149 -49.34 -35.09 18.96
CA VAL D 149 -50.40 -34.12 19.25
C VAL D 149 -51.59 -34.40 18.32
N ASP D 150 -52.63 -35.02 18.85
CA ASP D 150 -53.78 -35.51 18.08
C ASP D 150 -53.33 -36.48 16.97
N ASN D 151 -52.51 -37.46 17.35
CA ASN D 151 -51.87 -38.43 16.45
C ASN D 151 -51.00 -37.86 15.31
N ALA D 152 -50.38 -36.70 15.59
CA ALA D 152 -49.51 -36.01 14.62
C ALA D 152 -48.04 -36.13 15.05
N LEU D 153 -47.26 -36.90 14.29
CA LEU D 153 -45.83 -37.06 14.54
C LEU D 153 -45.10 -35.73 14.31
N GLN D 154 -44.71 -35.08 15.42
CA GLN D 154 -44.07 -33.78 15.38
C GLN D 154 -42.55 -33.91 15.29
N SER D 155 -41.91 -32.92 14.66
CA SER D 155 -40.47 -32.95 14.38
C SER D 155 -39.87 -31.54 14.42
N GLY D 156 -38.71 -31.41 15.05
CA GLY D 156 -38.05 -30.11 15.23
C GLY D 156 -38.70 -29.14 16.20
N ASN D 157 -39.73 -29.60 16.93
CA ASN D 157 -40.42 -28.79 17.95
C ASN D 157 -39.97 -29.11 19.37
N SER D 158 -39.09 -30.10 19.50
CA SER D 158 -38.68 -30.62 20.80
C SER D 158 -37.17 -30.76 20.90
N GLN D 159 -36.69 -30.69 22.15
CA GLN D 159 -35.28 -30.88 22.48
C GLN D 159 -35.14 -31.79 23.69
N GLU D 160 -34.15 -32.69 23.63
CA GLU D 160 -33.89 -33.65 24.70
C GLU D 160 -32.67 -33.25 25.53
N SER D 161 -32.60 -33.80 26.74
CA SER D 161 -31.39 -33.76 27.55
C SER D 161 -31.34 -35.02 28.40
N VAL D 162 -30.12 -35.52 28.60
CA VAL D 162 -29.92 -36.80 29.27
C VAL D 162 -28.89 -36.62 30.37
N THR D 163 -29.18 -37.21 31.52
CA THR D 163 -28.24 -37.20 32.64
C THR D 163 -27.09 -38.18 32.40
N GLU D 164 -26.02 -38.02 33.16
CA GLU D 164 -24.95 -39.01 33.21
C GLU D 164 -25.36 -40.15 34.14
N GLN D 165 -24.62 -41.26 34.05
CA GLN D 165 -24.91 -42.46 34.84
C GLN D 165 -24.85 -42.17 36.34
N ASP D 166 -25.86 -42.64 37.08
CA ASP D 166 -25.89 -42.45 38.54
C ASP D 166 -24.83 -43.32 39.22
N SER D 167 -24.13 -42.74 40.19
CA SER D 167 -23.15 -43.49 40.99
C SER D 167 -23.81 -44.66 41.72
N LYS D 168 -25.04 -44.43 42.19
CA LYS D 168 -25.83 -45.46 42.88
C LYS D 168 -26.41 -46.48 41.88
N ASP D 169 -27.38 -46.05 41.08
CA ASP D 169 -28.16 -46.99 40.21
C ASP D 169 -27.45 -47.42 38.94
N SER D 170 -26.52 -46.59 38.47
CA SER D 170 -25.94 -46.68 37.12
C SER D 170 -26.98 -46.64 35.98
N THR D 171 -28.10 -45.97 36.25
CA THR D 171 -29.17 -45.77 35.27
C THR D 171 -29.08 -44.38 34.67
N TYR D 172 -29.84 -44.20 33.60
CA TYR D 172 -30.01 -42.92 32.94
C TYR D 172 -31.41 -42.38 33.19
N SER D 173 -31.54 -41.09 32.96
CA SER D 173 -32.82 -40.41 32.96
C SER D 173 -32.78 -39.35 31.86
N LEU D 174 -33.90 -39.21 31.14
CA LEU D 174 -34.00 -38.34 29.97
C LEU D 174 -35.21 -37.44 30.09
N SER D 175 -35.10 -36.22 29.55
CA SER D 175 -36.22 -35.26 29.53
C SER D 175 -36.32 -34.56 28.18
N SER D 176 -37.33 -34.96 27.39
CA SER D 176 -37.69 -34.26 26.15
C SER D 176 -38.77 -33.22 26.46
N THR D 177 -38.66 -32.07 25.81
CA THR D 177 -39.53 -30.93 26.07
C THR D 177 -40.10 -30.35 24.77
N LEU D 178 -41.40 -30.56 24.56
CA LEU D 178 -42.10 -29.99 23.40
C LEU D 178 -42.49 -28.54 23.71
N THR D 179 -41.90 -27.61 22.95
CA THR D 179 -42.12 -26.17 23.12
C THR D 179 -42.93 -25.62 21.94
N LEU D 180 -44.07 -25.00 22.26
CA LEU D 180 -44.97 -24.40 21.26
C LEU D 180 -45.67 -23.15 21.81
N SER D 181 -46.01 -22.23 20.92
CA SER D 181 -46.76 -21.03 21.29
C SER D 181 -48.21 -21.41 21.63
N LYS D 182 -48.85 -20.58 22.45
CA LYS D 182 -50.21 -20.87 22.92
C LYS D 182 -51.25 -20.98 21.78
N ALA D 183 -50.99 -20.30 20.66
CA ALA D 183 -51.80 -20.41 19.42
C ALA D 183 -51.99 -21.86 18.97
N ASP D 184 -50.87 -22.57 18.82
CA ASP D 184 -50.87 -24.00 18.47
C ASP D 184 -51.38 -24.89 19.62
N TYR D 185 -51.04 -24.51 20.86
CA TYR D 185 -51.41 -25.29 22.05
C TYR D 185 -52.91 -25.29 22.38
N GLU D 186 -53.56 -24.14 22.23
CA GLU D 186 -55.00 -24.03 22.50
C GLU D 186 -55.83 -24.84 21.50
N LYS D 187 -55.49 -24.69 20.21
CA LYS D 187 -56.22 -25.33 19.09
C LYS D 187 -56.26 -26.86 19.13
N HIS D 188 -55.25 -27.47 19.75
CA HIS D 188 -55.21 -28.93 19.97
C HIS D 188 -55.46 -29.27 21.43
N LYS D 189 -55.83 -30.53 21.69
CA LYS D 189 -56.34 -30.98 23.01
C LYS D 189 -55.62 -32.19 23.60
N VAL D 190 -55.51 -33.26 22.82
CA VAL D 190 -54.80 -34.47 23.25
C VAL D 190 -53.29 -34.31 23.02
N TYR D 191 -52.52 -34.61 24.05
CA TYR D 191 -51.04 -34.53 24.00
C TYR D 191 -50.45 -35.82 24.58
N ALA D 192 -49.46 -36.38 23.89
CA ALA D 192 -48.84 -37.64 24.30
C ALA D 192 -47.41 -37.79 23.80
N CYS D 193 -46.64 -38.63 24.49
CA CYS D 193 -45.29 -39.01 24.09
C CYS D 193 -45.15 -40.53 24.02
N GLU D 194 -44.98 -41.05 22.80
CA GLU D 194 -44.76 -42.49 22.57
C GLU D 194 -43.29 -42.81 22.84
N VAL D 195 -43.04 -43.68 23.82
CA VAL D 195 -41.66 -44.01 24.25
C VAL D 195 -41.32 -45.45 23.90
N THR D 196 -40.37 -45.61 22.97
CA THR D 196 -39.82 -46.92 22.62
C THR D 196 -38.52 -47.17 23.39
N HIS D 197 -38.33 -48.43 23.82
CA HIS D 197 -37.13 -48.83 24.59
C HIS D 197 -36.96 -50.36 24.59
N GLN D 198 -35.71 -50.81 24.66
CA GLN D 198 -35.38 -52.24 24.71
C GLN D 198 -36.05 -52.99 25.84
N GLY D 199 -36.08 -52.38 27.02
CA GLY D 199 -36.70 -52.96 28.22
C GLY D 199 -38.23 -53.01 28.28
N LEU D 200 -38.91 -52.51 27.24
CA LEU D 200 -40.38 -52.51 27.20
C LEU D 200 -41.00 -53.63 26.37
N SER D 201 -40.32 -54.03 25.29
CA SER D 201 -40.85 -55.01 24.32
C SER D 201 -42.13 -54.54 23.58
N SER D 202 -42.47 -53.25 23.70
CA SER D 202 -43.74 -52.68 23.23
C SER D 202 -43.71 -51.17 23.47
N PRO D 203 -44.27 -50.35 22.55
CA PRO D 203 -44.19 -48.90 22.78
C PRO D 203 -45.11 -48.45 23.91
N VAL D 204 -44.56 -47.75 24.89
CA VAL D 204 -45.34 -47.23 26.03
C VAL D 204 -45.66 -45.75 25.79
N THR D 205 -46.92 -45.38 26.04
CA THR D 205 -47.39 -44.01 25.84
C THR D 205 -48.04 -43.48 27.14
N LYS D 206 -47.70 -42.25 27.52
CA LYS D 206 -48.42 -41.51 28.56
C LYS D 206 -49.00 -40.24 27.93
N SER D 207 -50.16 -39.80 28.44
CA SER D 207 -50.92 -38.70 27.82
C SER D 207 -51.80 -37.88 28.77
N PHE D 208 -52.26 -36.73 28.25
CA PHE D 208 -53.11 -35.78 28.97
C PHE D 208 -54.11 -35.07 28.02
N ASN D 209 -55.13 -34.47 28.63
CA ASN D 209 -56.08 -33.57 27.95
C ASN D 209 -56.00 -32.18 28.58
N ARG D 210 -56.29 -31.16 27.77
CA ARG D 210 -55.99 -29.77 28.14
C ARG D 210 -56.97 -29.21 29.17
N ARG E 16 1.93 -28.21 49.78
CA ARG E 16 2.32 -29.57 50.27
C ARG E 16 3.49 -30.23 49.53
N SER E 17 3.58 -30.06 48.21
CA SER E 17 4.62 -30.70 47.39
C SER E 17 5.84 -29.78 47.16
N SER E 18 6.99 -30.40 46.92
CA SER E 18 8.30 -29.72 46.90
C SER E 18 8.75 -29.24 45.51
N PRO E 19 9.73 -28.31 45.47
CA PRO E 19 10.48 -28.03 44.23
C PRO E 19 11.12 -29.25 43.59
N SER E 20 11.71 -30.11 44.42
CA SER E 20 12.35 -31.33 43.95
C SER E 20 11.32 -32.37 43.47
N GLU E 21 10.19 -32.46 44.17
CA GLU E 21 9.24 -33.58 44.02
C GLU E 21 8.88 -33.83 42.57
N GLY E 22 8.84 -35.10 42.19
CA GLY E 22 8.58 -35.51 40.83
C GLY E 22 9.77 -35.50 39.89
N LEU E 23 10.90 -34.89 40.28
CA LEU E 23 11.94 -34.50 39.32
C LEU E 23 13.35 -34.94 39.68
N CYS E 24 14.17 -35.09 38.65
CA CYS E 24 15.61 -35.31 38.78
C CYS E 24 16.35 -34.04 39.17
N PRO E 25 17.49 -34.17 39.87
CA PRO E 25 18.20 -32.96 40.27
C PRO E 25 19.01 -32.36 39.14
N PRO E 26 19.47 -31.11 39.33
CA PRO E 26 20.37 -30.48 38.36
C PRO E 26 21.64 -31.28 38.23
N GLY E 27 22.30 -31.15 37.08
CA GLY E 27 23.41 -32.03 36.72
C GLY E 27 22.97 -33.37 36.12
N HIS E 28 21.65 -33.64 36.12
CA HIS E 28 21.11 -34.90 35.64
C HIS E 28 19.93 -34.66 34.70
N HIS E 29 19.51 -35.73 34.03
CA HIS E 29 18.31 -35.75 33.20
C HIS E 29 17.54 -37.03 33.47
N ILE E 30 16.23 -37.01 33.27
CA ILE E 30 15.38 -38.19 33.49
C ILE E 30 15.53 -39.18 32.34
N SER E 31 15.31 -40.45 32.65
CA SER E 31 15.44 -41.52 31.68
C SER E 31 14.14 -41.76 30.91
N GLU E 32 14.24 -42.49 29.80
CA GLU E 32 13.09 -42.88 29.00
C GLU E 32 12.02 -43.55 29.87
N ASP E 33 12.47 -44.32 30.86
CA ASP E 33 11.59 -45.07 31.77
C ASP E 33 10.79 -44.22 32.76
N GLY E 34 11.00 -42.91 32.78
CA GLY E 34 10.18 -42.01 33.60
C GLY E 34 10.45 -41.99 35.09
N ARG E 35 11.52 -42.67 35.52
CA ARG E 35 11.88 -42.77 36.93
C ARG E 35 13.36 -42.40 37.12
N ASP E 36 14.23 -43.19 36.50
CA ASP E 36 15.65 -43.16 36.80
C ASP E 36 16.33 -41.89 36.29
N CYS E 37 17.27 -41.38 37.09
CA CYS E 37 18.01 -40.16 36.78
C CYS E 37 19.40 -40.51 36.31
N ILE E 38 19.76 -39.99 35.15
CA ILE E 38 21.03 -40.25 34.48
C ILE E 38 21.83 -38.95 34.61
N SER E 39 23.14 -39.05 34.84
CA SER E 39 24.00 -37.86 34.98
C SER E 39 24.46 -37.29 33.64
N CYS E 40 24.45 -35.96 33.54
CA CYS E 40 25.04 -35.24 32.40
C CYS E 40 26.55 -35.44 32.35
N LYS E 41 27.15 -35.41 31.16
CA LYS E 41 28.61 -35.55 31.00
C LYS E 41 29.30 -34.20 31.09
N TYR E 42 30.23 -34.08 32.03
CA TYR E 42 30.99 -32.85 32.24
C TYR E 42 31.70 -32.49 30.96
N GLY E 43 31.29 -31.39 30.34
CA GLY E 43 31.98 -30.87 29.18
C GLY E 43 31.14 -30.98 27.95
N GLN E 44 30.54 -32.16 27.76
CA GLN E 44 29.62 -32.39 26.65
C GLN E 44 28.30 -31.69 26.87
N ASP E 45 27.68 -31.95 28.02
CA ASP E 45 26.34 -31.42 28.29
C ASP E 45 26.09 -31.02 29.75
N TYR E 46 24.94 -30.40 30.00
CA TYR E 46 24.65 -29.78 31.29
C TYR E 46 23.13 -29.71 31.55
N SER E 47 22.79 -29.41 32.79
CA SER E 47 21.40 -29.31 33.26
C SER E 47 21.35 -28.50 34.55
N THR E 48 20.63 -27.38 34.52
CA THR E 48 20.82 -26.34 35.54
C THR E 48 19.72 -26.24 36.60
N HIS E 49 18.81 -27.19 36.66
CA HIS E 49 17.68 -27.10 37.60
C HIS E 49 16.99 -28.44 37.77
N TRP E 50 16.31 -28.61 38.90
CA TRP E 50 15.50 -29.81 39.13
C TRP E 50 14.54 -29.92 37.97
N ASN E 51 14.61 -31.03 37.26
CA ASN E 51 14.03 -31.13 35.93
C ASN E 51 13.54 -32.50 35.55
N ASP E 52 12.86 -32.55 34.40
CA ASP E 52 12.46 -33.82 33.77
C ASP E 52 12.93 -33.89 32.32
N LEU E 53 14.15 -33.43 32.08
CA LEU E 53 14.67 -33.40 30.72
C LEU E 53 15.00 -34.81 30.26
N LEU E 54 14.58 -35.14 29.05
CA LEU E 54 14.94 -36.42 28.43
C LEU E 54 16.41 -36.50 28.11
N PHE E 55 17.02 -35.37 27.81
CA PHE E 55 18.48 -35.30 27.67
C PHE E 55 19.05 -34.01 28.23
N CYS E 56 20.33 -34.06 28.56
CA CYS E 56 21.04 -32.86 28.99
C CYS E 56 21.29 -31.91 27.81
N LEU E 57 21.38 -30.62 28.11
CA LEU E 57 21.53 -29.61 27.06
C LEU E 57 22.98 -29.58 26.61
N ARG E 58 23.21 -29.47 25.31
CA ARG E 58 24.56 -29.43 24.77
C ARG E 58 25.20 -28.17 25.29
N CYS E 59 26.43 -28.30 25.77
CA CYS E 59 27.21 -27.14 26.23
C CYS E 59 27.51 -26.25 25.05
N THR E 60 27.44 -24.94 25.30
CA THR E 60 27.74 -23.95 24.26
C THR E 60 29.24 -23.91 24.04
N ARG E 61 29.64 -23.78 22.78
CA ARG E 61 31.04 -23.57 22.43
C ARG E 61 31.15 -22.12 22.03
N CYS E 62 32.17 -21.42 22.51
CA CYS E 62 32.26 -20.00 22.24
C CYS E 62 32.65 -19.82 20.80
N ASP E 63 32.02 -18.79 20.22
CA ASP E 63 32.12 -18.41 18.84
C ASP E 63 33.52 -17.87 18.54
N SER E 64 33.92 -17.98 17.27
CA SER E 64 35.03 -17.20 16.71
C SER E 64 35.15 -15.75 17.16
N GLY E 65 34.01 -15.09 17.37
CA GLY E 65 33.96 -13.67 17.73
C GLY E 65 33.62 -13.46 19.19
N GLU E 66 34.08 -14.41 19.99
CA GLU E 66 33.73 -14.46 21.39
C GLU E 66 34.93 -14.83 22.24
N VAL E 67 34.71 -14.69 23.53
CA VAL E 67 35.68 -14.99 24.54
C VAL E 67 34.97 -15.83 25.58
N GLU E 68 35.71 -16.81 26.08
CA GLU E 68 35.21 -17.80 27.00
C GLU E 68 35.47 -17.32 28.43
N LEU E 69 34.40 -17.01 29.16
CA LEU E 69 34.51 -16.56 30.56
C LEU E 69 34.39 -17.70 31.55
N SER E 70 33.70 -18.77 31.18
CA SER E 70 33.56 -19.96 32.03
C SER E 70 33.52 -21.17 31.13
N PRO E 71 34.03 -22.31 31.63
CA PRO E 71 33.86 -23.56 30.92
C PRO E 71 32.60 -24.26 31.41
N CYS E 72 32.10 -25.19 30.59
CA CYS E 72 30.87 -25.91 30.93
C CYS E 72 31.05 -26.88 32.09
N THR E 73 30.16 -26.78 33.08
CA THR E 73 29.98 -27.82 34.11
C THR E 73 28.75 -28.63 33.73
N THR E 74 28.44 -29.64 34.54
CA THR E 74 27.17 -30.37 34.39
C THR E 74 25.97 -29.57 34.87
N THR E 75 26.18 -28.56 35.72
CA THR E 75 25.08 -27.72 36.23
C THR E 75 25.06 -26.30 35.71
N ARG E 76 25.88 -25.99 34.72
CA ARG E 76 25.99 -24.61 34.21
C ARG E 76 26.60 -24.63 32.83
N ASN E 77 25.93 -23.95 31.91
CA ASN E 77 26.34 -23.88 30.53
C ASN E 77 27.49 -22.92 30.40
N THR E 78 28.41 -23.23 29.48
CA THR E 78 29.47 -22.31 29.07
C THR E 78 29.01 -20.85 29.06
N VAL E 79 29.84 -19.94 29.59
CA VAL E 79 29.54 -18.49 29.56
C VAL E 79 30.51 -17.81 28.59
N CYS E 80 29.94 -17.27 27.53
CA CYS E 80 30.68 -16.58 26.50
C CYS E 80 30.38 -15.09 26.53
N GLN E 81 31.20 -14.35 25.80
CA GLN E 81 31.13 -12.90 25.76
C GLN E 81 31.84 -12.42 24.48
N CYS E 82 31.39 -11.32 23.91
CA CYS E 82 31.92 -10.84 22.64
C CYS E 82 33.36 -10.32 22.79
N GLU E 83 33.55 -9.50 23.81
CA GLU E 83 34.82 -8.83 24.09
C GLU E 83 35.37 -8.21 22.80
N GLU E 84 36.66 -8.32 22.51
CA GLU E 84 37.28 -7.72 21.33
C GLU E 84 37.12 -6.18 21.41
N GLY E 85 36.48 -5.57 20.41
CA GLY E 85 35.89 -4.23 20.53
C GLY E 85 34.47 -4.26 19.97
N THR E 86 33.69 -5.23 20.43
CA THR E 86 32.38 -5.63 19.87
C THR E 86 31.33 -5.75 20.98
N PHE E 87 30.07 -5.96 20.57
CA PHE E 87 28.96 -6.01 21.52
C PHE E 87 27.81 -6.87 21.00
N ARG E 88 27.06 -7.47 21.93
CA ARG E 88 25.89 -8.29 21.58
C ARG E 88 24.67 -7.41 21.29
N GLU E 89 24.03 -7.66 20.15
CA GLU E 89 22.79 -6.96 19.74
C GLU E 89 21.53 -7.79 20.07
N GLU E 90 20.56 -7.18 20.75
CA GLU E 90 19.45 -7.92 21.36
C GLU E 90 18.29 -8.13 20.38
N ASP E 91 17.91 -7.06 19.69
CA ASP E 91 16.77 -7.09 18.74
C ASP E 91 16.94 -8.11 17.62
N SER E 92 18.16 -8.26 17.13
CA SER E 92 18.52 -9.24 16.10
C SER E 92 18.63 -10.65 16.76
N PRO E 93 19.12 -11.67 16.00
CA PRO E 93 19.65 -12.82 16.74
C PRO E 93 20.80 -12.35 17.61
N GLU E 94 20.97 -13.00 18.76
CA GLU E 94 21.93 -12.53 19.73
C GLU E 94 23.36 -12.78 19.21
N MET E 95 23.86 -11.86 18.37
CA MET E 95 25.19 -11.98 17.76
C MET E 95 26.08 -10.74 17.99
N CYS E 96 27.40 -10.93 17.86
CA CYS E 96 28.39 -9.90 18.19
C CYS E 96 28.74 -8.99 17.00
N ARG E 97 28.23 -7.77 17.06
CA ARG E 97 28.56 -6.72 16.10
C ARG E 97 29.73 -5.88 16.62
N LYS E 98 30.49 -5.31 15.68
CA LYS E 98 31.57 -4.40 16.01
C LYS E 98 31.04 -3.08 16.56
N CYS E 99 31.71 -2.54 17.59
CA CYS E 99 31.33 -1.25 18.19
C CYS E 99 31.64 -0.08 17.27
N ARG E 100 30.77 0.92 17.29
CA ARG E 100 31.06 2.20 16.65
C ARG E 100 32.26 2.84 17.37
N THR E 101 33.19 3.35 16.57
CA THR E 101 34.40 3.98 17.09
C THR E 101 34.08 5.30 17.75
N GLY E 102 33.35 6.14 17.04
CA GLY E 102 33.10 7.50 17.48
C GLY E 102 31.68 7.94 17.22
N CYS E 103 31.31 9.03 17.86
CA CYS E 103 30.01 9.64 17.65
C CYS E 103 30.02 10.50 16.41
N PRO E 104 28.88 10.54 15.69
CA PRO E 104 28.78 11.44 14.54
C PRO E 104 28.73 12.92 14.93
N ARG E 105 28.76 13.78 13.91
CA ARG E 105 28.79 15.23 14.12
C ARG E 105 27.53 15.73 14.82
N GLY E 106 27.72 16.64 15.78
CA GLY E 106 26.64 17.17 16.63
C GLY E 106 26.34 16.36 17.87
N MET E 107 27.05 15.23 18.06
CA MET E 107 26.79 14.29 19.13
C MET E 107 28.05 13.95 19.90
N VAL E 108 27.87 13.76 21.21
CA VAL E 108 28.96 13.53 22.14
C VAL E 108 28.86 12.11 22.67
N LYS E 109 30.02 11.47 22.84
CA LYS E 109 30.11 10.14 23.44
C LYS E 109 29.78 10.20 24.94
N VAL E 110 28.77 9.42 25.33
CA VAL E 110 28.25 9.36 26.70
C VAL E 110 28.35 7.97 27.32
N GLY E 111 28.59 6.95 26.50
CA GLY E 111 28.81 5.59 27.00
C GLY E 111 29.84 4.94 26.10
N ASP E 112 30.50 3.91 26.62
CA ASP E 112 31.57 3.25 25.85
C ASP E 112 31.23 1.82 25.48
N CYS E 113 32.02 1.31 24.56
CA CYS E 113 31.88 -0.03 24.02
C CYS E 113 32.08 -1.03 25.13
N THR E 114 31.05 -1.84 25.37
CA THR E 114 31.14 -2.96 26.29
C THR E 114 30.79 -4.19 25.49
N PRO E 115 31.12 -5.37 25.99
CA PRO E 115 30.55 -6.57 25.40
C PRO E 115 29.02 -6.63 25.40
N TRP E 116 28.40 -5.93 26.34
CA TRP E 116 26.95 -5.90 26.49
C TRP E 116 26.29 -4.64 25.88
N SER E 117 27.07 -3.81 25.17
CA SER E 117 26.54 -2.57 24.59
C SER E 117 27.51 -1.83 23.67
N ASP E 118 26.98 -1.29 22.57
CA ASP E 118 27.69 -0.30 21.74
C ASP E 118 27.86 1.01 22.50
N ILE E 119 28.73 1.88 21.99
CA ILE E 119 28.85 3.24 22.52
C ILE E 119 27.49 3.91 22.52
N GLU E 120 27.29 4.84 23.45
CA GLU E 120 26.12 5.71 23.49
C GLU E 120 26.51 7.10 23.01
N CYS E 121 25.82 7.60 21.98
CA CYS E 121 25.90 9.00 21.61
C CYS E 121 24.68 9.79 22.07
N VAL E 122 24.89 11.06 22.38
CA VAL E 122 23.82 12.01 22.73
C VAL E 122 24.16 13.37 22.11
N HIS E 123 23.13 14.15 21.76
CA HIS E 123 23.36 15.48 21.20
C HIS E 123 24.10 16.40 22.16
N LYS E 124 24.95 17.26 21.60
CA LYS E 124 25.67 18.28 22.37
C LYS E 124 24.76 19.48 22.72
N GLU E 125 23.45 19.22 22.90
CA GLU E 125 22.41 20.23 23.08
C GLU E 125 22.43 21.30 21.99
N SER E 126 22.46 20.83 20.75
CA SER E 126 22.41 21.68 19.56
C SER E 126 21.17 21.32 18.74
N GLY E 127 20.47 22.33 18.24
CA GLY E 127 19.24 22.15 17.47
C GLY E 127 18.05 21.79 18.35
N GLU F 1 5.20 -4.11 -28.86
CA GLU F 1 5.20 -2.63 -28.59
C GLU F 1 4.69 -1.83 -29.77
N VAL F 2 4.05 -0.71 -29.45
CA VAL F 2 3.48 0.18 -30.46
C VAL F 2 4.59 0.97 -31.12
N GLN F 3 4.57 1.02 -32.44
CA GLN F 3 5.57 1.77 -33.19
C GLN F 3 5.07 2.18 -34.58
N LEU F 4 5.72 3.20 -35.15
CA LEU F 4 5.39 3.74 -36.48
C LEU F 4 6.66 3.97 -37.31
N GLN F 5 7.01 2.98 -38.14
CA GLN F 5 8.17 3.11 -39.02
C GLN F 5 7.76 3.92 -40.24
N GLN F 6 8.52 4.98 -40.51
CA GLN F 6 8.29 5.79 -41.69
C GLN F 6 9.32 5.51 -42.76
N SER F 7 9.00 5.93 -43.98
CA SER F 7 9.86 5.70 -45.15
C SER F 7 11.17 6.47 -45.05
N GLY F 8 12.08 6.12 -45.94
CA GLY F 8 13.37 6.77 -46.02
C GLY F 8 13.26 8.20 -46.53
N ALA F 9 14.33 8.97 -46.31
CA ALA F 9 14.38 10.38 -46.72
C ALA F 9 14.34 10.50 -48.23
N GLU F 10 13.47 11.38 -48.73
CA GLU F 10 13.24 11.55 -50.17
C GLU F 10 13.84 12.88 -50.66
N VAL F 11 14.50 12.84 -51.82
CA VAL F 11 15.06 14.03 -52.46
C VAL F 11 14.39 14.15 -53.82
N VAL F 12 13.67 15.26 -54.02
CA VAL F 12 12.77 15.42 -55.16
C VAL F 12 12.93 16.80 -55.80
N LYS F 13 12.69 16.91 -57.11
CA LYS F 13 12.76 18.21 -57.83
C LYS F 13 11.37 18.87 -57.85
N PRO F 14 11.32 20.21 -58.07
CA PRO F 14 10.01 20.90 -58.04
C PRO F 14 9.04 20.44 -59.12
N GLY F 15 7.76 20.32 -58.78
CA GLY F 15 6.72 19.77 -59.67
C GLY F 15 6.47 18.28 -59.48
N ALA F 16 7.55 17.52 -59.30
CA ALA F 16 7.48 16.08 -59.03
C ALA F 16 6.78 15.79 -57.71
N SER F 17 6.01 14.70 -57.69
CA SER F 17 5.31 14.25 -56.49
C SER F 17 6.09 13.17 -55.73
N VAL F 18 5.59 12.83 -54.56
CA VAL F 18 6.18 11.80 -53.72
C VAL F 18 5.16 11.17 -52.74
N LYS F 19 5.27 9.85 -52.58
CA LYS F 19 4.38 9.08 -51.69
C LYS F 19 5.18 8.62 -50.47
N LEU F 20 4.75 9.08 -49.31
CA LEU F 20 5.39 8.76 -48.05
C LEU F 20 4.61 7.65 -47.39
N SER F 21 5.31 6.57 -47.04
CA SER F 21 4.70 5.48 -46.30
C SER F 21 4.93 5.65 -44.80
N CYS F 22 4.09 4.96 -44.03
CA CYS F 22 4.16 4.95 -42.57
C CYS F 22 3.61 3.62 -42.07
N LYS F 23 4.52 2.68 -41.78
CA LYS F 23 4.16 1.30 -41.45
C LYS F 23 3.93 1.15 -39.96
N ALA F 24 2.75 0.66 -39.60
CA ALA F 24 2.33 0.56 -38.20
C ALA F 24 2.47 -0.86 -37.69
N SER F 25 2.87 -1.00 -36.43
CA SER F 25 3.07 -2.30 -35.79
C SER F 25 2.75 -2.22 -34.29
N GLY F 26 2.44 -3.37 -33.69
CA GLY F 26 1.99 -3.42 -32.29
C GLY F 26 0.52 -3.06 -32.05
N PHE F 27 -0.24 -2.87 -33.13
CA PHE F 27 -1.68 -2.57 -33.04
C PHE F 27 -2.32 -2.56 -34.42
N ASN F 28 -3.64 -2.64 -34.46
CA ASN F 28 -4.36 -2.56 -35.74
C ASN F 28 -4.60 -1.11 -36.11
N ILE F 29 -4.13 -0.72 -37.29
CA ILE F 29 -4.37 0.64 -37.82
C ILE F 29 -5.83 1.08 -37.65
N LYS F 30 -6.76 0.19 -37.98
CA LYS F 30 -8.20 0.50 -37.90
C LYS F 30 -8.73 0.97 -36.53
N ASP F 31 -8.01 0.64 -35.45
CA ASP F 31 -8.35 1.00 -34.08
C ASP F 31 -7.94 2.41 -33.71
N THR F 32 -7.29 3.16 -34.62
CA THR F 32 -6.74 4.48 -34.34
C THR F 32 -6.94 5.42 -35.51
N PHE F 33 -7.37 6.64 -35.27
CA PHE F 33 -7.18 7.71 -36.25
C PHE F 33 -5.70 7.85 -36.55
N ILE F 34 -5.40 8.09 -37.82
CA ILE F 34 -4.04 8.44 -38.23
C ILE F 34 -4.03 9.83 -38.87
N HIS F 35 -3.08 10.67 -38.43
CA HIS F 35 -2.89 12.02 -38.96
C HIS F 35 -1.47 12.16 -39.48
N TRP F 36 -1.29 13.02 -40.49
CA TRP F 36 0.05 13.49 -40.89
C TRP F 36 0.29 14.96 -40.48
N VAL F 37 1.54 15.28 -40.15
CA VAL F 37 1.97 16.61 -39.64
C VAL F 37 3.27 17.10 -40.31
N LYS F 38 3.25 18.34 -40.76
CA LYS F 38 4.40 18.99 -41.41
C LYS F 38 5.21 19.74 -40.36
N GLN F 39 6.53 19.67 -40.50
CA GLN F 39 7.44 20.52 -39.73
C GLN F 39 8.56 21.05 -40.63
N ALA F 40 8.48 22.33 -40.97
CA ALA F 40 9.54 22.99 -41.76
C ALA F 40 10.84 23.01 -40.94
N PRO F 41 12.01 23.14 -41.60
CA PRO F 41 13.29 23.14 -40.87
C PRO F 41 13.34 24.13 -39.71
N GLY F 42 13.48 23.61 -38.49
CA GLY F 42 13.54 24.40 -37.27
C GLY F 42 12.41 25.39 -37.15
N GLN F 43 11.18 24.88 -37.19
CA GLN F 43 9.98 25.71 -37.31
C GLN F 43 8.75 25.07 -36.67
N GLY F 44 7.61 25.73 -36.83
CA GLY F 44 6.32 25.25 -36.31
C GLY F 44 5.83 23.92 -36.86
N LEU F 45 4.98 23.28 -36.07
CA LEU F 45 4.25 22.11 -36.50
C LEU F 45 2.97 22.55 -37.16
N GLU F 46 2.69 21.95 -38.31
CA GLU F 46 1.46 22.19 -39.04
C GLU F 46 0.75 20.86 -39.25
N TRP F 47 -0.48 20.77 -38.73
CA TRP F 47 -1.36 19.62 -39.01
C TRP F 47 -1.82 19.66 -40.46
N ILE F 48 -1.62 18.55 -41.16
CA ILE F 48 -1.97 18.44 -42.57
C ILE F 48 -3.38 17.88 -42.72
N GLY F 49 -3.60 16.71 -42.14
CA GLY F 49 -4.85 15.99 -42.32
C GLY F 49 -4.94 14.71 -41.51
N ARG F 50 -6.13 14.11 -41.54
CA ARG F 50 -6.49 12.94 -40.75
C ARG F 50 -7.31 11.94 -41.55
N ILE F 51 -7.05 10.64 -41.31
CA ILE F 51 -7.81 9.55 -41.95
C ILE F 51 -8.31 8.52 -40.95
N ASP F 52 -9.57 8.10 -41.12
CA ASP F 52 -10.17 7.00 -40.39
C ASP F 52 -9.97 5.75 -41.24
N PRO F 53 -8.97 4.91 -40.89
CA PRO F 53 -8.59 3.83 -41.82
C PRO F 53 -9.62 2.73 -42.03
N ALA F 54 -10.52 2.56 -41.08
CA ALA F 54 -11.73 1.75 -41.27
C ALA F 54 -12.57 2.25 -42.44
N ASN F 55 -12.92 3.53 -42.39
CA ASN F 55 -13.74 4.18 -43.42
C ASN F 55 -13.02 4.47 -44.72
N THR F 56 -11.73 4.76 -44.65
CA THR F 56 -11.00 5.43 -45.73
C THR F 56 -11.35 6.93 -45.81
N ASN F 57 -11.93 7.46 -44.72
CA ASN F 57 -12.47 8.82 -44.68
C ASN F 57 -11.43 9.86 -44.25
N THR F 58 -11.13 10.78 -45.16
CA THR F 58 -10.14 11.83 -44.95
C THR F 58 -10.80 13.12 -44.47
N LYS F 59 -10.03 13.86 -43.66
CA LYS F 59 -10.26 15.30 -43.35
C LYS F 59 -8.92 16.01 -43.49
N TYR F 60 -8.90 17.16 -44.15
CA TYR F 60 -7.65 17.93 -44.32
C TYR F 60 -7.80 19.38 -43.85
N ASP F 61 -6.65 19.99 -43.59
CA ASP F 61 -6.57 21.44 -43.46
C ASP F 61 -6.65 22.03 -44.89
N PRO F 62 -7.57 23.01 -45.10
CA PRO F 62 -7.71 23.65 -46.40
C PRO F 62 -6.43 24.10 -47.09
N LYS F 63 -5.42 24.49 -46.29
CA LYS F 63 -4.08 24.91 -46.79
C LYS F 63 -3.45 23.90 -47.75
N PHE F 64 -3.60 22.62 -47.43
CA PHE F 64 -3.00 21.53 -48.19
C PHE F 64 -3.94 20.81 -49.15
N GLN F 65 -5.23 21.12 -49.09
CA GLN F 65 -6.18 20.56 -50.05
C GLN F 65 -5.64 20.61 -51.50
N GLY F 66 -5.59 19.44 -52.14
CA GLY F 66 -5.07 19.31 -53.50
C GLY F 66 -3.58 19.00 -53.59
N LYS F 67 -2.84 19.23 -52.50
CA LYS F 67 -1.40 18.97 -52.48
C LYS F 67 -1.13 17.63 -51.85
N ALA F 68 -1.70 17.45 -50.65
CA ALA F 68 -1.52 16.25 -49.88
C ALA F 68 -2.78 15.40 -49.96
N THR F 69 -2.59 14.12 -50.28
CA THR F 69 -3.64 13.10 -50.20
C THR F 69 -3.19 11.93 -49.33
N ILE F 70 -3.93 11.68 -48.26
CA ILE F 70 -3.63 10.60 -47.32
C ILE F 70 -4.46 9.36 -47.68
N THR F 71 -3.85 8.20 -47.53
CA THR F 71 -4.50 6.88 -47.75
C THR F 71 -3.99 5.83 -46.78
N THR F 72 -4.72 4.72 -46.69
CA THR F 72 -4.25 3.52 -45.98
C THR F 72 -4.34 2.26 -46.81
N ASP F 73 -3.49 1.31 -46.45
CA ASP F 73 -3.54 -0.05 -46.95
C ASP F 73 -3.69 -0.96 -45.73
N THR F 74 -4.93 -1.06 -45.25
CA THR F 74 -5.29 -1.85 -44.07
C THR F 74 -4.70 -3.26 -44.07
N SER F 75 -4.73 -3.91 -45.24
CA SER F 75 -4.06 -5.19 -45.45
C SER F 75 -2.58 -5.18 -45.03
N SER F 76 -1.85 -4.16 -45.47
CA SER F 76 -0.43 -3.97 -45.11
C SER F 76 -0.21 -3.37 -43.74
N ASN F 77 -1.26 -2.77 -43.19
CA ASN F 77 -1.20 -2.02 -41.92
C ASN F 77 -0.20 -0.89 -42.03
N THR F 78 -0.34 -0.15 -43.13
CA THR F 78 0.52 0.96 -43.47
C THR F 78 -0.32 2.12 -43.98
N ALA F 79 -0.08 3.31 -43.43
CA ALA F 79 -0.70 4.55 -43.92
C ALA F 79 0.27 5.27 -44.86
N TYR F 80 -0.31 6.02 -45.80
CA TYR F 80 0.46 6.73 -46.82
C TYR F 80 -0.02 8.16 -46.95
N MET F 81 0.90 9.03 -47.39
CA MET F 81 0.56 10.40 -47.79
C MET F 81 1.25 10.76 -49.10
N GLU F 82 0.44 11.05 -50.11
CA GLU F 82 0.91 11.46 -51.43
C GLU F 82 0.99 12.97 -51.44
N LEU F 83 2.08 13.49 -51.98
CA LEU F 83 2.41 14.92 -51.94
C LEU F 83 2.83 15.35 -53.34
N SER F 84 2.01 16.18 -53.97
CA SER F 84 2.15 16.49 -55.40
C SER F 84 2.49 17.95 -55.69
N SER F 85 2.89 18.21 -56.95
CA SER F 85 3.28 19.54 -57.47
C SER F 85 4.11 20.30 -56.44
N LEU F 86 5.29 19.77 -56.17
CA LEU F 86 6.14 20.25 -55.09
C LEU F 86 6.84 21.57 -55.38
N ARG F 87 7.14 22.28 -54.30
CA ARG F 87 7.87 23.53 -54.33
C ARG F 87 8.97 23.49 -53.30
N SER F 88 9.93 24.40 -53.42
CA SER F 88 10.97 24.57 -52.41
C SER F 88 10.38 24.88 -51.02
N GLU F 89 9.23 25.55 -51.01
CA GLU F 89 8.42 25.78 -49.80
C GLU F 89 7.98 24.50 -49.05
N ASP F 90 7.86 23.39 -49.77
CA ASP F 90 7.50 22.09 -49.17
C ASP F 90 8.69 21.32 -48.57
N THR F 91 9.88 21.90 -48.61
CA THR F 91 11.03 21.30 -47.94
C THR F 91 10.67 21.23 -46.46
N ALA F 92 10.47 20.00 -45.96
CA ALA F 92 10.05 19.78 -44.58
C ALA F 92 10.26 18.35 -44.07
N VAL F 93 10.12 18.20 -42.75
CA VAL F 93 10.02 16.90 -42.09
C VAL F 93 8.54 16.57 -41.95
N TYR F 94 8.14 15.45 -42.54
CA TYR F 94 6.73 15.00 -42.51
C TYR F 94 6.55 13.85 -41.55
N TYR F 95 5.67 14.07 -40.58
CA TYR F 95 5.47 13.17 -39.46
C TYR F 95 4.15 12.44 -39.61
N CYS F 96 4.18 11.14 -39.27
CA CYS F 96 3.02 10.28 -39.24
C CYS F 96 2.65 10.08 -37.79
N VAL F 97 1.37 10.17 -37.49
CA VAL F 97 0.92 10.30 -36.12
C VAL F 97 -0.35 9.51 -35.86
N ARG F 98 -0.50 9.04 -34.63
CA ARG F 98 -1.50 8.04 -34.26
C ARG F 98 -2.28 8.49 -33.03
N GLY F 99 -3.57 8.19 -33.01
CA GLY F 99 -4.37 8.41 -31.79
C GLY F 99 -5.66 7.61 -31.66
N LEU F 100 -5.92 7.15 -30.44
CA LEU F 100 -7.19 6.48 -30.09
C LEU F 100 -8.31 7.47 -30.01
N TYR F 101 -7.94 8.75 -29.92
CA TYR F 101 -8.87 9.85 -30.07
C TYR F 101 -8.48 10.73 -31.26
N THR F 102 -9.48 11.39 -31.83
CA THR F 102 -9.20 12.35 -32.90
C THR F 102 -8.33 13.48 -32.34
N TYR F 103 -8.66 13.87 -31.11
CA TYR F 103 -8.24 15.15 -30.52
C TYR F 103 -6.77 15.35 -30.26
N TYR F 104 -6.08 14.25 -29.95
CA TYR F 104 -4.67 14.29 -29.61
C TYR F 104 -3.97 13.05 -30.07
N PHE F 105 -2.65 13.18 -30.14
CA PHE F 105 -1.76 12.17 -30.67
C PHE F 105 -1.00 11.35 -29.61
N ASP F 106 -1.21 10.04 -29.59
CA ASP F 106 -0.58 9.18 -28.60
C ASP F 106 0.88 8.98 -28.93
N TYR F 107 1.11 8.64 -30.19
CA TYR F 107 2.41 8.23 -30.65
C TYR F 107 2.73 8.92 -31.96
N TRP F 108 4.01 9.07 -32.21
CA TRP F 108 4.54 9.79 -33.36
C TRP F 108 5.55 8.92 -34.09
N GLY F 109 5.51 8.99 -35.40
CA GLY F 109 6.54 8.38 -36.23
C GLY F 109 7.88 9.11 -36.10
N GLN F 110 8.94 8.46 -36.57
CA GLN F 110 10.30 9.02 -36.58
C GLN F 110 10.46 10.25 -37.51
N GLY F 111 9.62 10.31 -38.54
CA GLY F 111 9.58 11.42 -39.50
C GLY F 111 10.28 11.09 -40.80
N THR F 112 9.90 11.81 -41.86
CA THR F 112 10.55 11.68 -43.18
C THR F 112 11.08 13.04 -43.70
N LEU F 113 12.40 13.10 -43.91
CA LEU F 113 13.05 14.28 -44.48
C LEU F 113 12.74 14.37 -45.98
N VAL F 114 11.89 15.32 -46.35
CA VAL F 114 11.53 15.58 -47.76
C VAL F 114 12.14 16.88 -48.21
N THR F 115 13.12 16.81 -49.11
CA THR F 115 13.81 17.99 -49.63
C THR F 115 13.44 18.24 -51.09
N VAL F 116 13.18 19.51 -51.40
CA VAL F 116 12.71 19.92 -52.72
C VAL F 116 13.65 20.96 -53.29
N SER F 117 14.42 20.56 -54.31
CA SER F 117 15.29 21.49 -55.04
C SER F 117 15.63 20.98 -56.45
N SER F 118 15.83 21.93 -57.35
CA SER F 118 16.21 21.66 -58.74
C SER F 118 17.62 21.07 -58.86
N ALA F 119 18.50 21.41 -57.90
CA ALA F 119 19.89 20.94 -57.87
C ALA F 119 20.00 19.42 -57.78
N SER F 120 21.01 18.87 -58.46
CA SER F 120 21.24 17.42 -58.52
C SER F 120 22.45 17.01 -57.69
N THR F 121 22.55 15.70 -57.42
CA THR F 121 23.56 15.11 -56.52
C THR F 121 24.98 15.59 -56.80
N LYS F 122 25.74 15.84 -55.73
CA LYS F 122 27.12 16.30 -55.82
C LYS F 122 27.94 15.93 -54.59
N GLY F 123 29.11 15.33 -54.83
CA GLY F 123 30.11 15.13 -53.78
C GLY F 123 30.74 16.47 -53.38
N PRO F 124 31.31 16.53 -52.16
CA PRO F 124 31.87 17.78 -51.66
C PRO F 124 33.28 18.09 -52.19
N SER F 125 33.75 19.28 -51.86
CA SER F 125 35.14 19.67 -52.03
C SER F 125 35.70 20.08 -50.66
N VAL F 126 36.49 19.18 -50.06
CA VAL F 126 37.03 19.38 -48.71
C VAL F 126 38.27 20.29 -48.77
N PHE F 127 38.38 21.20 -47.78
CA PHE F 127 39.51 22.15 -47.68
C PHE F 127 40.00 22.29 -46.24
N PRO F 128 41.32 22.46 -46.05
CA PRO F 128 41.84 22.64 -44.70
C PRO F 128 41.62 24.05 -44.16
N LEU F 129 41.58 24.14 -42.83
CA LEU F 129 41.57 25.41 -42.13
C LEU F 129 42.72 25.40 -41.13
N ALA F 130 43.89 25.80 -41.63
CA ALA F 130 45.15 25.74 -40.88
C ALA F 130 45.26 26.91 -39.89
N PRO F 131 45.95 26.69 -38.75
CA PRO F 131 46.04 27.71 -37.72
C PRO F 131 47.11 28.77 -38.01
N SER F 132 46.89 29.98 -37.52
CA SER F 132 47.90 31.06 -37.56
C SER F 132 48.96 30.80 -36.49
N SER F 133 50.21 30.57 -36.93
CA SER F 133 51.30 30.27 -36.00
C SER F 133 51.69 31.42 -35.07
N LYS F 134 51.56 32.67 -35.57
CA LYS F 134 51.75 33.88 -34.76
C LYS F 134 50.39 34.30 -34.17
N SER F 135 49.98 33.57 -33.12
CA SER F 135 48.72 33.78 -32.38
C SER F 135 48.99 34.10 -30.89
N THR F 136 49.99 34.95 -30.67
CA THR F 136 50.48 35.37 -29.33
C THR F 136 50.96 34.21 -28.41
N SER F 137 51.28 33.06 -29.01
CA SER F 137 51.75 31.86 -28.28
C SER F 137 50.76 31.42 -27.19
N GLY F 138 49.47 31.41 -27.55
CA GLY F 138 48.40 31.00 -26.63
C GLY F 138 48.47 29.51 -26.33
N GLY F 139 47.77 29.11 -25.28
CA GLY F 139 47.88 27.75 -24.76
C GLY F 139 47.13 26.77 -25.64
N THR F 140 45.94 27.17 -26.07
CA THR F 140 45.05 26.37 -26.93
C THR F 140 44.92 27.03 -28.32
N ALA F 141 45.15 26.23 -29.38
CA ALA F 141 44.94 26.66 -30.78
C ALA F 141 43.84 25.85 -31.48
N ALA F 142 43.23 26.47 -32.49
CA ALA F 142 42.07 25.88 -33.19
C ALA F 142 42.41 25.37 -34.59
N LEU F 143 41.80 24.23 -34.95
CA LEU F 143 41.99 23.58 -36.26
C LEU F 143 40.68 23.11 -36.83
N GLY F 144 40.53 23.22 -38.15
CA GLY F 144 39.27 22.92 -38.81
C GLY F 144 39.37 22.27 -40.16
N CYS F 145 38.18 21.88 -40.64
CA CYS F 145 38.02 21.21 -41.93
C CYS F 145 36.74 21.72 -42.62
N LEU F 146 36.91 22.37 -43.76
CA LEU F 146 35.81 22.95 -44.53
C LEU F 146 35.20 21.92 -45.47
N VAL F 147 33.87 21.87 -45.52
CA VAL F 147 33.13 21.00 -46.45
C VAL F 147 32.21 21.86 -47.32
N LYS F 148 32.63 22.11 -48.56
CA LYS F 148 31.92 23.03 -49.44
C LYS F 148 31.39 22.37 -50.72
N ASP F 149 30.24 22.87 -51.17
CA ASP F 149 29.63 22.54 -52.48
C ASP F 149 29.32 21.05 -52.62
N TYR F 150 28.29 20.65 -51.88
CA TYR F 150 27.74 19.30 -51.97
C TYR F 150 26.22 19.35 -51.95
N PHE F 151 25.63 18.22 -52.33
CA PHE F 151 24.18 18.05 -52.34
C PHE F 151 23.86 16.55 -52.46
N PRO F 152 22.87 16.07 -51.68
CA PRO F 152 22.06 16.72 -50.66
C PRO F 152 22.67 16.50 -49.27
N GLU F 153 21.89 16.83 -48.23
CA GLU F 153 22.19 16.38 -46.87
C GLU F 153 21.99 14.85 -46.77
N PRO F 154 22.56 14.19 -45.74
CA PRO F 154 23.50 14.71 -44.77
C PRO F 154 24.91 14.22 -45.03
N VAL F 155 25.86 14.88 -44.38
CA VAL F 155 27.25 14.43 -44.31
C VAL F 155 27.55 14.04 -42.85
N THR F 156 28.39 13.02 -42.70
CA THR F 156 28.97 12.66 -41.41
C THR F 156 30.46 13.02 -41.40
N VAL F 157 30.93 13.54 -40.27
CA VAL F 157 32.34 13.93 -40.11
C VAL F 157 32.90 13.39 -38.79
N SER F 158 34.12 12.85 -38.87
CA SER F 158 34.89 12.44 -37.68
C SER F 158 36.34 12.94 -37.81
N TRP F 159 37.09 12.81 -36.72
CA TRP F 159 38.47 13.31 -36.64
C TRP F 159 39.43 12.22 -36.20
N ASN F 160 40.51 12.05 -36.97
CA ASN F 160 41.51 10.99 -36.77
C ASN F 160 40.83 9.62 -36.67
N SER F 161 39.96 9.36 -37.64
CA SER F 161 39.06 8.19 -37.66
C SER F 161 38.31 7.97 -36.33
N GLY F 162 37.71 9.06 -35.84
CA GLY F 162 36.94 9.05 -34.60
C GLY F 162 37.75 8.96 -33.31
N ALA F 163 39.06 9.18 -33.39
CA ALA F 163 39.94 9.09 -32.23
C ALA F 163 39.73 10.31 -31.33
N LEU F 164 39.64 11.49 -31.93
CA LEU F 164 39.40 12.74 -31.21
C LEU F 164 37.91 13.12 -31.21
N THR F 165 37.30 13.07 -30.03
CA THR F 165 35.87 13.39 -29.83
C THR F 165 35.66 14.68 -29.05
N SER F 166 36.38 14.81 -27.93
CA SER F 166 36.32 16.02 -27.10
C SER F 166 36.97 17.22 -27.80
N GLY F 167 36.37 18.38 -27.57
CA GLY F 167 36.75 19.63 -28.25
C GLY F 167 36.17 19.86 -29.63
N VAL F 168 35.44 18.88 -30.17
CA VAL F 168 34.95 18.91 -31.56
C VAL F 168 33.60 19.62 -31.67
N HIS F 169 33.44 20.42 -32.73
CA HIS F 169 32.18 21.11 -33.04
C HIS F 169 31.88 21.01 -34.53
N THR F 170 31.09 20.02 -34.92
CA THR F 170 30.56 19.93 -36.30
C THR F 170 29.29 20.77 -36.40
N PHE F 171 29.32 21.79 -37.26
CA PHE F 171 28.25 22.79 -37.35
C PHE F 171 27.03 22.31 -38.11
N PRO F 172 25.94 23.12 -38.09
CA PRO F 172 24.90 22.93 -39.08
C PRO F 172 25.33 23.40 -40.47
N ALA F 173 24.89 22.67 -41.48
CA ALA F 173 25.09 23.04 -42.87
C ALA F 173 24.23 24.25 -43.22
N VAL F 174 24.60 24.93 -44.31
CA VAL F 174 23.84 26.09 -44.81
C VAL F 174 23.68 26.03 -46.32
N LEU F 175 22.46 26.33 -46.77
CA LEU F 175 22.16 26.39 -48.19
C LEU F 175 22.75 27.68 -48.79
N GLN F 176 23.61 27.51 -49.79
CA GLN F 176 24.20 28.63 -50.55
C GLN F 176 23.26 29.10 -51.65
N SER F 177 23.58 30.27 -52.21
CA SER F 177 22.83 30.83 -53.37
C SER F 177 22.97 29.96 -54.62
N SER F 178 24.08 29.23 -54.72
CA SER F 178 24.32 28.24 -55.78
C SER F 178 23.33 27.06 -55.79
N GLY F 179 22.67 26.82 -54.65
CA GLY F 179 21.77 25.67 -54.48
C GLY F 179 22.43 24.48 -53.80
N LEU F 180 23.73 24.61 -53.51
CA LEU F 180 24.52 23.57 -52.86
C LEU F 180 24.71 23.86 -51.39
N TYR F 181 24.81 22.79 -50.61
CA TYR F 181 25.07 22.91 -49.17
C TYR F 181 26.53 23.19 -48.89
N SER F 182 26.80 23.63 -47.67
CA SER F 182 28.16 23.85 -47.19
C SER F 182 28.22 23.86 -45.68
N LEU F 183 29.17 23.09 -45.13
CA LEU F 183 29.37 23.03 -43.67
C LEU F 183 30.84 22.95 -43.29
N SER F 184 31.10 23.17 -42.01
CA SER F 184 32.44 23.10 -41.44
C SER F 184 32.43 22.35 -40.09
N SER F 185 33.52 21.66 -39.81
CA SER F 185 33.75 21.07 -38.47
C SER F 185 35.09 21.55 -37.94
N VAL F 186 35.13 21.74 -36.62
CA VAL F 186 36.32 22.31 -35.95
C VAL F 186 36.67 21.50 -34.71
N VAL F 187 37.98 21.51 -34.37
CA VAL F 187 38.49 21.02 -33.09
C VAL F 187 39.50 22.01 -32.45
N THR F 188 39.34 22.25 -31.15
CA THR F 188 40.37 22.93 -30.35
C THR F 188 41.46 21.93 -29.99
N VAL F 189 42.71 22.40 -30.03
CA VAL F 189 43.87 21.61 -29.60
C VAL F 189 44.84 22.46 -28.81
N PRO F 190 45.68 21.79 -28.00
CA PRO F 190 46.83 22.49 -27.45
C PRO F 190 47.82 22.95 -28.54
N SER F 191 48.17 24.24 -28.54
CA SER F 191 49.10 24.80 -29.53
C SER F 191 50.50 24.16 -29.51
N SER F 192 50.91 23.67 -28.34
CA SER F 192 52.17 22.92 -28.17
C SER F 192 52.18 21.54 -28.86
N SER F 193 51.00 20.95 -29.05
CA SER F 193 50.84 19.63 -29.70
C SER F 193 50.67 19.64 -31.23
N LEU F 194 50.72 20.82 -31.84
CA LEU F 194 50.54 20.99 -33.30
C LEU F 194 51.69 20.39 -34.13
N GLY F 195 52.93 20.53 -33.65
CA GLY F 195 54.11 20.04 -34.35
C GLY F 195 54.24 18.53 -34.47
N THR F 196 54.06 17.83 -33.34
CA THR F 196 54.18 16.36 -33.29
C THR F 196 53.00 15.68 -33.97
N GLN F 197 51.80 15.93 -33.45
CA GLN F 197 50.59 15.26 -33.91
C GLN F 197 49.97 15.94 -35.15
N THR F 198 50.01 15.23 -36.27
CA THR F 198 49.26 15.61 -37.47
C THR F 198 47.77 15.35 -37.20
N TYR F 199 46.92 16.16 -37.84
CA TYR F 199 45.47 16.09 -37.66
C TYR F 199 44.72 15.88 -38.98
N ILE F 200 43.94 14.78 -39.03
CA ILE F 200 43.17 14.38 -40.23
C ILE F 200 41.66 14.43 -39.93
N CYS F 201 40.90 15.13 -40.78
CA CYS F 201 39.42 15.11 -40.75
C CYS F 201 38.93 14.06 -41.75
N ASN F 202 37.89 13.33 -41.35
CA ASN F 202 37.29 12.27 -42.18
C ASN F 202 35.87 12.65 -42.57
N VAL F 203 35.62 12.72 -43.88
CA VAL F 203 34.35 13.22 -44.43
C VAL F 203 33.65 12.15 -45.26
N ASN F 204 32.41 11.85 -44.91
CA ASN F 204 31.58 10.86 -45.60
C ASN F 204 30.31 11.48 -46.21
N HIS F 205 30.09 11.22 -47.50
CA HIS F 205 28.85 11.59 -48.19
C HIS F 205 28.22 10.37 -48.89
N LYS F 206 27.37 9.65 -48.17
CA LYS F 206 26.73 8.41 -48.67
C LYS F 206 25.86 8.55 -49.93
N PRO F 207 25.16 9.69 -50.09
CA PRO F 207 24.37 9.90 -51.31
C PRO F 207 25.17 9.91 -52.63
N SER F 208 26.40 10.43 -52.61
CA SER F 208 27.28 10.44 -53.78
C SER F 208 28.40 9.38 -53.71
N ASN F 209 28.29 8.45 -52.76
CA ASN F 209 29.31 7.41 -52.48
C ASN F 209 30.75 7.92 -52.38
N THR F 210 30.93 9.10 -51.78
CA THR F 210 32.26 9.72 -51.64
C THR F 210 32.76 9.72 -50.18
N LYS F 211 33.92 9.08 -49.97
CA LYS F 211 34.64 9.11 -48.69
C LYS F 211 35.94 9.87 -48.89
N VAL F 212 36.16 10.89 -48.05
CA VAL F 212 37.33 11.78 -48.16
C VAL F 212 38.07 11.85 -46.81
N ASP F 213 39.40 11.77 -46.89
CA ASP F 213 40.29 12.00 -45.75
C ASP F 213 41.27 13.11 -46.14
N LYS F 214 41.30 14.19 -45.36
CA LYS F 214 42.14 15.35 -45.64
C LYS F 214 42.96 15.77 -44.41
N ARG F 215 44.24 16.10 -44.63
CA ARG F 215 45.16 16.52 -43.56
C ARG F 215 45.04 18.01 -43.24
N VAL F 216 45.43 18.38 -42.01
CA VAL F 216 45.50 19.79 -41.58
C VAL F 216 46.86 20.00 -40.87
N GLU F 217 47.69 20.88 -41.44
CA GLU F 217 49.07 21.16 -40.96
C GLU F 217 49.32 22.68 -40.88
N PRO F 218 50.25 23.12 -39.99
CA PRO F 218 50.51 24.58 -39.83
C PRO F 218 51.17 25.28 -41.03
N LYS F 219 51.05 26.61 -41.05
CA LYS F 219 51.67 27.48 -42.08
C LYS F 219 50.82 27.51 -43.34
N GLU G 1 -8.71 29.47 -38.89
CA GLU G 1 -7.86 28.74 -37.90
C GLU G 1 -7.94 29.36 -36.52
N ILE G 2 -8.05 28.52 -35.50
CA ILE G 2 -7.78 28.96 -34.13
C ILE G 2 -6.28 29.08 -33.98
N VAL G 3 -5.83 30.25 -33.54
CA VAL G 3 -4.42 30.54 -33.35
C VAL G 3 -3.99 30.24 -31.92
N MET G 4 -3.03 29.32 -31.78
CA MET G 4 -2.39 29.06 -30.49
C MET G 4 -1.13 29.89 -30.39
N THR G 5 -1.01 30.62 -29.28
CA THR G 5 0.09 31.54 -29.02
C THR G 5 0.81 31.13 -27.75
N GLN G 6 2.08 30.75 -27.88
CA GLN G 6 2.88 30.27 -26.76
C GLN G 6 3.90 31.29 -26.29
N SER G 7 3.90 31.53 -24.98
CA SER G 7 4.84 32.45 -24.36
C SER G 7 5.52 31.79 -23.12
N PRO G 8 6.81 32.06 -22.90
CA PRO G 8 7.68 32.87 -23.74
C PRO G 8 8.18 32.05 -24.91
N ALA G 9 8.83 32.71 -25.85
CA ALA G 9 9.43 32.05 -27.01
C ALA G 9 10.56 31.13 -26.56
N THR G 10 11.39 31.64 -25.67
CA THR G 10 12.48 30.87 -25.06
C THR G 10 12.54 31.11 -23.58
N LEU G 11 13.27 30.24 -22.88
CA LEU G 11 13.33 30.26 -21.42
C LEU G 11 14.66 29.72 -20.89
N SER G 12 15.55 30.65 -20.54
CA SER G 12 16.85 30.31 -19.98
C SER G 12 16.71 30.00 -18.50
N VAL G 13 16.91 28.74 -18.13
CA VAL G 13 16.76 28.26 -16.74
C VAL G 13 17.89 27.27 -16.45
N SER G 14 18.12 26.94 -15.17
CA SER G 14 19.05 25.86 -14.79
C SER G 14 18.31 24.64 -14.22
N PRO G 15 18.99 23.49 -14.07
CA PRO G 15 18.35 22.32 -13.50
C PRO G 15 17.95 22.57 -12.06
N GLY G 16 16.89 21.91 -11.63
CA GLY G 16 16.39 22.02 -10.26
C GLY G 16 15.35 23.12 -10.05
N GLU G 17 15.14 23.98 -11.06
CA GLU G 17 14.16 25.07 -11.00
C GLU G 17 12.78 24.67 -11.56
N ARG G 18 11.76 25.38 -11.11
CA ARG G 18 10.42 25.28 -11.70
C ARG G 18 10.39 26.04 -13.02
N ALA G 19 9.68 25.47 -13.99
CA ALA G 19 9.40 26.15 -15.28
C ALA G 19 7.92 26.21 -15.47
N THR G 20 7.40 27.37 -15.85
CA THR G 20 5.99 27.56 -16.19
C THR G 20 5.90 28.10 -17.59
N LEU G 21 5.40 27.27 -18.52
CA LEU G 21 5.16 27.69 -19.90
C LEU G 21 3.68 27.95 -20.06
N SER G 22 3.33 29.07 -20.70
CA SER G 22 1.93 29.37 -20.98
C SER G 22 1.63 29.17 -22.46
N CYS G 23 0.34 28.93 -22.74
CA CYS G 23 -0.17 28.73 -24.10
C CYS G 23 -1.56 29.38 -24.16
N ARG G 24 -1.64 30.54 -24.80
CA ARG G 24 -2.91 31.25 -25.01
C ARG G 24 -3.56 30.78 -26.30
N ALA G 25 -4.90 30.83 -26.32
CA ALA G 25 -5.70 30.48 -27.50
C ALA G 25 -6.58 31.66 -27.92
N SER G 26 -6.74 31.82 -29.22
CA SER G 26 -7.49 32.95 -29.80
C SER G 26 -9.01 32.85 -29.64
N GLN G 27 -9.48 31.65 -29.35
CA GLN G 27 -10.88 31.39 -29.03
C GLN G 27 -10.89 30.36 -27.89
N SER G 28 -11.97 30.32 -27.12
CA SER G 28 -12.12 29.28 -26.09
C SER G 28 -12.06 27.89 -26.74
N ILE G 29 -11.37 26.97 -26.08
CA ILE G 29 -11.01 25.64 -26.60
C ILE G 29 -11.44 24.57 -25.56
N SER G 30 -12.32 24.93 -24.63
CA SER G 30 -12.71 24.04 -23.54
C SER G 30 -11.46 23.50 -22.85
N ASN G 31 -11.38 22.19 -22.56
CA ASN G 31 -10.15 21.55 -22.07
C ASN G 31 -9.26 20.98 -23.18
N ASN G 32 -9.58 21.26 -24.44
CA ASN G 32 -9.04 20.50 -25.55
C ASN G 32 -7.62 20.94 -25.95
N LEU G 33 -6.72 20.94 -24.97
CA LEU G 33 -5.34 21.42 -25.14
C LEU G 33 -4.37 20.30 -24.72
N HIS G 34 -3.37 20.07 -25.57
CA HIS G 34 -2.44 18.95 -25.45
C HIS G 34 -1.03 19.48 -25.58
N TRP G 35 -0.14 18.99 -24.70
CA TRP G 35 1.26 19.40 -24.71
C TRP G 35 2.14 18.29 -25.23
N TYR G 36 3.18 18.69 -25.96
CA TYR G 36 4.17 17.76 -26.50
C TYR G 36 5.56 18.28 -26.22
N GLN G 37 6.49 17.35 -26.08
CA GLN G 37 7.91 17.65 -25.92
C GLN G 37 8.63 17.15 -27.13
N GLN G 38 9.39 18.04 -27.78
CA GLN G 38 10.33 17.62 -28.82
C GLN G 38 11.74 17.93 -28.36
N LYS G 39 12.57 16.89 -28.31
CA LYS G 39 13.98 17.05 -28.01
C LYS G 39 14.74 17.14 -29.30
N PRO G 40 15.94 17.74 -29.24
CA PRO G 40 16.72 17.90 -30.46
C PRO G 40 17.00 16.58 -31.13
N GLY G 41 16.82 16.57 -32.45
CA GLY G 41 17.10 15.41 -33.28
C GLY G 41 16.16 14.23 -33.10
N GLN G 42 14.94 14.50 -32.65
CA GLN G 42 13.97 13.43 -32.58
C GLN G 42 12.52 13.91 -32.69
N ALA G 43 11.64 12.93 -32.77
CA ALA G 43 10.22 13.13 -32.95
C ALA G 43 9.57 13.61 -31.65
N PRO G 44 8.47 14.38 -31.74
CA PRO G 44 7.78 14.80 -30.51
C PRO G 44 7.11 13.69 -29.74
N ARG G 45 7.04 13.87 -28.43
CA ARG G 45 6.37 12.95 -27.50
C ARG G 45 5.23 13.66 -26.76
N LEU G 46 4.07 13.03 -26.67
CA LEU G 46 2.93 13.61 -25.92
C LEU G 46 3.24 13.61 -24.44
N LEU G 47 3.09 14.76 -23.78
CA LEU G 47 3.30 14.87 -22.32
C LEU G 47 1.99 14.84 -21.56
N ILE G 48 1.06 15.68 -22.00
CA ILE G 48 -0.20 15.91 -21.27
C ILE G 48 -1.36 16.00 -22.26
N LYS G 49 -2.48 15.40 -21.86
CA LYS G 49 -3.71 15.45 -22.64
C LYS G 49 -4.81 16.19 -21.85
N PHE G 50 -5.74 16.80 -22.59
CA PHE G 50 -6.92 17.50 -22.05
C PHE G 50 -6.58 18.46 -20.93
N ALA G 51 -5.56 19.29 -21.19
CA ALA G 51 -5.06 20.33 -20.26
C ALA G 51 -4.27 19.82 -19.06
N SER G 52 -4.87 18.92 -18.27
CA SER G 52 -4.30 18.47 -16.99
C SER G 52 -4.07 16.96 -16.84
N GLN G 53 -4.45 16.14 -17.82
CA GLN G 53 -4.41 14.68 -17.66
C GLN G 53 -3.06 14.12 -18.07
N SER G 54 -2.45 13.36 -17.17
CA SER G 54 -1.12 12.78 -17.36
C SER G 54 -1.14 11.53 -18.21
N ILE G 55 -0.01 11.30 -18.89
CA ILE G 55 0.21 10.17 -19.79
C ILE G 55 1.17 9.14 -19.16
N THR G 56 0.88 7.85 -19.35
CA THR G 56 1.74 6.83 -18.75
C THR G 56 3.13 6.87 -19.40
N GLY G 57 4.14 6.54 -18.59
CA GLY G 57 5.55 6.60 -18.99
C GLY G 57 6.18 7.98 -18.96
N ILE G 58 5.50 8.96 -18.35
CA ILE G 58 5.98 10.37 -18.29
C ILE G 58 6.12 10.85 -16.85
N PRO G 59 7.27 11.51 -16.53
CA PRO G 59 7.51 11.92 -15.14
C PRO G 59 6.43 12.75 -14.49
N ALA G 60 6.25 12.48 -13.19
CA ALA G 60 5.24 13.15 -12.37
C ALA G 60 5.45 14.66 -12.27
N ARG G 61 6.70 15.11 -12.40
CA ARG G 61 7.04 16.52 -12.30
C ARG G 61 6.32 17.39 -13.34
N PHE G 62 6.13 16.84 -14.54
CA PHE G 62 5.33 17.47 -15.59
C PHE G 62 3.87 17.55 -15.14
N SER G 63 3.27 18.71 -15.37
CA SER G 63 1.93 19.04 -14.90
C SER G 63 1.29 20.13 -15.76
N GLY G 64 0.01 19.95 -16.06
CA GLY G 64 -0.72 20.91 -16.88
C GLY G 64 -1.91 21.49 -16.17
N SER G 65 -2.30 22.68 -16.62
CA SER G 65 -3.42 23.42 -16.06
C SER G 65 -4.06 24.24 -17.16
N GLY G 66 -5.30 24.67 -16.92
CA GLY G 66 -5.97 25.61 -17.80
C GLY G 66 -7.32 25.19 -18.31
N SER G 67 -8.02 26.17 -18.87
CA SER G 67 -9.28 25.95 -19.54
C SER G 67 -9.57 27.18 -20.38
N GLY G 68 -10.58 27.10 -21.24
CA GLY G 68 -10.94 28.18 -22.12
C GLY G 68 -9.83 28.64 -23.05
N THR G 69 -9.25 29.82 -22.80
CA THR G 69 -8.20 30.39 -23.68
C THR G 69 -6.79 30.34 -23.12
N GLU G 70 -6.65 30.18 -21.80
CA GLU G 70 -5.33 30.24 -21.17
C GLU G 70 -5.00 28.92 -20.45
N PHE G 71 -3.86 28.35 -20.86
CA PHE G 71 -3.35 27.10 -20.32
C PHE G 71 -1.87 27.22 -20.00
N THR G 72 -1.44 26.46 -19.01
CA THR G 72 -0.05 26.48 -18.54
C THR G 72 0.51 25.07 -18.28
N LEU G 73 1.64 24.77 -18.90
CA LEU G 73 2.46 23.59 -18.57
C LEU G 73 3.47 23.99 -17.50
N THR G 74 3.70 23.09 -16.55
CA THR G 74 4.62 23.34 -15.43
C THR G 74 5.50 22.14 -15.12
N ILE G 75 6.80 22.39 -15.03
CA ILE G 75 7.78 21.34 -14.71
C ILE G 75 8.37 21.66 -13.33
N SER G 76 8.01 20.88 -12.31
CA SER G 76 8.26 21.24 -10.91
C SER G 76 9.75 21.33 -10.53
N SER G 77 10.60 20.55 -11.19
CA SER G 77 12.06 20.73 -11.05
C SER G 77 12.80 20.16 -12.25
N LEU G 78 13.44 21.05 -13.02
CA LEU G 78 14.04 20.67 -14.30
C LEU G 78 15.19 19.68 -14.15
N GLN G 79 15.48 19.01 -15.25
CA GLN G 79 16.59 18.06 -15.38
C GLN G 79 17.13 18.18 -16.80
N SER G 80 18.40 17.86 -17.00
CA SER G 80 19.07 18.05 -18.30
C SER G 80 18.30 17.44 -19.49
N GLU G 81 17.64 16.31 -19.26
CA GLU G 81 16.75 15.68 -20.25
C GLU G 81 15.62 16.64 -20.72
N ASP G 82 15.12 17.45 -19.80
CA ASP G 82 13.98 18.34 -20.06
C ASP G 82 14.26 19.58 -20.90
N PHE G 83 15.52 19.88 -21.18
CA PHE G 83 15.87 21.07 -21.97
C PHE G 83 15.66 20.83 -23.44
N ALA G 84 14.51 21.31 -23.91
CA ALA G 84 13.99 20.93 -25.20
C ALA G 84 12.84 21.86 -25.58
N VAL G 85 12.34 21.72 -26.80
CA VAL G 85 11.21 22.52 -27.25
C VAL G 85 9.92 21.88 -26.75
N TYR G 86 8.96 22.73 -26.38
CA TYR G 86 7.64 22.31 -25.93
C TYR G 86 6.54 22.99 -26.74
N TYR G 87 5.69 22.19 -27.39
CA TYR G 87 4.55 22.69 -28.19
C TYR G 87 3.21 22.36 -27.54
N CYS G 88 2.26 23.28 -27.70
CA CYS G 88 0.88 23.04 -27.30
C CYS G 88 0.04 22.88 -28.55
N GLN G 89 -1.02 22.08 -28.46
CA GLN G 89 -1.87 21.77 -29.62
C GLN G 89 -3.33 21.59 -29.23
N GLN G 90 -4.21 22.18 -30.05
CA GLN G 90 -5.65 22.22 -29.78
C GLN G 90 -6.31 21.20 -30.68
N GLY G 91 -7.33 20.54 -30.14
CA GLY G 91 -8.09 19.55 -30.88
C GLY G 91 -9.56 19.87 -30.94
N ASN G 92 -9.95 21.05 -30.46
CA ASN G 92 -11.35 21.47 -30.44
C ASN G 92 -11.95 21.81 -31.78
N SER G 93 -11.17 22.41 -32.66
CA SER G 93 -11.67 22.81 -33.98
C SER G 93 -10.77 22.43 -35.14
N TRP G 94 -11.37 21.94 -36.22
CA TRP G 94 -10.67 21.78 -37.48
C TRP G 94 -10.41 23.19 -38.03
N PRO G 95 -9.19 23.47 -38.50
CA PRO G 95 -8.03 22.60 -38.52
C PRO G 95 -7.34 22.64 -37.19
N TYR G 96 -6.79 21.51 -36.79
CA TYR G 96 -5.97 21.41 -35.60
C TYR G 96 -4.73 22.29 -35.76
N THR G 97 -4.33 22.94 -34.67
CA THR G 97 -3.32 23.99 -34.72
C THR G 97 -2.39 23.92 -33.51
N PHE G 98 -1.12 24.18 -33.79
CA PHE G 98 -0.09 24.11 -32.79
C PHE G 98 0.33 25.50 -32.38
N GLY G 99 0.84 25.60 -31.17
CA GLY G 99 1.60 26.75 -30.75
C GLY G 99 2.94 26.78 -31.46
N GLN G 100 3.64 27.90 -31.35
CA GLN G 100 4.94 28.06 -32.02
C GLN G 100 6.13 27.51 -31.26
N GLY G 101 5.91 26.98 -30.07
CA GLY G 101 6.93 26.29 -29.31
C GLY G 101 7.64 27.21 -28.34
N THR G 102 7.99 26.66 -27.19
CA THR G 102 8.86 27.33 -26.23
C THR G 102 10.11 26.49 -26.02
N LYS G 103 11.26 27.03 -26.42
CA LYS G 103 12.55 26.35 -26.28
C LYS G 103 13.18 26.66 -24.93
N LEU G 104 13.39 25.62 -24.12
CA LEU G 104 14.11 25.78 -22.86
C LEU G 104 15.59 25.62 -23.11
N GLU G 105 16.37 26.53 -22.55
CA GLU G 105 17.83 26.45 -22.65
C GLU G 105 18.50 26.67 -21.28
N ILE G 106 19.69 26.08 -21.13
CA ILE G 106 20.41 26.10 -19.85
C ILE G 106 20.96 27.52 -19.60
N LYS G 107 20.81 27.98 -18.36
CA LYS G 107 21.30 29.30 -17.93
C LYS G 107 22.58 29.14 -17.12
N ARG G 108 23.64 29.79 -17.58
CA ARG G 108 24.98 29.60 -17.02
C ARG G 108 25.77 30.90 -17.04
N THR G 109 26.94 30.87 -16.42
CA THR G 109 27.84 32.02 -16.36
C THR G 109 28.24 32.50 -17.75
N VAL G 110 28.42 33.81 -17.88
CA VAL G 110 28.86 34.40 -19.13
C VAL G 110 30.23 33.85 -19.49
N ALA G 111 30.43 33.56 -20.77
CA ALA G 111 31.71 33.06 -21.28
C ALA G 111 32.02 33.72 -22.62
N ALA G 112 33.14 34.45 -22.66
CA ALA G 112 33.59 35.12 -23.87
C ALA G 112 34.04 34.08 -24.89
N PRO G 113 33.85 34.37 -26.19
CA PRO G 113 34.22 33.37 -27.19
C PRO G 113 35.72 33.31 -27.43
N SER G 114 36.25 32.09 -27.52
CA SER G 114 37.61 31.86 -28.02
C SER G 114 37.55 32.03 -29.53
N VAL G 115 37.98 33.21 -30.02
CA VAL G 115 37.87 33.58 -31.43
C VAL G 115 39.13 33.18 -32.21
N PHE G 116 38.90 32.62 -33.39
CA PHE G 116 39.97 32.21 -34.32
C PHE G 116 39.57 32.58 -35.75
N ILE G 117 40.57 32.87 -36.60
CA ILE G 117 40.34 33.13 -38.04
C ILE G 117 41.15 32.13 -38.88
N PHE G 118 40.54 31.70 -39.99
CA PHE G 118 41.15 30.72 -40.91
C PHE G 118 41.06 31.20 -42.35
N PRO G 119 42.22 31.35 -43.02
CA PRO G 119 42.21 31.82 -44.41
C PRO G 119 41.75 30.74 -45.39
N PRO G 120 41.52 31.13 -46.67
CA PRO G 120 41.19 30.11 -47.66
C PRO G 120 42.42 29.29 -48.01
N SER G 121 42.23 28.00 -48.21
CA SER G 121 43.34 27.08 -48.44
C SER G 121 44.01 27.30 -49.80
N ASP G 122 45.22 26.78 -49.93
CA ASP G 122 45.99 26.81 -51.19
C ASP G 122 45.17 26.18 -52.33
N GLU G 123 44.56 25.04 -52.03
CA GLU G 123 43.73 24.27 -52.98
C GLU G 123 42.49 25.03 -53.47
N GLN G 124 41.86 25.80 -52.57
CA GLN G 124 40.69 26.63 -52.94
C GLN G 124 41.03 27.72 -53.94
N LEU G 125 42.16 28.38 -53.71
CA LEU G 125 42.66 29.41 -54.61
C LEU G 125 42.96 28.88 -56.03
N LYS G 126 43.31 27.60 -56.12
CA LYS G 126 43.43 26.89 -57.42
C LYS G 126 42.11 26.92 -58.19
N SER G 127 41.03 26.62 -57.48
CA SER G 127 39.70 26.54 -58.07
C SER G 127 39.15 27.88 -58.57
N GLY G 128 39.54 28.96 -57.90
CA GLY G 128 39.13 30.33 -58.28
C GLY G 128 38.16 31.00 -57.31
N THR G 129 37.46 30.20 -56.51
CA THR G 129 36.65 30.72 -55.39
C THR G 129 37.48 30.75 -54.12
N ALA G 130 37.16 31.68 -53.23
CA ALA G 130 37.90 31.84 -51.96
C ALA G 130 36.94 32.07 -50.80
N SER G 131 37.02 31.19 -49.80
CA SER G 131 36.15 31.25 -48.62
C SER G 131 36.95 31.44 -47.34
N VAL G 132 36.83 32.64 -46.76
CA VAL G 132 37.46 32.96 -45.48
C VAL G 132 36.51 32.50 -44.37
N VAL G 133 37.08 32.00 -43.28
CA VAL G 133 36.30 31.45 -42.16
C VAL G 133 36.68 32.14 -40.86
N CYS G 134 35.67 32.66 -40.15
CA CYS G 134 35.84 33.20 -38.79
C CYS G 134 35.09 32.30 -37.80
N LEU G 135 35.80 31.80 -36.80
CA LEU G 135 35.24 30.89 -35.79
C LEU G 135 35.12 31.55 -34.42
N LEU G 136 33.94 31.41 -33.81
CA LEU G 136 33.70 31.80 -32.42
C LEU G 136 33.33 30.54 -31.64
N ASN G 137 34.12 30.20 -30.62
CA ASN G 137 33.98 28.89 -29.97
C ASN G 137 33.75 28.94 -28.45
N ASN G 138 32.89 28.02 -27.97
CA ASN G 138 32.58 27.83 -26.54
C ASN G 138 32.28 29.13 -25.81
N PHE G 139 31.13 29.71 -26.13
CA PHE G 139 30.69 30.97 -25.53
C PHE G 139 29.26 30.90 -25.01
N TYR G 140 28.93 31.91 -24.21
CA TYR G 140 27.58 32.08 -23.67
C TYR G 140 27.36 33.54 -23.30
N PRO G 141 26.18 34.11 -23.62
CA PRO G 141 25.02 33.52 -24.30
C PRO G 141 25.17 33.40 -25.82
N ARG G 142 24.17 32.79 -26.45
CA ARG G 142 24.10 32.64 -27.91
C ARG G 142 24.21 33.98 -28.66
N GLU G 143 23.60 35.00 -28.07
CA GLU G 143 23.54 36.33 -28.66
C GLU G 143 24.94 36.88 -28.91
N ALA G 144 25.31 36.92 -30.18
CA ALA G 144 26.62 37.44 -30.62
C ALA G 144 26.48 38.06 -32.01
N LYS G 145 27.43 38.92 -32.37
CA LYS G 145 27.43 39.63 -33.66
C LYS G 145 28.82 39.67 -34.28
N VAL G 146 28.88 39.55 -35.61
CA VAL G 146 30.13 39.57 -36.38
C VAL G 146 30.04 40.63 -37.48
N GLN G 147 31.15 41.34 -37.70
CA GLN G 147 31.29 42.28 -38.83
C GLN G 147 32.60 42.02 -39.59
N TRP G 148 32.46 41.53 -40.83
CA TRP G 148 33.62 41.30 -41.71
C TRP G 148 34.15 42.61 -42.32
N LYS G 149 35.41 42.90 -42.01
CA LYS G 149 36.10 44.11 -42.48
C LYS G 149 37.27 43.76 -43.38
N VAL G 150 37.14 44.08 -44.69
CA VAL G 150 38.21 43.93 -45.67
C VAL G 150 38.77 45.31 -46.00
N ASP G 151 39.94 45.61 -45.45
CA ASP G 151 40.56 46.95 -45.52
C ASP G 151 39.61 48.03 -44.97
N ASN G 152 39.08 47.76 -43.77
CA ASN G 152 38.05 48.59 -43.08
C ASN G 152 36.75 48.84 -43.86
N ALA G 153 36.36 47.87 -44.68
CA ALA G 153 35.14 47.95 -45.49
C ALA G 153 34.08 46.99 -44.93
N LEU G 154 33.02 47.57 -44.37
CA LEU G 154 31.90 46.79 -43.84
C LEU G 154 31.19 46.06 -44.98
N GLN G 155 31.39 44.75 -45.06
CA GLN G 155 30.78 43.92 -46.10
C GLN G 155 29.39 43.49 -45.66
N SER G 156 28.53 43.20 -46.64
CA SER G 156 27.16 42.74 -46.37
C SER G 156 26.63 41.80 -47.48
N GLY G 157 25.90 40.77 -47.05
CA GLY G 157 25.25 39.82 -47.96
C GLY G 157 26.12 38.78 -48.66
N ASN G 158 27.41 38.75 -48.32
CA ASN G 158 28.38 37.78 -48.86
C ASN G 158 28.94 36.86 -47.78
N SER G 159 28.33 36.84 -46.59
CA SER G 159 28.69 35.88 -45.55
C SER G 159 27.44 35.17 -45.02
N GLN G 160 27.65 33.96 -44.52
CA GLN G 160 26.60 33.15 -43.90
C GLN G 160 27.11 32.54 -42.60
N GLU G 161 26.25 32.54 -41.57
CA GLU G 161 26.57 31.99 -40.25
C GLU G 161 25.90 30.63 -40.01
N SER G 162 26.45 29.88 -39.05
CA SER G 162 25.79 28.69 -38.49
C SER G 162 26.21 28.54 -37.04
N VAL G 163 25.28 28.06 -36.21
CA VAL G 163 25.46 28.00 -34.76
C VAL G 163 25.10 26.61 -34.27
N THR G 164 25.91 26.07 -33.38
CA THR G 164 25.63 24.78 -32.76
C THR G 164 24.55 24.90 -31.70
N GLU G 165 23.98 23.77 -31.32
CA GLU G 165 23.10 23.70 -30.15
C GLU G 165 23.96 23.78 -28.91
N GLN G 166 23.30 23.94 -27.76
CA GLN G 166 24.00 23.97 -26.47
C GLN G 166 24.79 22.71 -26.26
N ASP G 167 26.03 22.87 -25.81
CA ASP G 167 26.87 21.72 -25.51
C ASP G 167 26.26 20.95 -24.35
N SER G 168 26.17 19.63 -24.52
CA SER G 168 25.63 18.76 -23.49
C SER G 168 26.47 18.83 -22.22
N LYS G 169 27.78 18.95 -22.39
CA LYS G 169 28.72 18.96 -21.29
C LYS G 169 28.68 20.32 -20.55
N ASP G 170 29.14 21.39 -21.22
CA ASP G 170 29.33 22.73 -20.63
C ASP G 170 28.25 23.78 -20.91
N SER G 171 27.24 23.44 -21.73
CA SER G 171 26.13 24.37 -22.07
C SER G 171 26.54 25.66 -22.79
N THR G 172 27.65 25.62 -23.53
CA THR G 172 28.09 26.75 -24.31
C THR G 172 27.65 26.58 -25.76
N TYR G 173 27.81 27.68 -26.49
CA TYR G 173 27.59 27.71 -27.91
C TYR G 173 28.90 27.89 -28.66
N SER G 174 28.85 27.57 -29.94
CA SER G 174 29.94 27.85 -30.89
C SER G 174 29.32 28.26 -32.23
N LEU G 175 29.93 29.24 -32.90
CA LEU G 175 29.41 29.84 -34.13
C LEU G 175 30.50 29.88 -35.20
N SER G 176 30.10 29.77 -36.45
CA SER G 176 31.02 29.89 -37.60
C SER G 176 30.43 30.71 -38.74
N SER G 177 30.92 31.94 -38.92
CA SER G 177 30.61 32.77 -40.09
C SER G 177 31.67 32.61 -41.18
N THR G 178 31.22 32.56 -42.44
CA THR G 178 32.10 32.27 -43.58
C THR G 178 31.92 33.31 -44.71
N LEU G 179 32.94 34.14 -44.89
CA LEU G 179 32.95 35.14 -45.97
C LEU G 179 33.42 34.49 -47.26
N THR G 180 32.54 34.45 -48.25
CA THR G 180 32.84 33.85 -49.56
C THR G 180 32.97 34.92 -50.64
N LEU G 181 34.12 34.92 -51.34
CA LEU G 181 34.40 35.85 -52.45
C LEU G 181 35.26 35.18 -53.54
N SER G 182 35.11 35.66 -54.77
CA SER G 182 35.94 35.17 -55.88
C SER G 182 37.37 35.70 -55.74
N LYS G 183 38.32 34.98 -56.34
CA LYS G 183 39.75 35.33 -56.23
C LYS G 183 40.11 36.73 -56.76
N ALA G 184 39.32 37.23 -57.72
CA ALA G 184 39.43 38.61 -58.24
C ALA G 184 39.40 39.66 -57.13
N ASP G 185 38.36 39.60 -56.29
CA ASP G 185 38.24 40.48 -55.13
C ASP G 185 39.26 40.16 -54.03
N TYR G 186 39.54 38.87 -53.85
CA TYR G 186 40.45 38.40 -52.79
C TYR G 186 41.92 38.81 -52.98
N GLU G 187 42.41 38.71 -54.21
CA GLU G 187 43.81 39.05 -54.49
C GLU G 187 44.08 40.56 -54.33
N LYS G 188 43.18 41.38 -54.89
CA LYS G 188 43.29 42.86 -54.89
C LYS G 188 43.35 43.52 -53.50
N HIS G 189 42.74 42.89 -52.50
CA HIS G 189 42.80 43.36 -51.09
C HIS G 189 43.73 42.45 -50.28
N LYS G 190 44.17 42.95 -49.13
CA LYS G 190 45.25 42.33 -48.34
C LYS G 190 44.89 42.04 -46.89
N VAL G 191 44.40 43.07 -46.18
CA VAL G 191 44.00 42.91 -44.77
C VAL G 191 42.57 42.35 -44.71
N TYR G 192 42.40 41.30 -43.92
CA TYR G 192 41.11 40.64 -43.69
C TYR G 192 40.89 40.44 -42.21
N ALA G 193 39.66 40.74 -41.76
CA ALA G 193 39.33 40.68 -40.33
C ALA G 193 37.85 40.46 -40.05
N CYS G 194 37.56 39.95 -38.84
CA CYS G 194 36.18 39.84 -38.32
C CYS G 194 36.07 40.49 -36.93
N GLU G 195 35.32 41.59 -36.84
CA GLU G 195 35.02 42.25 -35.55
C GLU G 195 33.92 41.47 -34.86
N VAL G 196 34.22 40.93 -33.68
CA VAL G 196 33.27 40.14 -32.91
C VAL G 196 32.84 40.91 -31.67
N THR G 197 31.58 41.32 -31.63
CA THR G 197 31.00 41.95 -30.45
C THR G 197 30.28 40.90 -29.60
N HIS G 198 30.40 41.03 -28.28
CA HIS G 198 29.76 40.11 -27.35
C HIS G 198 29.70 40.70 -25.94
N GLN G 199 28.68 40.32 -25.19
CA GLN G 199 28.49 40.72 -23.79
C GLN G 199 29.71 40.42 -22.92
N GLY G 200 30.29 39.24 -23.10
CA GLY G 200 31.44 38.80 -22.32
C GLY G 200 32.78 39.48 -22.61
N LEU G 201 32.81 40.40 -23.57
CA LEU G 201 34.05 41.10 -23.97
C LEU G 201 34.21 42.53 -23.47
N SER G 202 33.09 43.26 -23.32
CA SER G 202 33.08 44.69 -22.95
C SER G 202 33.72 45.63 -23.98
N SER G 203 34.04 45.10 -25.17
CA SER G 203 34.84 45.80 -26.17
C SER G 203 34.92 44.90 -27.39
N PRO G 204 34.90 45.48 -28.61
CA PRO G 204 34.89 44.61 -29.78
C PRO G 204 36.25 43.95 -29.97
N VAL G 205 36.24 42.63 -30.08
CA VAL G 205 37.47 41.85 -30.30
C VAL G 205 37.57 41.53 -31.78
N THR G 206 38.76 41.76 -32.32
CA THR G 206 39.04 41.54 -33.74
C THR G 206 40.23 40.58 -33.87
N LYS G 207 40.09 39.59 -34.75
CA LYS G 207 41.22 38.79 -35.21
C LYS G 207 41.39 39.02 -36.70
N SER G 208 42.64 39.01 -37.17
CA SER G 208 42.96 39.39 -38.55
C SER G 208 44.22 38.73 -39.10
N PHE G 209 44.38 38.88 -40.41
CA PHE G 209 45.58 38.40 -41.11
C PHE G 209 45.84 39.15 -42.41
N ASN G 210 47.05 38.96 -42.92
CA ASN G 210 47.49 39.48 -44.21
C ASN G 210 47.77 38.34 -45.17
N ARG G 211 47.69 38.60 -46.47
CA ARG G 211 48.04 37.60 -47.48
C ARG G 211 49.56 37.30 -47.36
N GLY G 212 49.89 36.39 -46.44
CA GLY G 212 51.28 36.12 -46.05
C GLY G 212 51.36 35.43 -44.69
N GLU G 213 52.50 34.79 -44.43
CA GLU G 213 52.73 34.07 -43.16
C GLU G 213 53.39 34.97 -42.13
N VAL H 2 -43.95 25.09 -4.79
CA VAL H 2 -42.63 24.81 -4.14
C VAL H 2 -42.85 24.20 -2.75
N GLN H 3 -42.15 23.10 -2.48
CA GLN H 3 -42.18 22.43 -1.15
C GLN H 3 -40.86 21.72 -0.87
N LEU H 4 -40.53 21.58 0.42
CA LEU H 4 -39.42 20.73 0.87
C LEU H 4 -39.82 19.91 2.11
N VAL H 5 -40.32 18.69 1.86
CA VAL H 5 -40.74 17.79 2.94
C VAL H 5 -39.51 17.05 3.48
N GLN H 6 -39.31 17.15 4.80
CA GLN H 6 -38.24 16.42 5.49
C GLN H 6 -38.79 15.22 6.27
N SER H 7 -37.88 14.34 6.65
CA SER H 7 -38.20 13.12 7.43
C SER H 7 -38.68 13.43 8.85
N GLY H 8 -39.17 12.39 9.53
CA GLY H 8 -39.66 12.50 10.90
C GLY H 8 -38.55 12.67 11.92
N ALA H 9 -38.95 13.05 13.14
CA ALA H 9 -38.03 13.27 14.27
C ALA H 9 -37.38 11.96 14.74
N GLU H 10 -36.07 11.99 14.90
CA GLU H 10 -35.28 10.79 15.25
C GLU H 10 -34.74 10.89 16.69
N VAL H 11 -34.82 9.78 17.42
CA VAL H 11 -34.21 9.65 18.75
C VAL H 11 -33.20 8.51 18.66
N LYS H 12 -31.92 8.81 18.91
CA LYS H 12 -30.82 7.82 18.78
C LYS H 12 -29.78 7.93 19.90
N LYS H 13 -29.00 6.87 20.05
CA LYS H 13 -27.96 6.78 21.08
C LYS H 13 -26.57 7.18 20.54
N PRO H 14 -25.61 7.54 21.44
CA PRO H 14 -24.29 7.96 20.98
C PRO H 14 -23.54 6.86 20.25
N GLY H 15 -22.84 7.24 19.18
CA GLY H 15 -22.16 6.29 18.31
C GLY H 15 -22.99 5.89 17.10
N ALA H 16 -24.28 5.64 17.32
CA ALA H 16 -25.21 5.30 16.24
C ALA H 16 -25.36 6.44 15.26
N SER H 17 -25.50 6.10 13.97
CA SER H 17 -25.66 7.08 12.91
C SER H 17 -27.14 7.34 12.62
N VAL H 18 -27.41 8.35 11.79
CA VAL H 18 -28.78 8.66 11.33
C VAL H 18 -28.76 9.21 9.92
N LYS H 19 -29.66 8.69 9.08
CA LYS H 19 -29.85 9.19 7.72
C LYS H 19 -31.14 10.01 7.64
N VAL H 20 -30.99 11.30 7.33
CA VAL H 20 -32.11 12.24 7.20
C VAL H 20 -32.44 12.46 5.72
N SER H 21 -33.71 12.27 5.35
CA SER H 21 -34.18 12.54 3.99
C SER H 21 -34.80 13.93 3.86
N CYS H 22 -34.86 14.42 2.63
CA CYS H 22 -35.44 15.72 2.29
C CYS H 22 -35.98 15.67 0.85
N LYS H 23 -37.31 15.55 0.71
CA LYS H 23 -37.96 15.39 -0.60
C LYS H 23 -38.43 16.72 -1.16
N ALA H 24 -38.02 17.02 -2.38
CA ALA H 24 -38.28 18.31 -3.03
C ALA H 24 -39.31 18.22 -4.15
N SER H 25 -40.13 19.26 -4.29
CA SER H 25 -41.05 19.40 -5.42
C SER H 25 -41.26 20.86 -5.82
N GLY H 26 -41.71 21.07 -7.06
CA GLY H 26 -42.01 22.40 -7.59
C GLY H 26 -40.83 23.20 -8.12
N PHE H 27 -39.65 22.58 -8.24
CA PHE H 27 -38.46 23.23 -8.83
C PHE H 27 -37.37 22.20 -9.15
N ASN H 28 -36.38 22.60 -9.94
CA ASN H 28 -35.29 21.73 -10.38
C ASN H 28 -34.20 21.68 -9.32
N ILE H 29 -34.10 20.57 -8.60
CA ILE H 29 -32.97 20.33 -7.67
C ILE H 29 -31.64 20.66 -8.34
N LYS H 30 -31.45 20.16 -9.56
CA LYS H 30 -30.20 20.31 -10.32
C LYS H 30 -29.78 21.76 -10.62
N ASP H 31 -30.71 22.71 -10.54
CA ASP H 31 -30.35 24.11 -10.80
C ASP H 31 -29.20 24.64 -9.93
N THR H 32 -29.19 24.21 -8.68
CA THR H 32 -28.28 24.78 -7.70
C THR H 32 -27.99 23.83 -6.55
N HIS H 33 -27.06 24.31 -5.72
CA HIS H 33 -26.60 23.57 -4.57
C HIS H 33 -27.72 23.30 -3.56
N MET H 34 -27.75 22.07 -3.08
CA MET H 34 -28.55 21.71 -1.93
C MET H 34 -27.56 21.63 -0.81
N HIS H 35 -27.90 22.29 0.30
CA HIS H 35 -27.07 22.33 1.50
C HIS H 35 -27.87 21.80 2.68
N TRP H 36 -27.16 21.22 3.66
CA TRP H 36 -27.74 20.94 4.97
C TRP H 36 -27.18 21.89 6.03
N VAL H 37 -28.03 22.22 7.00
CA VAL H 37 -27.72 23.20 8.06
C VAL H 37 -28.17 22.71 9.44
N ARG H 38 -27.27 22.83 10.42
CA ARG H 38 -27.53 22.47 11.82
C ARG H 38 -28.03 23.68 12.58
N GLN H 39 -28.98 23.46 13.50
CA GLN H 39 -29.40 24.46 14.48
C GLN H 39 -29.59 23.82 15.85
N ALA H 40 -28.66 24.08 16.76
CA ALA H 40 -28.81 23.64 18.14
C ALA H 40 -30.04 24.31 18.78
N PRO H 41 -30.63 23.71 19.84
CA PRO H 41 -31.84 24.29 20.46
C PRO H 41 -31.71 25.77 20.83
N GLY H 42 -32.52 26.61 20.18
CA GLY H 42 -32.53 28.06 20.41
C GLY H 42 -31.15 28.69 20.31
N GLN H 43 -30.51 28.51 19.16
CA GLN H 43 -29.10 28.86 18.97
C GLN H 43 -28.75 29.22 17.52
N ARG H 44 -27.45 29.44 17.26
CA ARG H 44 -26.90 29.70 15.92
C ARG H 44 -27.25 28.67 14.86
N LEU H 45 -27.28 29.13 13.61
CA LEU H 45 -27.29 28.26 12.45
C LEU H 45 -25.85 27.94 12.06
N GLU H 46 -25.60 26.66 11.81
CA GLU H 46 -24.29 26.17 11.39
C GLU H 46 -24.44 25.43 10.06
N TRP H 47 -23.72 25.90 9.05
CA TRP H 47 -23.66 25.21 7.76
C TRP H 47 -22.85 23.92 7.92
N ILE H 48 -23.41 22.82 7.44
CA ILE H 48 -22.75 21.50 7.48
C ILE H 48 -21.97 21.21 6.19
N GLY H 49 -22.70 21.28 5.08
CA GLY H 49 -22.16 20.91 3.78
C GLY H 49 -23.12 21.16 2.64
N ARG H 50 -22.61 20.96 1.42
CA ARG H 50 -23.39 21.14 0.18
C ARG H 50 -23.08 20.07 -0.86
N ILE H 51 -24.05 19.85 -1.74
CA ILE H 51 -23.83 19.07 -2.96
C ILE H 51 -24.35 19.77 -4.21
N ASP H 52 -23.60 19.62 -5.30
CA ASP H 52 -24.06 19.94 -6.63
C ASP H 52 -24.82 18.71 -7.16
N PRO H 53 -26.17 18.70 -7.15
CA PRO H 53 -26.93 17.47 -7.46
C PRO H 53 -26.80 16.96 -8.88
N ALA H 54 -26.47 17.85 -9.81
CA ALA H 54 -26.11 17.46 -11.17
C ALA H 54 -24.89 16.52 -11.14
N ASN H 55 -23.83 16.97 -10.48
CA ASN H 55 -22.57 16.21 -10.31
C ASN H 55 -22.61 15.07 -9.29
N GLY H 56 -23.35 15.27 -8.20
CA GLY H 56 -23.19 14.49 -6.96
C GLY H 56 -21.97 14.92 -6.15
N ASN H 57 -21.45 16.10 -6.43
CA ASN H 57 -20.18 16.58 -5.89
C ASN H 57 -20.35 17.29 -4.56
N THR H 58 -19.77 16.71 -3.51
CA THR H 58 -19.94 17.20 -2.15
C THR H 58 -18.85 18.21 -1.77
N GLU H 59 -19.21 19.16 -0.91
CA GLU H 59 -18.26 19.99 -0.15
C GLU H 59 -18.78 20.12 1.31
N TYR H 60 -17.88 20.00 2.30
CA TYR H 60 -18.27 20.08 3.74
C TYR H 60 -17.46 21.09 4.54
N ASP H 61 -18.05 21.54 5.67
CA ASP H 61 -17.31 22.30 6.70
C ASP H 61 -16.40 21.34 7.46
N GLN H 62 -15.18 21.80 7.77
CA GLN H 62 -14.11 20.96 8.39
C GLN H 62 -14.56 20.19 9.65
N LYS H 63 -15.41 20.83 10.45
CA LYS H 63 -15.99 20.24 11.67
C LYS H 63 -16.68 18.89 11.44
N PHE H 64 -17.43 18.80 10.35
CA PHE H 64 -18.21 17.61 10.01
C PHE H 64 -17.54 16.66 9.04
N GLN H 65 -16.42 17.08 8.43
CA GLN H 65 -15.65 16.17 7.56
C GLN H 65 -15.27 14.93 8.35
N GLY H 66 -15.56 13.77 7.78
CA GLY H 66 -15.41 12.48 8.45
C GLY H 66 -16.60 12.04 9.29
N ARG H 67 -17.57 12.93 9.50
CA ARG H 67 -18.82 12.63 10.20
C ARG H 67 -20.06 12.63 9.30
N VAL H 68 -20.07 13.44 8.24
CA VAL H 68 -21.27 13.63 7.41
C VAL H 68 -21.10 13.19 5.96
N THR H 69 -22.11 12.47 5.47
CA THR H 69 -22.22 12.13 4.06
C THR H 69 -23.57 12.63 3.56
N ILE H 70 -23.53 13.70 2.77
CA ILE H 70 -24.71 14.17 2.07
C ILE H 70 -24.76 13.40 0.75
N THR H 71 -25.97 13.07 0.31
CA THR H 71 -26.23 12.38 -0.97
C THR H 71 -27.55 12.85 -1.59
N VAL H 72 -27.69 12.62 -2.90
CA VAL H 72 -28.92 12.98 -3.65
C VAL H 72 -29.38 11.92 -4.66
N ASP H 73 -30.69 11.91 -4.92
CA ASP H 73 -31.31 11.01 -5.89
C ASP H 73 -32.18 11.83 -6.85
N THR H 74 -31.53 12.42 -7.85
CA THR H 74 -32.17 13.28 -8.85
C THR H 74 -33.43 12.68 -9.47
N SER H 75 -33.38 11.38 -9.80
CA SER H 75 -34.55 10.66 -10.29
C SER H 75 -35.75 10.75 -9.31
N ALA H 76 -35.49 10.56 -8.02
CA ALA H 76 -36.51 10.69 -6.97
C ALA H 76 -36.82 12.14 -6.57
N SER H 77 -35.90 13.06 -6.89
CA SER H 77 -35.99 14.46 -6.52
C SER H 77 -35.91 14.66 -5.01
N THR H 78 -35.00 13.92 -4.37
CA THR H 78 -34.85 13.95 -2.91
C THR H 78 -33.36 13.90 -2.52
N ALA H 79 -33.00 14.69 -1.52
CA ALA H 79 -31.65 14.72 -0.94
C ALA H 79 -31.61 14.05 0.43
N TYR H 80 -30.45 13.50 0.78
CA TYR H 80 -30.21 12.81 2.07
C TYR H 80 -28.94 13.29 2.74
N MET H 81 -28.92 13.21 4.07
CA MET H 81 -27.71 13.45 4.86
C MET H 81 -27.55 12.37 5.92
N GLU H 82 -26.47 11.60 5.81
CA GLU H 82 -26.07 10.64 6.82
C GLU H 82 -25.10 11.31 7.78
N LEU H 83 -25.36 11.19 9.08
CA LEU H 83 -24.45 11.67 10.14
C LEU H 83 -24.11 10.51 11.08
N SER H 84 -22.82 10.23 11.21
CA SER H 84 -22.31 9.05 11.91
C SER H 84 -21.57 9.41 13.19
N SER H 85 -21.32 8.37 13.99
CA SER H 85 -20.64 8.48 15.29
C SER H 85 -21.14 9.68 16.13
N LEU H 86 -22.41 9.60 16.50
CA LEU H 86 -23.10 10.71 17.18
C LEU H 86 -22.67 10.93 18.62
N ARG H 87 -22.86 12.17 19.06
CA ARG H 87 -22.59 12.60 20.44
C ARG H 87 -23.78 13.40 20.96
N SER H 88 -23.86 13.57 22.27
CA SER H 88 -24.85 14.46 22.90
C SER H 88 -24.73 15.92 22.40
N GLU H 89 -23.51 16.31 22.02
CA GLU H 89 -23.24 17.58 21.31
C GLU H 89 -24.04 17.78 20.01
N ASP H 90 -24.38 16.68 19.35
CA ASP H 90 -25.16 16.69 18.10
C ASP H 90 -26.69 16.77 18.28
N THR H 91 -27.17 16.90 19.52
CA THR H 91 -28.58 17.25 19.79
C THR H 91 -28.95 18.56 19.06
N ALA H 92 -29.72 18.46 17.97
CA ALA H 92 -30.04 19.64 17.15
C ALA H 92 -31.22 19.46 16.19
N VAL H 93 -31.66 20.58 15.62
CA VAL H 93 -32.60 20.60 14.49
C VAL H 93 -31.79 20.70 13.19
N TYR H 94 -31.98 19.73 12.31
CA TYR H 94 -31.26 19.66 11.03
C TYR H 94 -32.15 20.07 9.86
N TYR H 95 -31.69 21.09 9.13
CA TYR H 95 -32.44 21.73 8.06
C TYR H 95 -31.85 21.38 6.71
N CYS H 96 -32.74 21.17 5.74
CA CYS H 96 -32.37 21.00 4.34
C CYS H 96 -32.75 22.29 3.61
N ALA H 97 -31.86 22.77 2.76
CA ALA H 97 -32.09 24.04 2.07
C ALA H 97 -31.46 24.12 0.69
N ARG H 98 -31.91 25.12 -0.05
CA ARG H 98 -31.46 25.43 -1.39
C ARG H 98 -31.14 26.92 -1.50
N TRP H 99 -29.99 27.22 -2.09
CA TRP H 99 -29.55 28.58 -2.40
C TRP H 99 -28.28 28.51 -3.24
N GLY H 100 -27.96 29.61 -3.91
CA GLY H 100 -26.75 29.65 -4.72
C GLY H 100 -26.50 30.98 -5.39
N THR H 101 -25.32 31.08 -5.98
CA THR H 101 -24.87 32.33 -6.60
C THR H 101 -25.49 32.58 -7.98
N ASN H 102 -26.18 31.58 -8.52
CA ASN H 102 -26.93 31.64 -9.79
C ASN H 102 -28.44 31.63 -9.69
N VAL H 103 -29.01 31.47 -8.48
CA VAL H 103 -30.44 31.54 -8.31
C VAL H 103 -30.77 32.62 -7.27
N TYR H 104 -31.74 33.45 -7.59
CA TYR H 104 -32.10 34.59 -6.73
C TYR H 104 -32.82 34.15 -5.47
N PHE H 105 -33.76 33.21 -5.64
CA PHE H 105 -34.60 32.77 -4.53
C PHE H 105 -33.89 31.74 -3.65
N ALA H 106 -34.44 31.56 -2.45
CA ALA H 106 -33.96 30.58 -1.47
C ALA H 106 -35.14 29.92 -0.74
N TYR H 107 -35.11 28.59 -0.62
CA TYR H 107 -36.20 27.82 0.02
C TYR H 107 -35.63 26.88 1.05
N TRP H 108 -36.39 26.68 2.14
CA TRP H 108 -35.94 25.93 3.33
C TRP H 108 -36.93 24.83 3.70
N GLY H 109 -36.39 23.68 4.12
CA GLY H 109 -37.21 22.60 4.68
C GLY H 109 -37.73 22.94 6.06
N GLN H 110 -38.70 22.15 6.52
CA GLN H 110 -39.33 22.31 7.85
C GLN H 110 -38.44 21.97 9.03
N GLY H 111 -37.48 21.06 8.80
CA GLY H 111 -36.47 20.72 9.79
C GLY H 111 -36.75 19.40 10.50
N THR H 112 -35.69 18.74 10.96
CA THR H 112 -35.77 17.43 11.65
C THR H 112 -35.16 17.45 13.05
N LEU H 113 -35.98 17.16 14.05
CA LEU H 113 -35.56 17.10 15.46
C LEU H 113 -34.74 15.82 15.72
N VAL H 114 -33.41 15.98 15.88
CA VAL H 114 -32.52 14.85 16.19
C VAL H 114 -31.98 14.96 17.62
N THR H 115 -32.39 14.03 18.48
CA THR H 115 -31.90 13.95 19.87
C THR H 115 -30.96 12.76 20.09
N VAL H 116 -29.88 13.02 20.81
CA VAL H 116 -28.80 12.06 21.05
C VAL H 116 -28.58 11.89 22.56
N SER H 117 -28.95 10.71 23.08
CA SER H 117 -28.65 10.34 24.47
C SER H 117 -28.66 8.83 24.69
N SER H 118 -27.83 8.38 25.63
CA SER H 118 -27.76 6.97 26.03
C SER H 118 -29.05 6.45 26.66
N ALA H 119 -29.78 7.36 27.32
CA ALA H 119 -31.04 7.01 27.97
C ALA H 119 -32.08 6.51 26.97
N SER H 120 -32.87 5.54 27.40
CA SER H 120 -33.99 5.01 26.62
C SER H 120 -35.27 5.62 27.16
N THR H 121 -36.36 5.44 26.41
CA THR H 121 -37.69 5.98 26.74
C THR H 121 -38.09 5.85 28.22
N LYS H 122 -38.71 6.90 28.75
CA LYS H 122 -39.18 6.90 30.14
C LYS H 122 -40.37 7.84 30.34
N GLY H 123 -41.41 7.31 30.98
CA GLY H 123 -42.53 8.11 31.44
C GLY H 123 -42.13 8.98 32.62
N PRO H 124 -42.88 10.07 32.86
CA PRO H 124 -42.52 11.01 33.91
C PRO H 124 -42.98 10.56 35.30
N SER H 125 -42.56 11.32 36.30
CA SER H 125 -43.10 11.24 37.65
C SER H 125 -43.65 12.63 38.00
N VAL H 126 -44.97 12.76 37.92
CA VAL H 126 -45.66 14.03 38.17
C VAL H 126 -45.77 14.28 39.68
N PHE H 127 -45.56 15.53 40.08
CA PHE H 127 -45.67 15.94 41.50
C PHE H 127 -46.40 17.27 41.64
N PRO H 128 -47.18 17.44 42.73
CA PRO H 128 -47.85 18.71 42.97
C PRO H 128 -46.92 19.79 43.51
N LEU H 129 -47.29 21.04 43.27
CA LEU H 129 -46.64 22.21 43.88
C LEU H 129 -47.72 23.04 44.57
N ALA H 130 -48.00 22.66 45.82
CA ALA H 130 -49.10 23.24 46.60
C ALA H 130 -48.72 24.60 47.20
N PRO H 131 -49.70 25.51 47.35
CA PRO H 131 -49.41 26.86 47.79
C PRO H 131 -49.25 26.97 49.30
N SER H 132 -48.48 27.96 49.74
CA SER H 132 -48.49 28.36 51.14
C SER H 132 -49.86 28.97 51.42
N SER H 133 -50.59 28.38 52.36
CA SER H 133 -51.94 28.84 52.74
C SER H 133 -51.83 30.07 53.64
N LYS H 134 -51.22 31.12 53.09
CA LYS H 134 -50.88 32.37 53.77
C LYS H 134 -51.25 33.67 53.03
N SER H 135 -51.37 33.62 51.69
CA SER H 135 -51.73 34.76 50.84
C SER H 135 -50.73 35.92 50.91
N THR H 136 -49.47 35.65 50.56
CA THR H 136 -48.36 36.61 50.74
C THR H 136 -48.50 37.91 49.93
N SER H 137 -48.75 37.77 48.63
CA SER H 137 -49.07 38.91 47.75
C SER H 137 -50.43 39.59 48.06
N GLY H 138 -51.36 38.82 48.66
CA GLY H 138 -52.65 39.31 49.14
C GLY H 138 -53.83 38.67 48.44
N GLY H 139 -54.04 39.10 47.20
CA GLY H 139 -55.20 38.71 46.39
C GLY H 139 -55.06 37.46 45.53
N THR H 140 -53.88 37.28 44.96
CA THR H 140 -53.57 36.20 44.01
C THR H 140 -52.52 35.24 44.54
N ALA H 141 -52.82 33.94 44.51
CA ALA H 141 -51.90 32.87 44.91
C ALA H 141 -51.49 32.00 43.71
N ALA H 142 -50.33 31.36 43.82
CA ALA H 142 -49.75 30.57 42.72
C ALA H 142 -49.85 29.06 42.96
N LEU H 143 -50.12 28.31 41.89
CA LEU H 143 -50.22 26.84 41.91
C LEU H 143 -49.49 26.23 40.73
N GLY H 144 -48.89 25.06 40.95
CA GLY H 144 -48.07 24.41 39.93
C GLY H 144 -48.12 22.90 39.89
N CYS H 145 -47.49 22.37 38.83
CA CYS H 145 -47.42 20.93 38.57
C CYS H 145 -46.02 20.58 38.04
N LEU H 146 -45.28 19.78 38.81
CA LEU H 146 -43.90 19.39 38.47
C LEU H 146 -43.90 18.13 37.60
N VAL H 147 -43.09 18.16 36.53
CA VAL H 147 -42.91 17.00 35.63
C VAL H 147 -41.43 16.61 35.61
N LYS H 148 -41.07 15.56 36.34
CA LYS H 148 -39.66 15.18 36.52
C LYS H 148 -39.35 13.77 35.98
N ASP H 149 -38.12 13.64 35.47
CA ASP H 149 -37.52 12.35 35.08
C ASP H 149 -38.31 11.63 33.98
N TYR H 150 -38.24 12.20 32.79
CA TYR H 150 -38.81 11.61 31.58
C TYR H 150 -37.84 11.72 30.41
N PHE H 151 -38.15 10.96 29.36
CA PHE H 151 -37.38 10.96 28.13
C PHE H 151 -38.16 10.27 27.01
N PRO H 152 -38.14 10.83 25.78
CA PRO H 152 -37.53 12.07 25.31
C PRO H 152 -38.55 13.21 25.35
N GLU H 153 -38.21 14.33 24.71
CA GLU H 153 -39.20 15.36 24.40
C GLU H 153 -40.20 14.82 23.36
N PRO H 154 -41.41 15.41 23.26
CA PRO H 154 -41.98 16.47 24.07
C PRO H 154 -43.08 16.01 25.02
N VAL H 155 -43.41 16.89 25.96
CA VAL H 155 -44.58 16.74 26.83
C VAL H 155 -45.56 17.86 26.50
N THR H 156 -46.83 17.52 26.41
CA THR H 156 -47.90 18.52 26.38
C THR H 156 -48.54 18.56 27.76
N VAL H 157 -48.86 19.77 28.23
CA VAL H 157 -49.52 19.98 29.52
C VAL H 157 -50.71 20.94 29.37
N SER H 158 -51.83 20.59 30.00
CA SER H 158 -53.00 21.45 30.11
C SER H 158 -53.52 21.46 31.55
N TRP H 159 -54.45 22.36 31.83
CA TRP H 159 -55.01 22.55 33.17
C TRP H 159 -56.54 22.46 33.17
N ASN H 160 -57.06 21.62 34.07
CA ASN H 160 -58.50 21.32 34.16
C ASN H 160 -59.07 20.90 32.81
N SER H 161 -58.38 19.93 32.19
CA SER H 161 -58.61 19.50 30.79
C SER H 161 -58.75 20.69 29.81
N GLY H 162 -57.78 21.60 29.88
CA GLY H 162 -57.73 22.79 29.03
C GLY H 162 -58.73 23.91 29.34
N ALA H 163 -59.37 23.86 30.50
CA ALA H 163 -60.37 24.87 30.91
C ALA H 163 -59.71 26.18 31.33
N LEU H 164 -58.60 26.07 32.07
CA LEU H 164 -57.79 27.23 32.49
C LEU H 164 -56.64 27.49 31.51
N THR H 165 -56.70 28.62 30.80
CA THR H 165 -55.67 29.02 29.82
C THR H 165 -54.89 30.28 30.24
N SER H 166 -55.62 31.32 30.66
CA SER H 166 -55.02 32.57 31.12
C SER H 166 -54.31 32.40 32.46
N GLY H 167 -53.19 33.09 32.62
CA GLY H 167 -52.32 32.97 33.80
C GLY H 167 -51.36 31.79 33.80
N VAL H 168 -51.41 30.95 32.76
CA VAL H 168 -50.62 29.71 32.70
C VAL H 168 -49.25 29.97 32.08
N HIS H 169 -48.23 29.33 32.66
CA HIS H 169 -46.85 29.38 32.16
C HIS H 169 -46.23 27.98 32.19
N THR H 170 -46.32 27.26 31.06
CA THR H 170 -45.60 25.99 30.86
C THR H 170 -44.18 26.30 30.39
N PHE H 171 -43.19 25.93 31.20
CA PHE H 171 -41.80 26.32 30.96
C PHE H 171 -41.12 25.49 29.88
N PRO H 172 -39.92 25.92 29.45
CA PRO H 172 -39.07 25.01 28.68
C PRO H 172 -38.50 23.90 29.58
N ALA H 173 -38.37 22.71 29.00
CA ALA H 173 -37.76 21.57 29.68
C ALA H 173 -36.25 21.77 29.82
N VAL H 174 -35.66 21.05 30.77
CA VAL H 174 -34.23 21.14 31.07
C VAL H 174 -33.62 19.74 31.16
N LEU H 175 -32.49 19.55 30.49
CA LEU H 175 -31.72 18.30 30.58
C LEU H 175 -30.99 18.22 31.91
N GLN H 176 -31.29 17.19 32.69
CA GLN H 176 -30.60 16.93 33.96
C GLN H 176 -29.29 16.17 33.75
N SER H 177 -28.47 16.12 34.79
CA SER H 177 -27.23 15.33 34.81
C SER H 177 -27.47 13.82 34.72
N SER H 178 -28.64 13.38 35.18
CA SER H 178 -29.11 11.99 35.03
C SER H 178 -29.32 11.53 33.57
N GLY H 179 -29.45 12.49 32.65
CA GLY H 179 -29.74 12.21 31.24
C GLY H 179 -31.22 12.30 30.89
N LEU H 180 -32.05 12.59 31.90
CA LEU H 180 -33.50 12.71 31.74
C LEU H 180 -33.94 14.17 31.74
N TYR H 181 -35.03 14.45 31.03
CA TYR H 181 -35.61 15.78 30.99
C TYR H 181 -36.43 16.07 32.25
N SER H 182 -36.74 17.34 32.45
CA SER H 182 -37.59 17.78 33.55
C SER H 182 -38.19 19.16 33.27
N LEU H 183 -39.50 19.26 33.46
CA LEU H 183 -40.26 20.49 33.19
C LEU H 183 -41.26 20.79 34.31
N SER H 184 -41.68 22.05 34.38
CA SER H 184 -42.75 22.48 35.29
C SER H 184 -43.72 23.41 34.56
N SER H 185 -45.00 23.32 34.93
CA SER H 185 -46.02 24.27 34.48
C SER H 185 -46.72 24.89 35.69
N VAL H 186 -47.06 26.17 35.57
CA VAL H 186 -47.59 26.96 36.69
C VAL H 186 -48.81 27.80 36.25
N VAL H 187 -49.71 28.05 37.21
CA VAL H 187 -50.87 28.94 37.04
C VAL H 187 -51.05 29.86 38.25
N THR H 188 -51.24 31.16 38.00
CA THR H 188 -51.68 32.11 39.03
C THR H 188 -53.20 32.03 39.19
N VAL H 189 -53.63 32.04 40.46
CA VAL H 189 -55.04 31.84 40.84
C VAL H 189 -55.42 32.86 41.94
N PRO H 190 -56.70 33.24 42.03
CA PRO H 190 -57.15 33.98 43.21
C PRO H 190 -57.08 33.16 44.50
N SER H 191 -56.39 33.70 45.52
CA SER H 191 -56.23 33.01 46.82
C SER H 191 -57.56 32.71 47.54
N SER H 192 -58.57 33.55 47.29
CA SER H 192 -59.94 33.32 47.79
C SER H 192 -60.64 32.09 47.18
N SER H 193 -60.25 31.71 45.96
CA SER H 193 -60.84 30.57 45.24
C SER H 193 -60.17 29.20 45.45
N LEU H 194 -59.14 29.14 46.31
CA LEU H 194 -58.35 27.90 46.50
C LEU H 194 -59.14 26.77 47.17
N GLY H 195 -59.92 27.11 48.18
CA GLY H 195 -60.66 26.13 48.98
C GLY H 195 -61.75 25.39 48.22
N THR H 196 -62.60 26.14 47.52
CA THR H 196 -63.73 25.57 46.77
C THR H 196 -63.26 24.82 45.53
N GLN H 197 -62.62 25.55 44.61
CA GLN H 197 -62.21 25.00 43.31
C GLN H 197 -60.94 24.15 43.40
N THR H 198 -61.08 22.85 43.17
CA THR H 198 -59.93 21.94 43.02
C THR H 198 -59.27 22.16 41.66
N TYR H 199 -57.93 22.04 41.63
CA TYR H 199 -57.14 22.30 40.43
C TYR H 199 -56.35 21.06 39.99
N ILE H 200 -56.60 20.62 38.75
CA ILE H 200 -56.00 19.42 38.18
C ILE H 200 -55.12 19.79 36.97
N CYS H 201 -53.86 19.33 37.00
CA CYS H 201 -52.95 19.43 35.86
C CYS H 201 -52.99 18.14 35.05
N ASN H 202 -53.01 18.26 33.72
CA ASN H 202 -53.06 17.13 32.79
C ASN H 202 -51.77 16.99 32.01
N VAL H 203 -51.11 15.84 32.10
CA VAL H 203 -49.77 15.61 31.52
C VAL H 203 -49.77 14.44 30.54
N ASN H 204 -49.31 14.69 29.30
CA ASN H 204 -49.26 13.68 28.23
C ASN H 204 -47.86 13.47 27.67
N HIS H 205 -47.37 12.22 27.72
CA HIS H 205 -46.08 11.80 27.13
C HIS H 205 -46.32 10.68 26.13
N LYS H 206 -46.61 11.06 24.89
CA LYS H 206 -46.94 10.11 23.82
C LYS H 206 -45.85 9.09 23.42
N PRO H 207 -44.54 9.46 23.54
CA PRO H 207 -43.45 8.48 23.29
C PRO H 207 -43.42 7.25 24.23
N SER H 208 -43.81 7.42 25.49
CA SER H 208 -43.92 6.31 26.46
C SER H 208 -45.36 5.84 26.70
N ASN H 209 -46.29 6.31 25.86
CA ASN H 209 -47.74 6.05 25.99
C ASN H 209 -48.31 6.26 27.40
N THR H 210 -47.86 7.33 28.07
CA THR H 210 -48.33 7.68 29.44
C THR H 210 -49.15 8.98 29.49
N LYS H 211 -50.39 8.85 29.96
CA LYS H 211 -51.29 9.99 30.24
C LYS H 211 -51.53 10.06 31.74
N VAL H 212 -51.26 11.23 32.33
CA VAL H 212 -51.35 11.45 33.78
C VAL H 212 -52.24 12.65 34.10
N ASP H 213 -53.11 12.47 35.10
CA ASP H 213 -53.91 13.56 35.68
C ASP H 213 -53.63 13.58 37.18
N LYS H 214 -53.18 14.72 37.70
CA LYS H 214 -52.89 14.87 39.14
C LYS H 214 -53.46 16.15 39.75
N ARG H 215 -53.96 16.03 40.99
CA ARG H 215 -54.61 17.12 41.71
C ARG H 215 -53.58 18.02 42.41
N VAL H 216 -53.99 19.26 42.66
CA VAL H 216 -53.21 20.22 43.46
C VAL H 216 -54.15 20.88 44.49
N GLU H 217 -53.88 20.66 45.77
CA GLU H 217 -54.71 21.15 46.89
C GLU H 217 -53.85 21.79 47.99
N PRO H 218 -54.44 22.72 48.79
CA PRO H 218 -53.64 23.40 49.82
C PRO H 218 -53.13 22.49 50.95
N LYS H 219 -52.01 22.91 51.55
CA LYS H 219 -51.29 22.13 52.57
C LYS H 219 -50.94 20.71 52.10
N ASP I 1 -13.02 30.71 6.50
CA ASP I 1 -14.48 31.04 6.61
C ASP I 1 -14.66 32.52 6.91
N ILE I 2 -15.61 33.15 6.20
CA ILE I 2 -16.00 34.52 6.48
C ILE I 2 -16.98 34.43 7.66
N GLN I 3 -16.47 34.73 8.85
CA GLN I 3 -17.29 34.63 10.06
C GLN I 3 -18.12 35.90 10.19
N LEU I 4 -19.44 35.72 10.31
CA LEU I 4 -20.37 36.82 10.48
C LEU I 4 -20.70 37.02 11.93
N THR I 5 -20.53 38.27 12.38
CA THR I 5 -20.80 38.68 13.74
C THR I 5 -21.93 39.70 13.73
N GLN I 6 -23.04 39.35 14.36
CA GLN I 6 -24.22 40.20 14.41
C GLN I 6 -24.33 40.90 15.75
N SER I 7 -24.48 42.22 15.70
CA SER I 7 -24.63 43.04 16.89
C SER I 7 -25.84 43.97 16.76
N PRO I 8 -26.58 44.17 17.87
CA PRO I 8 -26.43 43.54 19.19
C PRO I 8 -27.02 42.12 19.21
N SER I 9 -26.76 41.41 20.31
CA SER I 9 -27.32 40.07 20.51
C SER I 9 -28.84 40.10 20.66
N SER I 10 -29.31 41.07 21.44
CA SER I 10 -30.75 41.34 21.61
C SER I 10 -31.05 42.83 21.58
N LEU I 11 -32.32 43.16 21.46
CA LEU I 11 -32.79 44.56 21.42
C LEU I 11 -34.20 44.65 21.97
N SER I 12 -34.32 45.04 23.24
CA SER I 12 -35.62 45.36 23.82
C SER I 12 -36.00 46.75 23.33
N ALA I 13 -37.00 46.81 22.45
CA ALA I 13 -37.44 48.04 21.79
C ALA I 13 -38.95 48.05 21.65
N SER I 14 -39.49 49.25 21.39
CA SER I 14 -40.93 49.46 21.28
C SER I 14 -41.39 49.93 19.90
N VAL I 15 -42.69 49.84 19.69
CA VAL I 15 -43.33 50.10 18.39
C VAL I 15 -43.10 51.55 17.95
N GLY I 16 -42.94 51.74 16.64
CA GLY I 16 -42.75 53.09 16.06
C GLY I 16 -41.32 53.61 15.99
N ASP I 17 -40.35 52.87 16.55
CA ASP I 17 -38.93 53.30 16.56
C ASP I 17 -38.16 52.83 15.33
N ARG I 18 -37.14 53.61 14.96
CA ARG I 18 -36.13 53.20 13.96
C ARG I 18 -35.17 52.24 14.64
N VAL I 19 -35.05 51.02 14.10
CA VAL I 19 -34.13 50.01 14.64
C VAL I 19 -33.10 49.73 13.56
N THR I 20 -31.84 49.66 13.96
CA THR I 20 -30.72 49.38 13.06
C THR I 20 -29.95 48.19 13.62
N ILE I 21 -30.09 47.04 12.96
CA ILE I 21 -29.33 45.84 13.30
C ILE I 21 -28.13 45.82 12.39
N THR I 22 -26.96 45.56 12.95
CA THR I 22 -25.73 45.42 12.16
C THR I 22 -25.29 43.96 12.03
N CYS I 23 -24.53 43.70 10.99
CA CYS I 23 -23.93 42.39 10.73
C CYS I 23 -22.54 42.65 10.15
N SER I 24 -21.53 42.48 11.02
CA SER I 24 -20.12 42.68 10.65
C SER I 24 -19.45 41.39 10.21
N ALA I 25 -18.57 41.49 9.20
CA ALA I 25 -17.98 40.32 8.56
C ALA I 25 -16.47 40.34 8.68
N SER I 26 -15.90 39.15 8.87
CA SER I 26 -14.46 39.02 9.10
C SER I 26 -13.60 39.23 7.86
N SER I 27 -14.22 39.11 6.68
CA SER I 27 -13.59 39.47 5.41
C SER I 27 -14.67 40.08 4.52
N SER I 28 -14.25 40.77 3.46
CA SER I 28 -15.18 41.47 2.56
C SER I 28 -16.14 40.52 1.85
N VAL I 29 -17.36 41.00 1.60
CA VAL I 29 -18.47 40.21 1.03
C VAL I 29 -19.19 40.99 -0.07
N SER I 30 -19.50 40.32 -1.19
CA SER I 30 -20.14 40.98 -2.33
C SER I 30 -21.64 41.28 -2.11
N TYR I 31 -22.38 40.32 -1.55
CA TYR I 31 -23.81 40.50 -1.26
C TYR I 31 -24.24 39.80 0.03
N MET I 32 -25.27 40.35 0.68
CA MET I 32 -25.71 39.93 2.02
C MET I 32 -27.19 39.65 2.04
N TYR I 33 -27.55 38.61 2.80
CA TYR I 33 -28.91 38.05 2.79
C TYR I 33 -29.41 37.98 4.22
N TRP I 34 -30.61 38.49 4.43
CA TRP I 34 -31.23 38.51 5.75
C TRP I 34 -32.47 37.60 5.80
N TYR I 35 -32.66 36.98 6.96
CA TYR I 35 -33.81 36.10 7.25
C TYR I 35 -34.48 36.54 8.54
N GLN I 36 -35.78 36.30 8.62
CA GLN I 36 -36.55 36.48 9.85
C GLN I 36 -37.01 35.10 10.29
N GLN I 37 -36.62 34.69 11.50
CA GLN I 37 -37.16 33.46 12.12
C GLN I 37 -38.02 33.86 13.30
N LYS I 38 -39.27 33.43 13.30
CA LYS I 38 -40.17 33.60 14.43
C LYS I 38 -40.15 32.32 15.28
N PRO I 39 -40.43 32.41 16.59
CA PRO I 39 -40.33 31.23 17.47
C PRO I 39 -41.19 30.05 17.01
N GLY I 40 -40.60 28.85 17.02
CA GLY I 40 -41.25 27.62 16.59
C GLY I 40 -41.60 27.53 15.12
N LYS I 41 -40.92 28.33 14.29
CA LYS I 41 -41.17 28.39 12.84
C LYS I 41 -39.87 28.35 12.04
N ALA I 42 -40.00 28.02 10.77
CA ALA I 42 -38.88 28.01 9.83
C ALA I 42 -38.48 29.44 9.49
N PRO I 43 -37.17 29.68 9.22
CA PRO I 43 -36.75 31.02 8.79
C PRO I 43 -37.38 31.45 7.47
N LYS I 44 -37.81 32.71 7.40
CA LYS I 44 -38.36 33.30 6.20
C LYS I 44 -37.25 34.13 5.62
N PRO I 45 -36.85 33.84 4.36
CA PRO I 45 -35.95 34.79 3.70
C PRO I 45 -36.64 36.15 3.59
N TRP I 46 -35.92 37.20 3.97
CA TRP I 46 -36.47 38.55 4.13
C TRP I 46 -35.84 39.63 3.24
N ILE I 47 -34.51 39.60 3.11
CA ILE I 47 -33.79 40.47 2.17
C ILE I 47 -32.78 39.65 1.37
N TYR I 48 -32.74 39.93 0.07
CA TYR I 48 -31.76 39.36 -0.88
C TYR I 48 -30.87 40.44 -1.48
N ARG I 49 -29.69 40.02 -1.92
CA ARG I 49 -28.73 40.88 -2.64
C ARG I 49 -28.43 42.21 -1.91
N THR I 50 -28.19 42.13 -0.60
CA THR I 50 -27.94 43.28 0.33
C THR I 50 -29.17 44.13 0.66
N SER I 51 -29.82 44.64 -0.39
CA SER I 51 -30.87 45.66 -0.28
C SER I 51 -32.25 45.31 -0.84
N ASN I 52 -32.39 44.19 -1.53
CA ASN I 52 -33.64 43.89 -2.25
C ASN I 52 -34.61 43.17 -1.31
N LEU I 53 -35.81 43.74 -1.16
CA LEU I 53 -36.81 43.09 -0.30
C LEU I 53 -37.28 41.78 -0.94
N ALA I 54 -37.71 40.86 -0.08
CA ALA I 54 -38.36 39.64 -0.54
C ALA I 54 -39.79 40.05 -0.80
N SEP I 55 -40.47 39.33 -1.69
CA SEP I 55 -41.83 39.71 -2.05
CB SEP I 55 -42.42 38.99 -3.27
OG SEP I 55 -42.12 39.79 -4.42
C SEP I 55 -42.72 39.57 -0.83
O SEP I 55 -42.48 38.73 0.02
P SEP I 55 -43.18 40.45 -5.47
O1P SEP I 55 -42.26 41.19 -6.38
O2P SEP I 55 -43.88 39.27 -6.11
O3P SEP I 55 -44.12 41.36 -4.70
N GLY I 56 -43.71 40.45 -0.75
CA GLY I 56 -44.63 40.49 0.39
C GLY I 56 -44.06 41.11 1.66
N VAL I 57 -42.93 41.82 1.54
CA VAL I 57 -42.24 42.40 2.69
C VAL I 57 -42.45 43.92 2.71
N PRO I 58 -42.90 44.47 3.87
CA PRO I 58 -43.13 45.91 4.02
C PRO I 58 -41.97 46.83 3.61
N SER I 59 -42.33 47.98 3.08
CA SER I 59 -41.38 48.98 2.63
C SER I 59 -40.51 49.58 3.74
N ARG I 60 -40.97 49.53 4.99
CA ARG I 60 -40.20 50.01 6.15
C ARG I 60 -38.87 49.30 6.34
N PHE I 61 -38.87 47.99 6.04
CA PHE I 61 -37.64 47.22 6.05
C PHE I 61 -36.71 47.71 4.96
N SER I 62 -35.42 47.72 5.28
CA SER I 62 -34.40 48.05 4.31
C SER I 62 -33.06 47.48 4.76
N GLY I 63 -32.36 46.88 3.80
CA GLY I 63 -31.01 46.37 4.00
C GLY I 63 -30.05 47.31 3.31
N SER I 64 -28.85 47.39 3.86
CA SER I 64 -27.79 48.23 3.30
C SER I 64 -26.43 47.66 3.71
N GLY I 65 -25.39 48.19 3.09
CA GLY I 65 -24.01 47.80 3.41
C GLY I 65 -23.15 47.49 2.20
N SER I 66 -21.84 47.62 2.44
CA SER I 66 -20.81 47.68 1.40
C SER I 66 -19.95 46.42 1.36
N GLY I 67 -19.14 46.20 2.40
CA GLY I 67 -18.02 45.23 2.34
C GLY I 67 -17.98 44.25 3.52
N THR I 68 -17.54 44.77 4.66
CA THR I 68 -17.53 44.03 5.93
C THR I 68 -18.63 44.46 6.91
N ASP I 69 -19.24 45.61 6.68
CA ASP I 69 -20.36 46.07 7.52
C ASP I 69 -21.65 46.23 6.72
N PHE I 70 -22.68 45.55 7.21
CA PHE I 70 -24.02 45.59 6.65
C PHE I 70 -25.02 45.82 7.77
N THR I 71 -26.12 46.48 7.42
CA THR I 71 -27.17 46.86 8.37
C THR I 71 -28.58 46.61 7.84
N LEU I 72 -29.38 45.90 8.63
CA LEU I 72 -30.83 45.85 8.45
C LEU I 72 -31.45 46.98 9.26
N THR I 73 -32.40 47.70 8.66
CA THR I 73 -33.00 48.88 9.29
C THR I 73 -34.52 48.88 9.10
N ILE I 74 -35.24 49.04 10.22
CA ILE I 74 -36.70 49.03 10.24
C ILE I 74 -37.18 50.42 10.66
N SER I 75 -37.72 51.19 9.72
CA SER I 75 -38.01 52.62 9.94
C SER I 75 -39.05 52.91 11.04
N SER I 76 -40.00 51.99 11.24
CA SER I 76 -40.90 52.07 12.41
C SER I 76 -41.48 50.68 12.75
N LEU I 77 -41.09 50.15 13.92
CA LEU I 77 -41.48 48.78 14.32
C LEU I 77 -42.98 48.57 14.47
N GLN I 78 -43.40 47.29 14.40
CA GLN I 78 -44.79 46.83 14.56
C GLN I 78 -44.78 45.39 15.14
N PRO I 79 -45.91 44.93 15.75
CA PRO I 79 -45.86 43.64 16.51
C PRO I 79 -45.46 42.39 15.71
N GLU I 80 -45.76 42.38 14.42
CA GLU I 80 -45.31 41.35 13.47
C GLU I 80 -43.79 41.26 13.35
N ASP I 81 -43.10 42.37 13.59
CA ASP I 81 -41.64 42.47 13.46
C ASP I 81 -40.84 41.87 14.62
N PHE I 82 -41.49 41.42 15.70
CA PHE I 82 -40.77 40.90 16.87
C PHE I 82 -40.38 39.43 16.72
N ALA I 83 -39.11 39.23 16.36
CA ALA I 83 -38.56 37.91 16.08
C ALA I 83 -37.03 37.96 16.03
N THR I 84 -36.40 36.80 15.86
CA THR I 84 -34.94 36.73 15.62
C THR I 84 -34.65 37.02 14.16
N TYR I 85 -33.56 37.76 13.92
CA TYR I 85 -33.12 38.12 12.57
C TYR I 85 -31.69 37.66 12.34
N TYR I 86 -31.49 36.82 11.33
CA TYR I 86 -30.15 36.31 10.97
C TYR I 86 -29.68 36.88 9.64
N CYS I 87 -28.37 37.09 9.55
CA CYS I 87 -27.72 37.51 8.30
C CYS I 87 -26.92 36.32 7.75
N GLN I 88 -26.76 36.29 6.44
CA GLN I 88 -25.97 35.26 5.76
C GLN I 88 -25.26 35.76 4.50
N GLN I 89 -24.15 35.13 4.21
CA GLN I 89 -23.40 35.35 2.98
C GLN I 89 -23.10 33.98 2.42
N TYR I 90 -23.35 33.78 1.13
CA TYR I 90 -22.98 32.50 0.47
C TYR I 90 -22.03 32.63 -0.71
N HIS I 91 -21.62 33.85 -1.04
CA HIS I 91 -20.78 34.11 -2.22
C HIS I 91 -19.37 33.52 -2.10
N SER I 92 -18.82 33.57 -0.90
CA SER I 92 -17.51 32.97 -0.60
C SER I 92 -17.72 31.71 0.20
N TYR I 93 -16.99 30.66 -0.18
CA TYR I 93 -17.11 29.40 0.51
C TYR I 93 -16.54 29.56 1.92
N PRO I 94 -17.16 28.93 2.92
CA PRO I 94 -18.50 28.31 2.89
C PRO I 94 -19.68 29.27 3.20
N PRO I 95 -20.93 28.79 3.04
CA PRO I 95 -22.07 29.60 3.50
C PRO I 95 -21.94 29.86 4.97
N THR I 96 -22.06 31.12 5.37
CA THR I 96 -21.87 31.53 6.75
C THR I 96 -23.06 32.33 7.22
N PHE I 97 -23.43 32.12 8.49
CA PHE I 97 -24.53 32.84 9.12
C PHE I 97 -24.05 33.65 10.30
N GLY I 98 -24.77 34.75 10.54
CA GLY I 98 -24.65 35.45 11.81
C GLY I 98 -25.32 34.66 12.90
N GLY I 99 -25.07 35.07 14.14
CA GLY I 99 -25.63 34.41 15.33
C GLY I 99 -27.01 34.86 15.76
N GLY I 100 -27.57 35.82 15.03
CA GLY I 100 -28.95 36.27 15.23
C GLY I 100 -29.07 37.42 16.19
N THR I 101 -30.00 38.34 15.91
CA THR I 101 -30.37 39.40 16.85
C THR I 101 -31.86 39.27 17.17
N LYS I 102 -32.16 38.97 18.43
CA LYS I 102 -33.53 38.78 18.90
C LYS I 102 -34.14 40.11 19.32
N VAL I 103 -35.19 40.54 18.62
CA VAL I 103 -35.89 41.78 18.95
C VAL I 103 -37.07 41.47 19.88
N GLU I 104 -37.08 42.11 21.04
CA GLU I 104 -38.08 41.86 22.10
C GLU I 104 -38.78 43.17 22.44
N ILE I 105 -39.99 43.06 22.98
CA ILE I 105 -40.82 44.24 23.25
C ILE I 105 -40.31 45.01 24.47
N LYS I 106 -40.31 46.34 24.35
CA LYS I 106 -39.97 47.23 25.47
C LYS I 106 -41.26 47.69 26.14
N ARG I 107 -41.34 47.48 27.46
CA ARG I 107 -42.52 47.84 28.28
C ARG I 107 -42.05 48.41 29.62
N THR I 108 -42.99 48.97 30.38
CA THR I 108 -42.73 49.46 31.74
C THR I 108 -42.17 48.35 32.65
N VAL I 109 -41.33 48.76 33.60
CA VAL I 109 -40.75 47.83 34.57
C VAL I 109 -41.88 47.21 35.41
N ALA I 110 -41.75 45.91 35.70
CA ALA I 110 -42.70 45.17 36.51
C ALA I 110 -41.99 44.20 37.45
N ALA I 111 -42.20 44.37 38.76
CA ALA I 111 -41.59 43.49 39.77
C ALA I 111 -42.22 42.09 39.72
N PRO I 112 -41.44 41.04 40.07
CA PRO I 112 -41.99 39.70 40.00
C PRO I 112 -42.84 39.35 41.21
N SER I 113 -44.00 38.74 40.95
CA SER I 113 -44.78 38.08 42.00
C SER I 113 -44.07 36.76 42.35
N VAL I 114 -43.35 36.77 43.47
CA VAL I 114 -42.49 35.65 43.87
C VAL I 114 -43.24 34.68 44.78
N PHE I 115 -43.06 33.39 44.50
CA PHE I 115 -43.66 32.30 45.30
C PHE I 115 -42.65 31.16 45.47
N ILE I 116 -42.76 30.42 46.58
CA ILE I 116 -41.93 29.24 46.85
C ILE I 116 -42.82 27.99 47.03
N PHE I 117 -42.34 26.85 46.54
CA PHE I 117 -43.06 25.56 46.62
C PHE I 117 -42.14 24.45 47.12
N PRO I 118 -42.51 23.79 48.24
CA PRO I 118 -41.66 22.73 48.79
C PRO I 118 -41.76 21.43 47.98
N PRO I 119 -40.90 20.44 48.29
CA PRO I 119 -41.04 19.13 47.66
C PRO I 119 -42.25 18.39 48.23
N SER I 120 -42.98 17.69 47.37
CA SER I 120 -44.22 17.01 47.76
C SER I 120 -43.95 15.82 48.67
N ASP I 121 -45.01 15.36 49.34
CA ASP I 121 -44.93 14.17 50.21
C ASP I 121 -44.48 12.94 49.41
N GLU I 122 -45.04 12.78 48.21
CA GLU I 122 -44.71 11.70 47.28
C GLU I 122 -43.26 11.68 46.80
N GLN I 123 -42.69 12.87 46.58
CA GLN I 123 -41.27 13.03 46.23
C GLN I 123 -40.33 12.48 47.31
N LEU I 124 -40.62 12.86 48.55
CA LEU I 124 -39.86 12.44 49.73
C LEU I 124 -39.91 10.91 49.97
N LYS I 125 -40.99 10.27 49.54
CA LYS I 125 -41.13 8.79 49.56
C LYS I 125 -40.12 8.10 48.62
N SER I 126 -39.87 8.71 47.46
CA SER I 126 -38.86 8.23 46.48
C SER I 126 -37.40 8.40 46.93
N GLY I 127 -37.11 9.44 47.69
CA GLY I 127 -35.75 9.70 48.22
C GLY I 127 -35.04 10.91 47.65
N THR I 128 -35.48 11.37 46.48
CA THR I 128 -35.04 12.67 45.93
C THR I 128 -35.96 13.78 46.42
N ALA I 129 -35.44 15.01 46.47
CA ALA I 129 -36.22 16.19 46.89
C ALA I 129 -35.91 17.41 46.02
N SER I 130 -36.96 17.97 45.40
CA SER I 130 -36.82 19.13 44.51
C SER I 130 -37.65 20.32 45.01
N VAL I 131 -36.95 21.34 45.51
CA VAL I 131 -37.56 22.60 45.93
C VAL I 131 -37.71 23.47 44.69
N VAL I 132 -38.81 24.24 44.64
CA VAL I 132 -39.13 25.09 43.48
C VAL I 132 -39.36 26.52 43.93
N CYS I 133 -38.64 27.46 43.29
CA CYS I 133 -38.84 28.91 43.49
C CYS I 133 -39.35 29.51 42.18
N LEU I 134 -40.51 30.18 42.26
CA LEU I 134 -41.16 30.78 41.09
C LEU I 134 -41.11 32.31 41.12
N LEU I 135 -40.68 32.90 40.00
CA LEU I 135 -40.77 34.33 39.74
C LEU I 135 -41.74 34.54 38.58
N ASN I 136 -42.84 35.27 38.79
CA ASN I 136 -43.91 35.33 37.77
C ASN I 136 -44.30 36.75 37.33
N ASN I 137 -44.59 36.87 36.02
CA ASN I 137 -45.03 38.12 35.37
C ASN I 137 -44.21 39.35 35.75
N PHE I 138 -42.98 39.38 35.22
CA PHE I 138 -42.06 40.48 35.46
C PHE I 138 -41.40 41.01 34.18
N TYR I 139 -40.77 42.18 34.32
CA TYR I 139 -40.03 42.81 33.23
C TYR I 139 -38.98 43.77 33.82
N PRO I 140 -37.75 43.80 33.25
CA PRO I 140 -37.20 42.99 32.15
C PRO I 140 -36.84 41.57 32.53
N ARG I 141 -36.40 40.79 31.53
CA ARG I 141 -35.91 39.41 31.73
C ARG I 141 -34.85 39.33 32.80
N GLU I 142 -33.97 40.32 32.79
CA GLU I 142 -32.80 40.37 33.67
C GLU I 142 -33.22 40.27 35.13
N ALA I 143 -33.05 39.08 35.70
CA ALA I 143 -33.33 38.80 37.10
C ALA I 143 -32.39 37.71 37.58
N LYS I 144 -32.19 37.65 38.89
CA LYS I 144 -31.32 36.62 39.47
C LYS I 144 -31.76 36.17 40.86
N VAL I 145 -31.36 34.93 41.16
CA VAL I 145 -31.83 34.18 42.32
C VAL I 145 -30.62 33.61 43.06
N GLN I 146 -30.70 33.63 44.39
CA GLN I 146 -29.71 33.00 45.27
C GLN I 146 -30.40 32.10 46.28
N TRP I 147 -30.23 30.79 46.13
CA TRP I 147 -30.76 29.80 47.07
C TRP I 147 -29.94 29.77 48.35
N LYS I 148 -30.61 30.07 49.47
CA LYS I 148 -29.99 30.06 50.79
C LYS I 148 -30.61 28.98 51.68
N VAL I 149 -29.83 27.94 51.97
CA VAL I 149 -30.22 26.87 52.91
C VAL I 149 -29.47 27.06 54.22
N ASP I 150 -30.17 27.58 55.23
CA ASP I 150 -29.56 27.99 56.51
C ASP I 150 -28.43 29.02 56.30
N ASN I 151 -28.76 30.05 55.51
CA ASN I 151 -27.82 31.11 55.09
C ASN I 151 -26.56 30.63 54.34
N ALA I 152 -26.70 29.53 53.59
CA ALA I 152 -25.60 28.96 52.80
C ALA I 152 -25.83 29.19 51.32
N LEU I 153 -25.00 30.05 50.72
CA LEU I 153 -25.06 30.33 49.28
C LEU I 153 -24.70 29.07 48.50
N GLN I 154 -25.71 28.45 47.90
CA GLN I 154 -25.53 27.20 47.15
C GLN I 154 -25.23 27.46 45.68
N SER I 155 -24.48 26.52 45.07
CA SER I 155 -23.98 26.68 43.70
C SER I 155 -23.89 25.32 42.99
N GLY I 156 -24.33 25.27 41.74
CA GLY I 156 -24.37 24.04 40.95
C GLY I 156 -25.42 23.01 41.37
N ASN I 157 -26.31 23.37 42.29
CA ASN I 157 -27.41 22.51 42.76
C ASN I 157 -28.78 22.86 42.16
N SER I 158 -28.83 23.94 41.37
CA SER I 158 -30.08 24.46 40.83
C SER I 158 -29.99 24.73 39.33
N GLN I 159 -31.14 24.67 38.67
CA GLN I 159 -31.29 24.98 37.24
C GLN I 159 -32.52 25.86 37.02
N GLU I 160 -32.39 26.84 36.12
CA GLU I 160 -33.46 27.79 35.78
C GLU I 160 -34.10 27.48 34.43
N SER I 161 -35.32 27.99 34.25
CA SER I 161 -35.98 28.04 32.93
C SER I 161 -36.89 29.26 32.87
N VAL I 162 -36.99 29.85 31.68
CA VAL I 162 -37.70 31.12 31.48
C VAL I 162 -38.67 31.02 30.31
N THR I 163 -39.87 31.56 30.48
CA THR I 163 -40.87 31.63 29.41
C THR I 163 -40.54 32.73 28.40
N GLU I 164 -41.20 32.67 27.25
CA GLU I 164 -41.17 33.77 26.28
C GLU I 164 -42.12 34.88 26.70
N GLN I 165 -41.98 36.03 26.05
CA GLN I 165 -42.85 37.20 26.32
C GLN I 165 -44.31 36.87 26.06
N ASP I 166 -45.19 37.27 26.96
CA ASP I 166 -46.64 37.10 26.76
C ASP I 166 -47.17 38.12 25.75
N SER I 167 -48.03 37.67 24.84
CA SER I 167 -48.67 38.58 23.87
C SER I 167 -49.48 39.67 24.58
N LYS I 168 -50.14 39.28 25.67
CA LYS I 168 -50.95 40.19 26.48
C LYS I 168 -50.07 41.10 27.34
N ASP I 169 -49.41 40.54 28.35
CA ASP I 169 -48.68 41.34 29.35
C ASP I 169 -47.33 41.88 28.85
N SER I 170 -46.74 41.18 27.87
CA SER I 170 -45.33 41.36 27.48
C SER I 170 -44.34 41.17 28.63
N THR I 171 -44.73 40.36 29.62
CA THR I 171 -43.89 40.04 30.77
C THR I 171 -43.23 38.67 30.63
N TYR I 172 -42.26 38.42 31.51
CA TYR I 172 -41.59 37.14 31.64
C TYR I 172 -41.99 36.45 32.94
N SER I 173 -41.72 35.14 32.97
CA SER I 173 -41.85 34.34 34.18
C SER I 173 -40.71 33.31 34.20
N LEU I 174 -40.14 33.10 35.38
CA LEU I 174 -38.94 32.25 35.57
C LEU I 174 -39.17 31.24 36.68
N SER I 175 -38.56 30.07 36.55
CA SER I 175 -38.62 29.01 37.57
C SER I 175 -37.26 28.36 37.80
N SER I 176 -36.64 28.67 38.93
CA SER I 176 -35.42 27.99 39.39
C SER I 176 -35.81 26.84 40.33
N THR I 177 -35.09 25.72 40.21
CA THR I 177 -35.41 24.49 40.94
C THR I 177 -34.18 23.91 41.64
N LEU I 178 -34.17 23.99 42.97
CA LEU I 178 -33.10 23.41 43.77
C LEU I 178 -33.38 21.92 44.01
N THR I 179 -32.50 21.08 43.46
CA THR I 179 -32.63 19.61 43.54
C THR I 179 -31.55 19.02 44.45
N LEU I 180 -31.99 18.26 45.46
CA LEU I 180 -31.09 17.60 46.43
C LEU I 180 -31.69 16.28 46.95
N SER I 181 -30.81 15.35 47.32
CA SER I 181 -31.24 14.08 47.94
C SER I 181 -31.77 14.31 49.35
N LYS I 182 -32.63 13.41 49.81
CA LYS I 182 -33.28 13.57 51.12
C LYS I 182 -32.28 13.62 52.31
N ALA I 183 -31.11 13.00 52.15
CA ALA I 183 -30.00 13.09 53.12
C ALA I 183 -29.62 14.53 53.47
N ASP I 184 -29.36 15.33 52.45
CA ASP I 184 -29.08 16.78 52.61
C ASP I 184 -30.31 17.59 53.02
N TYR I 185 -31.48 17.21 52.50
CA TYR I 185 -32.75 17.91 52.77
C TYR I 185 -33.26 17.76 54.21
N GLU I 186 -33.14 16.57 54.78
CA GLU I 186 -33.58 16.32 56.17
C GLU I 186 -32.72 17.09 57.19
N LYS I 187 -31.40 17.02 57.01
CA LYS I 187 -30.42 17.61 57.93
C LYS I 187 -30.52 19.15 58.08
N HIS I 188 -31.03 19.82 57.06
CA HIS I 188 -31.32 21.27 57.12
C HIS I 188 -32.82 21.54 57.19
N LYS I 189 -33.17 22.76 57.62
CA LYS I 189 -34.57 23.11 57.98
C LYS I 189 -35.11 24.36 57.29
N VAL I 190 -34.37 25.47 57.38
CA VAL I 190 -34.76 26.73 56.73
C VAL I 190 -34.33 26.70 55.26
N TYR I 191 -35.27 27.03 54.37
CA TYR I 191 -35.03 27.08 52.92
C TYR I 191 -35.58 28.37 52.36
N ALA I 192 -34.79 29.04 51.51
CA ALA I 192 -35.16 30.36 50.97
C ALA I 192 -34.49 30.67 49.64
N CYS I 193 -35.07 31.66 48.94
CA CYS I 193 -34.56 32.17 47.65
C CYS I 193 -34.55 33.70 47.65
N GLU I 194 -33.35 34.29 47.66
CA GLU I 194 -33.18 35.75 47.54
C GLU I 194 -33.31 36.14 46.08
N VAL I 195 -34.30 36.98 45.77
CA VAL I 195 -34.57 37.42 44.40
C VAL I 195 -34.24 38.90 44.26
N THR I 196 -33.20 39.18 43.48
CA THR I 196 -32.84 40.55 43.12
C THR I 196 -33.44 40.91 41.75
N HIS I 197 -33.92 42.15 41.62
CA HIS I 197 -34.54 42.64 40.38
C HIS I 197 -34.62 44.17 40.36
N GLN I 198 -34.57 44.74 39.15
CA GLN I 198 -34.65 46.20 38.92
C GLN I 198 -35.90 46.85 39.53
N GLY I 199 -37.05 46.18 39.35
CA GLY I 199 -38.34 46.64 39.86
C GLY I 199 -38.59 46.53 41.36
N LEU I 200 -37.63 46.01 42.13
CA LEU I 200 -37.76 45.86 43.59
C LEU I 200 -37.09 46.94 44.42
N SER I 201 -35.94 47.47 43.95
CA SER I 201 -35.11 48.43 44.70
C SER I 201 -34.53 47.86 46.02
N SER I 202 -34.60 46.55 46.20
CA SER I 202 -34.26 45.87 47.46
C SER I 202 -34.41 44.36 47.26
N PRO I 203 -33.52 43.52 47.86
CA PRO I 203 -33.65 42.08 47.61
C PRO I 203 -34.86 41.48 48.33
N VAL I 204 -35.74 40.83 47.57
CA VAL I 204 -36.95 40.21 48.13
C VAL I 204 -36.66 38.72 48.35
N THR I 205 -37.04 38.23 49.53
CA THR I 205 -36.84 36.83 49.92
C THR I 205 -38.18 36.20 50.33
N LYS I 206 -38.44 34.99 49.84
CA LYS I 206 -39.52 34.12 50.34
C LYS I 206 -38.89 32.85 50.92
N SER I 207 -39.52 32.26 51.93
CA SER I 207 -38.95 31.11 52.66
C SER I 207 -39.98 30.18 53.30
N PHE I 208 -39.48 29.01 53.73
CA PHE I 208 -40.26 27.97 54.41
C PHE I 208 -39.43 27.24 55.47
N ASN I 209 -40.13 26.50 56.34
CA ASN I 209 -39.55 25.55 57.28
C ASN I 209 -40.09 24.15 57.01
N ARG I 210 -39.29 23.13 57.32
CA ARG I 210 -39.56 21.76 56.87
C ARG I 210 -40.68 21.08 57.68
N SER J 17 -47.55 27.59 -5.15
CA SER J 17 -48.70 26.64 -5.46
C SER J 17 -48.88 26.13 -6.91
N SER J 18 -47.97 26.48 -7.83
CA SER J 18 -47.96 26.00 -9.24
C SER J 18 -46.51 25.80 -9.71
N PRO J 19 -46.27 24.90 -10.69
CA PRO J 19 -44.92 24.79 -11.29
C PRO J 19 -44.38 26.14 -11.79
N SER J 20 -45.26 26.94 -12.39
CA SER J 20 -44.91 28.28 -12.88
C SER J 20 -44.74 29.33 -11.78
N GLU J 21 -45.63 29.31 -10.79
CA GLU J 21 -45.71 30.37 -9.73
C GLU J 21 -44.36 30.73 -9.10
N GLY J 22 -44.15 32.03 -8.86
CA GLY J 22 -42.90 32.56 -8.30
C GLY J 22 -41.75 32.75 -9.28
N LEU J 23 -41.88 32.20 -10.49
CA LEU J 23 -40.72 31.99 -11.37
C LEU J 23 -40.91 32.51 -12.78
N CYS J 24 -39.78 32.80 -13.43
CA CYS J 24 -39.71 33.16 -14.85
C CYS J 24 -39.91 31.95 -15.76
N PRO J 25 -40.45 32.14 -16.97
CA PRO J 25 -40.66 31.00 -17.85
C PRO J 25 -39.40 30.56 -18.53
N PRO J 26 -39.43 29.36 -19.13
CA PRO J 26 -38.30 28.88 -19.89
C PRO J 26 -38.03 29.78 -21.05
N GLY J 27 -36.79 29.80 -21.53
CA GLY J 27 -36.34 30.77 -22.50
C GLY J 27 -35.89 32.07 -21.87
N HIS J 28 -36.08 32.22 -20.56
CA HIS J 28 -35.80 33.48 -19.85
C HIS J 28 -35.05 33.20 -18.57
N HIS J 29 -34.53 34.27 -17.98
CA HIS J 29 -33.84 34.24 -16.69
C HIS J 29 -34.26 35.44 -15.87
N ILE J 30 -34.22 35.33 -14.54
CA ILE J 30 -34.55 36.46 -13.65
C ILE J 30 -33.43 37.49 -13.72
N SER J 31 -33.79 38.76 -13.53
CA SER J 31 -32.81 39.84 -13.28
C SER J 31 -32.46 39.95 -11.81
N GLU J 32 -31.38 40.67 -11.51
CA GLU J 32 -30.96 40.90 -10.12
C GLU J 32 -32.11 41.43 -9.24
N ASP J 33 -32.99 42.25 -9.81
CA ASP J 33 -34.14 42.80 -9.08
C ASP J 33 -35.16 41.79 -8.53
N GLY J 34 -35.09 40.55 -9.00
CA GLY J 34 -35.92 39.45 -8.47
C GLY J 34 -37.40 39.48 -8.79
N ARG J 35 -37.76 40.27 -9.81
CA ARG J 35 -39.15 40.40 -10.25
C ARG J 35 -39.23 40.21 -11.75
N ASP J 36 -38.47 41.02 -12.49
CA ASP J 36 -38.49 41.03 -13.96
C ASP J 36 -37.81 39.81 -14.55
N CYS J 37 -38.33 39.38 -15.70
CA CYS J 37 -37.80 38.27 -16.50
C CYS J 37 -37.20 38.79 -17.80
N ILE J 38 -35.97 38.40 -18.08
CA ILE J 38 -35.19 38.80 -19.25
C ILE J 38 -35.01 37.60 -20.14
N SER J 39 -35.09 37.80 -21.45
CA SER J 39 -35.00 36.69 -22.41
C SER J 39 -33.56 36.27 -22.68
N CYS J 40 -33.36 34.95 -22.78
CA CYS J 40 -32.09 34.38 -23.25
C CYS J 40 -31.87 34.71 -24.73
N LYS J 41 -30.63 34.80 -25.17
CA LYS J 41 -30.31 35.09 -26.58
C LYS J 41 -30.23 33.80 -27.39
N TYR J 42 -31.03 33.72 -28.45
CA TYR J 42 -31.07 32.54 -29.33
C TYR J 42 -29.69 32.30 -29.92
N GLY J 43 -29.06 31.21 -29.53
CA GLY J 43 -27.77 30.83 -30.10
C GLY J 43 -26.67 30.97 -29.09
N GLN J 44 -26.64 32.09 -28.38
CA GLN J 44 -25.65 32.32 -27.32
C GLN J 44 -25.98 31.48 -26.09
N ASP J 45 -27.20 31.60 -25.59
CA ASP J 45 -27.59 30.94 -24.34
C ASP J 45 -29.04 30.43 -24.33
N TYR J 46 -29.41 29.73 -23.26
CA TYR J 46 -30.67 29.02 -23.19
C TYR J 46 -31.12 28.85 -21.74
N SER J 47 -32.37 28.44 -21.57
CA SER J 47 -32.98 28.19 -20.25
C SER J 47 -34.20 27.27 -20.44
N THR J 48 -34.20 26.10 -19.81
CA THR J 48 -35.07 24.99 -20.22
C THR J 48 -36.28 24.72 -19.33
N HIS J 49 -36.58 25.60 -18.39
CA HIS J 49 -37.69 25.33 -17.46
C HIS J 49 -38.09 26.58 -16.72
N TRP J 50 -39.31 26.60 -16.18
CA TRP J 50 -39.73 27.67 -15.28
C TRP J 50 -38.70 27.76 -14.15
N ASN J 51 -38.09 28.93 -14.01
CA ASN J 51 -36.85 29.04 -13.25
C ASN J 51 -36.65 30.38 -12.58
N ASP J 52 -35.61 30.43 -11.76
CA ASP J 52 -35.13 31.65 -11.14
C ASP J 52 -33.62 31.78 -11.36
N LEU J 53 -33.19 31.54 -12.58
CA LEU J 53 -31.78 31.65 -12.93
C LEU J 53 -31.35 33.11 -13.07
N LEU J 54 -30.24 33.45 -12.44
CA LEU J 54 -29.65 34.77 -12.60
C LEU J 54 -29.04 34.97 -13.97
N PHE J 55 -28.59 33.89 -14.61
CA PHE J 55 -28.05 33.94 -15.97
C PHE J 55 -28.53 32.76 -16.79
N CYS J 56 -28.69 32.97 -18.10
CA CYS J 56 -28.98 31.85 -19.01
C CYS J 56 -27.72 31.01 -19.20
N LEU J 57 -27.90 29.72 -19.48
CA LEU J 57 -26.78 28.79 -19.62
C LEU J 57 -26.17 28.92 -20.99
N ARG J 58 -24.85 28.93 -21.07
CA ARG J 58 -24.15 29.03 -22.34
C ARG J 58 -24.51 27.81 -23.16
N CYS J 59 -24.85 28.02 -24.43
CA CYS J 59 -25.13 26.92 -25.34
C CYS J 59 -23.87 26.13 -25.61
N THR J 60 -24.01 24.82 -25.73
CA THR J 60 -22.87 23.95 -26.03
C THR J 60 -22.50 24.10 -27.48
N ARG J 61 -21.20 24.08 -27.75
CA ARG J 61 -20.68 23.99 -29.11
C ARG J 61 -20.15 22.58 -29.35
N CYS J 62 -20.35 22.06 -30.56
CA CYS J 62 -19.93 20.72 -30.88
C CYS J 62 -18.43 20.69 -31.27
N ASP J 63 -17.73 19.69 -30.75
CA ASP J 63 -16.28 19.54 -30.90
C ASP J 63 -15.93 19.02 -32.27
N SER J 64 -14.65 19.11 -32.59
CA SER J 64 -14.04 18.44 -33.74
C SER J 64 -14.45 16.98 -33.94
N GLY J 65 -14.71 16.27 -32.84
CA GLY J 65 -15.01 14.83 -32.89
C GLY J 65 -16.48 14.56 -32.64
N GLU J 66 -17.32 15.49 -33.09
CA GLU J 66 -18.74 15.46 -32.82
C GLU J 66 -19.56 15.93 -34.03
N VAL J 67 -20.86 15.71 -33.89
CA VAL J 67 -21.84 16.09 -34.88
C VAL J 67 -22.99 16.79 -34.18
N GLU J 68 -23.55 17.82 -34.83
CA GLU J 68 -24.69 18.55 -34.31
C GLU J 68 -25.99 17.88 -34.73
N LEU J 69 -26.77 17.45 -33.74
CA LEU J 69 -28.10 16.85 -33.98
C LEU J 69 -29.25 17.82 -33.75
N SER J 70 -29.01 18.83 -32.93
CA SER J 70 -29.96 19.88 -32.67
C SER J 70 -29.16 21.17 -32.54
N PRO J 71 -29.67 22.30 -33.05
CA PRO J 71 -29.05 23.58 -32.78
C PRO J 71 -29.61 24.14 -31.50
N CYS J 72 -28.89 25.09 -30.87
CA CYS J 72 -29.34 25.69 -29.62
C CYS J 72 -30.53 26.63 -29.82
N THR J 73 -31.60 26.36 -29.08
CA THR J 73 -32.70 27.31 -28.94
C THR J 73 -32.52 28.02 -27.61
N THR J 74 -33.40 28.97 -27.33
CA THR J 74 -33.44 29.60 -26.01
C THR J 74 -34.00 28.67 -24.95
N THR J 75 -34.74 27.64 -25.35
CA THR J 75 -35.32 26.67 -24.39
C THR J 75 -34.70 25.26 -24.37
N ARG J 76 -33.61 25.08 -25.11
CA ARG J 76 -32.99 23.77 -25.26
C ARG J 76 -31.56 23.93 -25.71
N ASN J 77 -30.67 23.29 -24.97
CA ASN J 77 -29.25 23.33 -25.23
C ASN J 77 -28.94 22.50 -26.44
N THR J 78 -27.96 22.95 -27.22
CA THR J 78 -27.39 22.17 -28.32
C THR J 78 -27.31 20.71 -27.95
N VAL J 79 -27.64 19.82 -28.88
CA VAL J 79 -27.42 18.39 -28.72
C VAL J 79 -26.35 17.95 -29.71
N CYS J 80 -25.20 17.58 -29.14
CA CYS J 80 -24.08 17.06 -29.89
C CYS J 80 -24.02 15.55 -29.72
N GLN J 81 -23.24 14.91 -30.56
CA GLN J 81 -23.08 13.45 -30.56
C GLN J 81 -21.77 13.12 -31.26
N CYS J 82 -21.14 12.02 -30.87
CA CYS J 82 -19.83 11.65 -31.40
C CYS J 82 -19.89 11.24 -32.87
N GLU J 83 -20.87 10.36 -33.14
CA GLU J 83 -21.09 9.82 -34.48
C GLU J 83 -19.74 9.31 -35.01
N GLU J 84 -19.41 9.61 -36.26
CA GLU J 84 -18.17 9.14 -36.87
C GLU J 84 -18.13 7.59 -36.80
N GLY J 85 -17.07 7.03 -36.21
CA GLY J 85 -17.03 5.62 -35.78
C GLY J 85 -16.47 5.55 -34.36
N THR J 86 -17.02 6.41 -33.51
CA THR J 86 -16.53 6.70 -32.18
C THR J 86 -17.66 6.60 -31.17
N PHE J 87 -17.33 6.72 -29.90
CA PHE J 87 -18.32 6.60 -28.82
C PHE J 87 -17.87 7.40 -27.59
N ARG J 88 -18.85 7.82 -26.79
CA ARG J 88 -18.60 8.59 -25.58
C ARG J 88 -18.29 7.69 -24.38
N GLU J 89 -17.20 8.00 -23.67
CA GLU J 89 -16.84 7.30 -22.45
C GLU J 89 -17.68 7.82 -21.28
N GLU J 90 -17.72 7.04 -20.21
CA GLU J 90 -18.36 7.44 -18.94
C GLU J 90 -17.36 7.70 -17.80
N ASP J 91 -16.51 6.72 -17.51
CA ASP J 91 -15.58 6.78 -16.36
C ASP J 91 -14.58 7.94 -16.45
N SER J 92 -14.07 8.18 -17.67
CA SER J 92 -13.17 9.31 -17.94
C SER J 92 -13.99 10.62 -18.00
N PRO J 93 -13.36 11.75 -18.39
CA PRO J 93 -14.22 12.83 -18.90
C PRO J 93 -14.99 12.30 -20.10
N GLU J 94 -16.21 12.78 -20.28
CA GLU J 94 -17.08 12.25 -21.31
C GLU J 94 -16.61 12.74 -22.68
N MET J 95 -15.56 12.09 -23.20
CA MET J 95 -14.92 12.42 -24.48
C MET J 95 -15.13 11.31 -25.49
N CYS J 96 -15.01 11.65 -26.77
CA CYS J 96 -15.29 10.72 -27.88
C CYS J 96 -14.06 9.92 -28.29
N ARG J 97 -14.03 8.67 -27.86
CA ARG J 97 -12.97 7.71 -28.20
C ARG J 97 -13.37 6.93 -29.45
N LYS J 98 -12.35 6.50 -30.21
CA LYS J 98 -12.56 5.69 -31.39
C LYS J 98 -13.02 4.28 -30.99
N CYS J 99 -13.99 3.73 -31.74
CA CYS J 99 -14.50 2.36 -31.49
C CYS J 99 -13.45 1.32 -31.83
N ARG J 100 -13.40 0.25 -31.05
CA ARG J 100 -12.63 -0.94 -31.42
C ARG J 100 -13.20 -1.56 -32.71
N THR J 101 -12.30 -1.95 -33.60
CA THR J 101 -12.64 -2.61 -34.85
C THR J 101 -13.17 -4.02 -34.65
N GLY J 102 -12.41 -4.83 -33.93
CA GLY J 102 -12.72 -6.24 -33.78
C GLY J 102 -12.58 -6.72 -32.36
N CYS J 103 -13.20 -7.86 -32.10
CA CYS J 103 -13.07 -8.52 -30.81
C CYS J 103 -11.76 -9.28 -30.77
N PRO J 104 -11.13 -9.35 -29.57
CA PRO J 104 -9.91 -10.15 -29.43
C PRO J 104 -10.17 -11.65 -29.50
N ARG J 105 -9.08 -12.42 -29.48
CA ARG J 105 -9.15 -13.87 -29.62
C ARG J 105 -9.94 -14.49 -28.47
N GLY J 106 -10.83 -15.42 -28.82
CA GLY J 106 -11.68 -16.08 -27.85
C GLY J 106 -13.00 -15.39 -27.57
N MET J 107 -13.24 -14.26 -28.24
CA MET J 107 -14.43 -13.44 -28.00
C MET J 107 -15.14 -13.07 -29.29
N VAL J 108 -16.46 -12.88 -29.21
CA VAL J 108 -17.30 -12.48 -30.34
C VAL J 108 -18.06 -11.17 -30.08
N LYS J 109 -18.20 -10.35 -31.14
CA LYS J 109 -18.99 -9.11 -31.09
C LYS J 109 -20.48 -9.42 -30.93
N VAL J 110 -21.08 -8.87 -29.87
CA VAL J 110 -22.51 -8.99 -29.54
C VAL J 110 -23.26 -7.64 -29.54
N GLY J 111 -22.53 -6.53 -29.52
CA GLY J 111 -23.13 -5.21 -29.76
C GLY J 111 -22.15 -4.43 -30.60
N ASP J 112 -22.62 -3.41 -31.32
CA ASP J 112 -21.77 -2.69 -32.28
C ASP J 112 -21.51 -1.25 -31.83
N CYS J 113 -20.60 -0.63 -32.57
CA CYS J 113 -20.19 0.73 -32.35
C CYS J 113 -21.38 1.63 -32.52
N THR J 114 -21.71 2.35 -31.45
CA THR J 114 -22.75 3.36 -31.49
C THR J 114 -22.12 4.64 -30.88
N PRO J 115 -22.70 5.83 -31.13
CA PRO J 115 -22.21 7.02 -30.42
C PRO J 115 -22.23 6.91 -28.88
N TRP J 116 -23.12 6.08 -28.35
CA TRP J 116 -23.25 5.88 -26.88
C TRP J 116 -22.53 4.63 -26.34
N SER J 117 -21.79 3.91 -27.18
CA SER J 117 -21.11 2.69 -26.76
C SER J 117 -20.16 2.09 -27.80
N ASP J 118 -19.01 1.64 -27.32
CA ASP J 118 -18.07 0.82 -28.11
C ASP J 118 -18.68 -0.54 -28.41
N ILE J 119 -18.08 -1.26 -29.34
CA ILE J 119 -18.46 -2.65 -29.57
C ILE J 119 -18.44 -3.40 -28.24
N GLU J 120 -19.33 -4.38 -28.10
CA GLU J 120 -19.42 -5.22 -26.91
C GLU J 120 -19.00 -6.65 -27.26
N CYS J 121 -17.88 -7.10 -26.71
CA CYS J 121 -17.38 -8.45 -26.93
C CYS J 121 -17.78 -9.36 -25.79
N VAL J 122 -18.00 -10.64 -26.10
CA VAL J 122 -18.22 -11.71 -25.10
C VAL J 122 -17.60 -13.02 -25.58
N HIS J 123 -17.34 -13.90 -24.62
CA HIS J 123 -16.59 -15.14 -24.86
C HIS J 123 -17.29 -16.14 -25.77
N LYS J 124 -16.50 -16.85 -26.60
CA LYS J 124 -17.04 -17.86 -27.52
C LYS J 124 -17.68 -19.08 -26.84
N GLU J 125 -17.17 -19.45 -25.65
CA GLU J 125 -17.74 -20.55 -24.86
C GLU J 125 -19.02 -20.06 -24.16
N SER J 126 -18.91 -18.92 -23.48
CA SER J 126 -20.00 -18.28 -22.72
C SER J 126 -20.47 -19.12 -21.55
#